data_4M1I
#
_entry.id   4M1I
#
_cell.length_a   74.897
_cell.length_b   97.455
_cell.length_c   99.315
_cell.angle_alpha   90.000
_cell.angle_beta   97.770
_cell.angle_gamma   90.000
#
_symmetry.space_group_name_H-M   'P 1 21 1'
#
loop_
_entity.id
_entity.type
_entity.pdbx_description
1 polymer 'Ribonucleoside-diphosphate reductase subunit beta'
2 non-polymer 'MANGANESE (II) ION'
3 non-polymer 'FE (III) ION'
4 non-polymer 'HEXAETHYLENE GLYCOL'
5 non-polymer 'ACETIC ACID'
6 water water
#
_entity_poly.entity_id   1
_entity_poly.type   'polypeptide(L)'
_entity_poly.pdbx_seq_one_letter_code
;MGSSHHHHHHSSGLVPRGSHMQADILDGKQKRVNLNSKRLVNCNQVDVNQLVPIKYKWAWEHYLNGCANNWLPTEIPMGK
DIELWKSDRLSEDERRVILLNLGFFSTAESLVGNNIVLAIFKHVTNPEARQYLLRQAFEEAVHTHTFLYICESLGLDEKE
IFNAYNERAAIKAKDDFQMEITGKVLDPNFRTDSVEGLQEFVKNLVGYYIIMEGIFFYSGFVMILSFHRQNKMIGIGEQY
QYILRDETIHLNFGIDLINGIKEENPEIWTPELQQEIVELIKRAVDLEIEYAQDCLPRGILGLRASMFIDYVQHIADRRL
ERIGLKPIYHTKNPFPWMSETIDLNKEKNFFETRVIEYQHAASLTW
;
_entity_poly.pdbx_strand_id   A,B,C,D
#
loop_
_chem_comp.id
_chem_comp.type
_chem_comp.name
_chem_comp.formula
ACY non-polymer 'ACETIC ACID' 'C2 H4 O2'
FE non-polymer 'FE (III) ION' 'Fe 3'
MN non-polymer 'MANGANESE (II) ION' 'Mn 2'
P6G non-polymer 'HEXAETHYLENE GLYCOL' 'C12 H26 O7'
#
# COMPACT_ATOMS: atom_id res chain seq x y z
N VAL A 15 44.97 -29.64 13.51
CA VAL A 15 43.69 -29.99 12.83
C VAL A 15 43.70 -31.47 12.38
N PRO A 16 42.54 -32.16 12.46
CA PRO A 16 42.50 -33.58 12.10
C PRO A 16 42.68 -33.85 10.61
N ARG A 17 43.04 -35.10 10.29
CA ARG A 17 43.02 -35.62 8.92
C ARG A 17 41.79 -35.20 8.13
N GLY A 18 42.02 -34.82 6.87
CA GLY A 18 40.93 -34.55 5.93
C GLY A 18 40.32 -33.16 6.00
N SER A 19 41.09 -32.19 6.49
CA SER A 19 40.58 -30.84 6.65
C SER A 19 40.91 -29.94 5.46
N HIS A 20 41.37 -30.55 4.37
CA HIS A 20 41.65 -29.82 3.13
C HIS A 20 40.90 -30.38 1.93
N MET A 21 40.41 -29.47 1.09
CA MET A 21 39.91 -29.79 -0.25
C MET A 21 41.03 -30.42 -1.07
N GLN A 22 40.75 -31.54 -1.72
CA GLN A 22 41.75 -32.13 -2.61
C GLN A 22 41.38 -31.85 -4.06
N ALA A 23 42.34 -31.29 -4.80
CA ALA A 23 42.16 -30.99 -6.22
C ALA A 23 42.19 -32.26 -7.06
N ASP A 24 41.31 -32.35 -8.04
CA ASP A 24 41.43 -33.38 -9.09
C ASP A 24 41.69 -32.75 -10.47
N ILE A 25 41.81 -31.42 -10.49
CA ILE A 25 42.34 -30.69 -11.64
C ILE A 25 43.61 -30.00 -11.16
N LEU A 26 44.78 -30.58 -11.45
CA LEU A 26 46.04 -30.06 -10.91
C LEU A 26 46.47 -28.76 -11.58
N ASP A 27 46.12 -28.62 -12.86
CA ASP A 27 46.35 -27.41 -13.63
C ASP A 27 45.69 -26.17 -12.99
N GLY A 28 44.64 -26.41 -12.20
CA GLY A 28 43.81 -25.34 -11.67
C GLY A 28 44.35 -24.53 -10.50
N LYS A 29 45.33 -25.08 -9.79
CA LYS A 29 45.94 -24.38 -8.64
C LYS A 29 46.62 -23.06 -9.05
N GLN A 30 46.93 -22.95 -10.34
CA GLN A 30 47.55 -21.74 -10.91
C GLN A 30 46.61 -20.55 -10.87
N LYS A 31 45.31 -20.82 -10.81
CA LYS A 31 44.31 -19.75 -10.81
C LYS A 31 44.10 -19.10 -9.44
N ARG A 32 44.75 -19.64 -8.40
CA ARG A 32 44.76 -18.99 -7.09
C ARG A 32 45.38 -17.62 -7.26
N VAL A 33 44.78 -16.60 -6.64
CA VAL A 33 45.14 -15.22 -6.95
C VAL A 33 46.35 -14.71 -6.16
N ASN A 34 47.35 -14.21 -6.89
CA ASN A 34 48.50 -13.53 -6.31
C ASN A 34 48.04 -12.15 -5.84
N LEU A 35 48.07 -11.91 -4.53
CA LEU A 35 47.57 -10.64 -3.96
C LEU A 35 48.09 -9.42 -4.69
N ASN A 36 49.40 -9.43 -4.98
CA ASN A 36 50.05 -8.26 -5.56
C ASN A 36 49.84 -8.03 -7.06
N SER A 37 49.14 -8.97 -7.71
CA SER A 37 48.73 -8.79 -9.09
C SER A 37 47.40 -8.03 -9.18
N LYS A 38 46.69 -7.94 -8.07
CA LYS A 38 45.37 -7.30 -8.08
C LYS A 38 45.49 -5.80 -8.31
N ARG A 39 44.53 -5.25 -9.06
CA ARG A 39 44.52 -3.83 -9.40
C ARG A 39 43.07 -3.33 -9.41
N LEU A 40 42.88 -2.03 -9.15
CA LEU A 40 41.54 -1.44 -9.10
C LEU A 40 40.85 -1.36 -10.45
N VAL A 41 41.63 -1.09 -11.50
CA VAL A 41 41.11 -1.05 -12.86
C VAL A 41 41.97 -1.88 -13.81
N ASN A 42 41.37 -2.30 -14.92
CA ASN A 42 42.09 -2.95 -16.02
C ASN A 42 42.75 -4.26 -15.61
N CYS A 43 42.20 -4.91 -14.60
CA CYS A 43 42.80 -6.13 -14.09
C CYS A 43 42.12 -7.35 -14.71
N ASN A 44 42.75 -7.88 -15.76
CA ASN A 44 42.26 -9.08 -16.44
C ASN A 44 43.20 -10.29 -16.28
N GLN A 45 44.29 -10.10 -15.53
CA GLN A 45 45.29 -11.15 -15.38
C GLN A 45 45.00 -12.12 -14.24
N VAL A 46 44.09 -11.76 -13.35
CA VAL A 46 43.66 -12.66 -12.28
C VAL A 46 42.14 -12.79 -12.23
N ASP A 47 41.70 -13.79 -11.49
CA ASP A 47 40.28 -14.12 -11.36
C ASP A 47 39.53 -13.13 -10.46
N VAL A 48 38.73 -12.27 -11.08
CA VAL A 48 37.95 -11.25 -10.37
C VAL A 48 36.80 -11.83 -9.50
N ASN A 49 36.42 -13.08 -9.75
CA ASN A 49 35.31 -13.73 -9.02
C ASN A 49 35.67 -14.23 -7.62
N GLN A 50 36.96 -14.36 -7.34
CA GLN A 50 37.42 -14.80 -6.02
C GLN A 50 37.74 -13.60 -5.16
N LEU A 51 37.09 -13.50 -4.01
CA LEU A 51 37.31 -12.36 -3.12
C LEU A 51 38.75 -12.33 -2.57
N VAL A 52 39.27 -13.52 -2.30
CA VAL A 52 40.55 -13.65 -1.59
C VAL A 52 41.73 -13.82 -2.55
N PRO A 53 42.94 -13.39 -2.11
CA PRO A 53 43.15 -12.68 -0.85
C PRO A 53 42.82 -11.19 -1.01
N ILE A 54 42.23 -10.59 0.02
CA ILE A 54 41.86 -9.17 -0.04
C ILE A 54 43.11 -8.29 -0.07
N LYS A 55 43.20 -7.42 -1.08
CA LYS A 55 44.32 -6.47 -1.19
C LYS A 55 43.94 -5.09 -0.62
N TYR A 56 42.79 -4.57 -1.04
CA TYR A 56 42.40 -3.22 -0.64
C TYR A 56 41.62 -3.31 0.65
N LYS A 57 42.36 -3.33 1.76
CA LYS A 57 41.75 -3.48 3.07
C LYS A 57 40.83 -2.30 3.36
N TRP A 58 41.16 -1.13 2.80
CA TRP A 58 40.30 0.04 2.96
C TRP A 58 38.91 -0.17 2.40
N ALA A 59 38.83 -0.87 1.27
CA ALA A 59 37.54 -1.12 0.61
C ALA A 59 36.72 -2.08 1.45
N TRP A 60 37.38 -3.12 1.96
CA TRP A 60 36.71 -4.12 2.79
C TRP A 60 36.19 -3.47 4.08
N GLU A 61 37.00 -2.60 4.68
CA GLU A 61 36.61 -1.89 5.90
C GLU A 61 35.40 -1.00 5.68
N HIS A 62 35.37 -0.28 4.56
CA HIS A 62 34.18 0.49 4.20
C HIS A 62 32.96 -0.43 4.12
N TYR A 63 33.13 -1.60 3.51
CA TYR A 63 32.04 -2.57 3.38
C TYR A 63 31.54 -3.01 4.74
N LEU A 64 32.46 -3.38 5.63
CA LEU A 64 32.05 -3.82 6.96
C LEU A 64 31.36 -2.71 7.74
N ASN A 65 31.87 -1.49 7.61
CA ASN A 65 31.27 -0.34 8.28
C ASN A 65 29.85 -0.07 7.77
N GLY A 66 29.66 -0.12 6.45
CA GLY A 66 28.33 0.06 5.87
C GLY A 66 27.33 -0.97 6.35
N CYS A 67 27.75 -2.23 6.40
CA CYS A 67 26.90 -3.33 6.86
C CYS A 67 26.40 -3.13 8.31
N ALA A 68 27.19 -2.43 9.11
CA ALA A 68 26.84 -2.17 10.51
C ALA A 68 25.81 -1.05 10.65
N ASN A 69 25.51 -0.37 9.54
CA ASN A 69 24.64 0.82 9.54
C ASN A 69 23.23 0.57 9.02
N ASN A 70 22.76 -0.68 9.08
CA ASN A 70 21.42 -1.00 8.55
C ASN A 70 20.33 -0.18 9.22
N TRP A 71 19.45 0.38 8.40
CA TRP A 71 18.27 1.12 8.85
C TRP A 71 17.25 1.06 7.73
N LEU A 72 16.00 1.33 8.06
CA LEU A 72 14.94 1.44 7.05
C LEU A 72 14.09 2.65 7.35
N PRO A 73 13.67 3.38 6.31
CA PRO A 73 12.88 4.60 6.53
C PRO A 73 11.61 4.31 7.32
N THR A 74 11.02 3.14 7.10
CA THR A 74 9.76 2.73 7.74
C THR A 74 9.87 2.51 9.26
N GLU A 75 11.10 2.52 9.76
CA GLU A 75 11.39 2.42 11.19
C GLU A 75 11.23 3.76 11.89
N ILE A 76 11.14 4.82 11.10
CA ILE A 76 11.11 6.19 11.64
C ILE A 76 9.68 6.74 11.58
N PRO A 77 9.07 7.01 12.76
CA PRO A 77 7.69 7.49 12.78
C PRO A 77 7.52 8.87 12.14
N MET A 78 6.43 9.03 11.40
CA MET A 78 6.14 10.25 10.66
C MET A 78 4.94 11.01 11.19
N GLY A 79 4.37 10.52 12.30
CA GLY A 79 3.16 11.10 12.88
C GLY A 79 3.20 12.60 13.13
N LYS A 80 4.27 13.07 13.77
CA LYS A 80 4.46 14.49 14.04
C LYS A 80 4.70 15.31 12.78
N ASP A 81 5.42 14.73 11.82
CA ASP A 81 5.67 15.37 10.53
C ASP A 81 4.39 15.56 9.74
N ILE A 82 3.53 14.54 9.76
CA ILE A 82 2.26 14.58 9.05
C ILE A 82 1.38 15.67 9.64
N GLU A 83 1.31 15.68 10.98
CA GLU A 83 0.56 16.70 11.71
C GLU A 83 1.04 18.12 11.36
N LEU A 84 2.36 18.33 11.38
CA LEU A 84 2.91 19.64 11.02
C LEU A 84 2.63 20.00 9.56
N TRP A 85 2.90 19.06 8.65
CA TRP A 85 2.73 19.31 7.22
C TRP A 85 1.29 19.69 6.89
N LYS A 86 0.34 19.00 7.50
CA LYS A 86 -1.09 19.19 7.20
C LYS A 86 -1.64 20.48 7.82
N SER A 87 -0.93 20.99 8.83
CA SER A 87 -1.35 22.20 9.53
C SER A 87 -1.02 23.45 8.72
N ASP A 88 -1.37 24.61 9.26
CA ASP A 88 -1.04 25.89 8.64
C ASP A 88 0.20 26.54 9.25
N ARG A 89 0.95 25.77 10.05
CA ARG A 89 2.08 26.32 10.82
C ARG A 89 3.30 26.67 9.96
N LEU A 90 3.59 25.86 8.95
CA LEU A 90 4.70 26.16 8.05
C LEU A 90 4.36 27.29 7.09
N SER A 91 5.31 28.19 6.87
CA SER A 91 5.15 29.21 5.84
C SER A 91 5.30 28.60 4.44
N GLU A 92 4.77 29.27 3.43
CA GLU A 92 4.97 28.84 2.04
C GLU A 92 6.45 28.76 1.67
N ASP A 93 7.25 29.67 2.21
CA ASP A 93 8.69 29.64 1.95
C ASP A 93 9.38 28.42 2.58
N GLU A 94 8.94 28.03 3.77
CA GLU A 94 9.46 26.82 4.43
C GLU A 94 9.08 25.57 3.63
N ARG A 95 7.83 25.50 3.20
CA ARG A 95 7.37 24.37 2.38
C ARG A 95 8.20 24.25 1.11
N ARG A 96 8.54 25.41 0.54
CA ARG A 96 9.31 25.48 -0.71
C ARG A 96 10.68 24.80 -0.58
N VAL A 97 11.38 25.08 0.52
CA VAL A 97 12.67 24.42 0.79
C VAL A 97 12.48 22.90 0.84
N ILE A 98 11.47 22.46 1.58
CA ILE A 98 11.24 21.04 1.76
C ILE A 98 10.92 20.36 0.43
N LEU A 99 9.98 20.95 -0.30
CA LEU A 99 9.51 20.38 -1.57
C LEU A 99 10.61 20.30 -2.62
N LEU A 100 11.42 21.35 -2.74
CA LEU A 100 12.52 21.35 -3.71
C LEU A 100 13.58 20.31 -3.36
N ASN A 101 13.88 20.18 -2.07
CA ASN A 101 14.83 19.18 -1.62
C ASN A 101 14.33 17.76 -1.90
N LEU A 102 13.07 17.51 -1.56
CA LEU A 102 12.47 16.22 -1.87
C LEU A 102 12.49 15.96 -3.37
N GLY A 103 12.15 16.97 -4.16
CA GLY A 103 12.15 16.83 -5.62
C GLY A 103 13.51 16.40 -6.15
N PHE A 104 14.56 17.10 -5.72
CA PHE A 104 15.92 16.79 -6.19
C PHE A 104 16.39 15.40 -5.72
N PHE A 105 16.24 15.12 -4.42
CA PHE A 105 16.75 13.87 -3.85
C PHE A 105 16.00 12.65 -4.39
N SER A 106 14.70 12.80 -4.65
CA SER A 106 13.84 11.65 -5.03
C SER A 106 14.39 10.86 -6.22
N THR A 107 14.98 11.56 -7.19
CA THR A 107 15.57 10.93 -8.36
C THR A 107 17.09 10.90 -8.34
N ALA A 108 17.72 11.78 -7.56
CA ALA A 108 19.18 11.83 -7.53
C ALA A 108 19.75 10.54 -6.91
N GLU A 109 19.04 9.97 -5.93
CA GLU A 109 19.46 8.69 -5.34
C GLU A 109 19.54 7.62 -6.42
N SER A 110 18.51 7.55 -7.28
CA SER A 110 18.51 6.60 -8.39
C SER A 110 19.59 6.88 -9.42
N LEU A 111 19.84 8.16 -9.74
CA LEU A 111 20.95 8.50 -10.63
C LEU A 111 22.27 7.93 -10.09
N VAL A 112 22.51 8.09 -8.79
CA VAL A 112 23.75 7.58 -8.16
C VAL A 112 23.77 6.05 -8.20
N GLY A 113 22.69 5.42 -7.76
CA GLY A 113 22.61 3.96 -7.73
C GLY A 113 22.76 3.34 -9.11
N ASN A 114 22.06 3.91 -10.10
CA ASN A 114 22.16 3.38 -11.47
C ASN A 114 23.58 3.51 -12.01
N ASN A 115 24.23 4.63 -11.70
CA ASN A 115 25.62 4.84 -12.14
C ASN A 115 26.60 3.83 -11.54
N ILE A 116 26.41 3.49 -10.26
CA ILE A 116 27.24 2.47 -9.63
C ILE A 116 27.18 1.18 -10.46
N VAL A 117 25.97 0.75 -10.78
CA VAL A 117 25.74 -0.53 -11.46
C VAL A 117 26.09 -0.49 -12.95
N LEU A 118 25.62 0.55 -13.63
CA LEU A 118 25.68 0.60 -15.08
C LEU A 118 27.00 1.17 -15.62
N ALA A 119 27.73 1.89 -14.77
CA ALA A 119 28.96 2.58 -15.19
C ALA A 119 30.20 2.17 -14.41
N ILE A 120 30.11 2.18 -13.09
CA ILE A 120 31.28 1.99 -12.24
C ILE A 120 31.70 0.52 -12.06
N PHE A 121 30.74 -0.32 -11.68
CA PHE A 121 31.00 -1.71 -11.32
C PHE A 121 31.81 -2.48 -12.38
N LYS A 122 31.44 -2.36 -13.65
CA LYS A 122 32.11 -3.10 -14.72
C LYS A 122 33.60 -2.81 -14.74
N HIS A 123 33.96 -1.55 -14.47
CA HIS A 123 35.35 -1.11 -14.63
C HIS A 123 36.20 -1.14 -13.37
N VAL A 124 35.57 -1.31 -12.22
CA VAL A 124 36.32 -1.56 -10.99
C VAL A 124 36.55 -3.08 -10.90
N THR A 125 37.71 -3.49 -11.42
CA THR A 125 38.03 -4.90 -11.64
C THR A 125 38.66 -5.50 -10.40
N ASN A 126 37.89 -5.52 -9.32
CA ASN A 126 38.40 -5.93 -8.02
C ASN A 126 37.23 -6.33 -7.11
N PRO A 127 37.29 -7.55 -6.55
CA PRO A 127 36.15 -8.08 -5.79
C PRO A 127 35.83 -7.37 -4.48
N GLU A 128 36.83 -6.96 -3.69
CA GLU A 128 36.54 -6.29 -2.41
C GLU A 128 35.97 -4.87 -2.63
N ALA A 129 36.45 -4.18 -3.65
CA ALA A 129 35.86 -2.90 -4.02
C ALA A 129 34.42 -3.11 -4.53
N ARG A 130 34.20 -4.16 -5.30
CA ARG A 130 32.85 -4.49 -5.78
C ARG A 130 31.89 -4.85 -4.66
N GLN A 131 32.38 -5.57 -3.65
CA GLN A 131 31.60 -5.82 -2.43
C GLN A 131 31.09 -4.49 -1.87
N TYR A 132 31.98 -3.51 -1.74
CA TYR A 132 31.53 -2.23 -1.24
C TYR A 132 30.49 -1.61 -2.17
N LEU A 133 30.76 -1.63 -3.47
CA LEU A 133 29.81 -1.07 -4.42
C LEU A 133 28.41 -1.65 -4.26
N LEU A 134 28.32 -2.96 -4.02
CA LEU A 134 27.01 -3.60 -3.82
C LEU A 134 26.29 -3.10 -2.57
N ARG A 135 27.06 -2.88 -1.50
CA ARG A 135 26.49 -2.27 -0.29
C ARG A 135 26.03 -0.83 -0.58
N GLN A 136 26.88 -0.06 -1.27
CA GLN A 136 26.53 1.32 -1.59
C GLN A 136 25.25 1.40 -2.43
N ALA A 137 25.17 0.58 -3.46
CA ALA A 137 24.03 0.61 -4.38
C ALA A 137 22.75 0.24 -3.65
N PHE A 138 22.84 -0.77 -2.79
CA PHE A 138 21.70 -1.10 -1.94
C PHE A 138 21.31 0.10 -1.04
N GLU A 139 22.29 0.76 -0.47
CA GLU A 139 22.01 1.93 0.35
C GLU A 139 21.32 3.03 -0.46
N GLU A 140 21.65 3.17 -1.75
CA GLU A 140 20.95 4.16 -2.58
C GLU A 140 19.49 3.74 -2.77
N ALA A 141 19.23 2.43 -2.85
CA ALA A 141 17.85 1.92 -2.90
C ALA A 141 17.06 2.28 -1.64
N VAL A 142 17.72 2.17 -0.50
CA VAL A 142 17.12 2.56 0.78
C VAL A 142 16.80 4.05 0.76
N HIS A 143 17.70 4.85 0.20
CA HIS A 143 17.49 6.29 0.14
C HIS A 143 16.31 6.61 -0.77
N THR A 144 16.19 5.90 -1.90
CA THR A 144 15.04 6.09 -2.79
C THR A 144 13.73 5.74 -2.06
N HIS A 145 13.74 4.65 -1.31
CA HIS A 145 12.58 4.21 -0.51
C HIS A 145 12.19 5.32 0.47
N THR A 146 13.19 5.95 1.09
CA THR A 146 12.97 7.08 1.97
C THR A 146 12.07 8.14 1.34
N PHE A 147 12.37 8.53 0.11
CA PHE A 147 11.61 9.60 -0.52
C PHE A 147 10.20 9.18 -0.92
N LEU A 148 10.04 7.93 -1.33
CA LEU A 148 8.71 7.37 -1.53
C LEU A 148 7.90 7.42 -0.21
N TYR A 149 8.54 6.96 0.86
CA TYR A 149 7.92 6.91 2.19
C TYR A 149 7.49 8.30 2.68
N ILE A 150 8.35 9.29 2.50
CA ILE A 150 8.02 10.66 2.87
C ILE A 150 6.82 11.18 2.06
N CYS A 151 6.83 10.96 0.75
CA CYS A 151 5.72 11.39 -0.11
C CYS A 151 4.38 10.76 0.29
N GLU A 152 4.40 9.45 0.50
CA GLU A 152 3.20 8.72 0.91
C GLU A 152 2.73 9.18 2.30
N SER A 153 3.67 9.32 3.24
CA SER A 153 3.34 9.76 4.59
C SER A 153 2.66 11.12 4.62
N LEU A 154 3.20 12.09 3.87
CA LEU A 154 2.69 13.47 3.91
C LEU A 154 1.55 13.72 2.93
N GLY A 155 1.26 12.75 2.07
CA GLY A 155 0.21 12.88 1.07
C GLY A 155 0.59 13.79 -0.10
N LEU A 156 1.87 13.84 -0.41
CA LEU A 156 2.34 14.62 -1.56
C LEU A 156 1.93 13.94 -2.86
N ASP A 157 1.86 14.71 -3.94
CA ASP A 157 1.65 14.16 -5.26
C ASP A 157 2.98 13.52 -5.66
N GLU A 158 3.08 12.19 -5.56
CA GLU A 158 4.38 11.52 -5.75
C GLU A 158 4.96 11.75 -7.14
N LYS A 159 4.11 11.82 -8.15
CA LYS A 159 4.61 12.06 -9.52
C LYS A 159 5.14 13.48 -9.70
N GLU A 160 4.51 14.45 -9.01
CA GLU A 160 4.99 15.83 -9.03
C GLU A 160 6.38 15.91 -8.39
N ILE A 161 6.56 15.22 -7.27
CA ILE A 161 7.84 15.23 -6.56
C ILE A 161 8.93 14.51 -7.38
N PHE A 162 8.64 13.29 -7.80
CA PHE A 162 9.65 12.52 -8.51
C PHE A 162 9.97 13.09 -9.88
N ASN A 163 9.02 13.80 -10.49
CA ASN A 163 9.30 14.44 -11.78
C ASN A 163 9.93 15.84 -11.67
N ALA A 164 10.26 16.27 -10.46
CA ALA A 164 10.78 17.62 -10.26
C ALA A 164 11.99 17.96 -11.13
N TYR A 165 12.88 16.98 -11.35
CA TYR A 165 14.07 17.25 -12.16
C TYR A 165 13.80 17.52 -13.63
N ASN A 166 12.54 17.33 -14.04
CA ASN A 166 12.08 17.68 -15.38
C ASN A 166 11.25 18.97 -15.41
N GLU A 167 10.87 19.46 -14.23
CA GLU A 167 9.92 20.59 -14.13
C GLU A 167 10.47 21.85 -13.48
N ARG A 168 11.57 21.72 -12.73
CA ARG A 168 12.16 22.85 -12.04
C ARG A 168 13.57 23.10 -12.58
N ALA A 169 13.78 24.28 -13.16
CA ALA A 169 15.02 24.61 -13.89
C ALA A 169 16.31 24.42 -13.10
N ALA A 170 16.32 24.86 -11.84
CA ALA A 170 17.52 24.80 -11.01
C ALA A 170 17.89 23.34 -10.65
N ILE A 171 16.89 22.47 -10.58
CA ILE A 171 17.15 21.05 -10.36
C ILE A 171 17.62 20.40 -11.67
N LYS A 172 16.89 20.68 -12.76
CA LYS A 172 17.26 20.15 -14.07
C LYS A 172 18.71 20.52 -14.41
N ALA A 173 19.10 21.76 -14.07
CA ALA A 173 20.44 22.26 -14.41
C ALA A 173 21.50 21.38 -13.75
N LYS A 174 21.26 21.01 -12.49
CA LYS A 174 22.20 20.15 -11.77
C LYS A 174 22.29 18.76 -12.38
N ASP A 175 21.15 18.18 -12.73
CA ASP A 175 21.13 16.81 -13.26
C ASP A 175 21.58 16.74 -14.73
N ASP A 176 21.37 17.83 -15.48
CA ASP A 176 21.90 17.95 -16.85
C ASP A 176 23.43 18.00 -16.82
N PHE A 177 23.96 18.78 -15.88
CA PHE A 177 25.40 18.78 -15.59
C PHE A 177 25.89 17.38 -15.22
N GLN A 178 25.15 16.68 -14.36
CA GLN A 178 25.49 15.32 -13.97
C GLN A 178 25.57 14.38 -15.17
N MET A 179 24.61 14.48 -16.09
CA MET A 179 24.62 13.71 -17.32
C MET A 179 25.88 14.03 -18.14
N GLU A 180 26.20 15.31 -18.26
CA GLU A 180 27.43 15.71 -18.97
C GLU A 180 28.68 15.08 -18.37
N ILE A 181 28.84 15.17 -17.04
CA ILE A 181 30.05 14.65 -16.40
C ILE A 181 30.08 13.12 -16.26
N THR A 182 28.94 12.49 -16.51
CA THR A 182 28.85 11.01 -16.59
C THR A 182 29.71 10.49 -17.72
N GLY A 183 29.94 11.34 -18.72
CA GLY A 183 30.76 10.98 -19.88
C GLY A 183 30.13 9.85 -20.67
N LYS A 184 30.95 9.16 -21.45
CA LYS A 184 30.45 8.11 -22.32
C LYS A 184 30.62 6.75 -21.67
N VAL A 185 30.70 6.73 -20.33
CA VAL A 185 31.01 5.51 -19.60
C VAL A 185 29.98 4.40 -19.87
N LEU A 186 28.73 4.80 -20.15
CA LEU A 186 27.66 3.82 -20.46
C LEU A 186 27.73 3.23 -21.86
N ASP A 187 28.42 3.90 -22.77
CA ASP A 187 28.54 3.45 -24.17
C ASP A 187 29.11 2.03 -24.24
N PRO A 188 28.51 1.17 -25.09
CA PRO A 188 29.03 -0.19 -25.22
C PRO A 188 30.52 -0.22 -25.66
N ASN A 189 30.96 0.84 -26.31
CA ASN A 189 32.33 0.94 -26.81
C ASN A 189 33.33 1.50 -25.79
N PHE A 190 32.82 1.95 -24.63
CA PHE A 190 33.69 2.57 -23.63
C PHE A 190 34.64 1.58 -22.97
N ARG A 191 35.92 1.97 -22.91
CA ARG A 191 36.96 1.17 -22.24
C ARG A 191 37.87 2.04 -21.38
N THR A 192 38.50 1.45 -20.38
CA THR A 192 39.38 2.19 -19.48
C THR A 192 40.86 1.88 -19.70
N ASP A 193 41.17 1.07 -20.70
CA ASP A 193 42.57 0.68 -20.94
C ASP A 193 43.32 1.60 -21.92
N SER A 194 42.88 2.85 -22.00
CA SER A 194 43.68 3.91 -22.59
C SER A 194 43.77 5.02 -21.54
N VAL A 195 44.75 5.91 -21.70
CA VAL A 195 44.89 7.06 -20.80
C VAL A 195 43.60 7.88 -20.80
N GLU A 196 43.13 8.26 -22.00
CA GLU A 196 41.92 9.07 -22.15
C GLU A 196 40.69 8.37 -21.57
N GLY A 197 40.59 7.07 -21.81
CA GLY A 197 39.48 6.28 -21.26
C GLY A 197 39.47 6.27 -19.74
N LEU A 198 40.63 6.03 -19.13
CA LEU A 198 40.68 5.98 -17.67
C LEU A 198 40.45 7.37 -17.07
N GLN A 199 40.91 8.42 -17.76
CA GLN A 199 40.65 9.78 -17.32
C GLN A 199 39.16 10.09 -17.34
N GLU A 200 38.47 9.67 -18.40
CA GLU A 200 37.02 9.85 -18.50
C GLU A 200 36.34 9.12 -17.34
N PHE A 201 36.83 7.93 -17.04
CA PHE A 201 36.28 7.13 -15.94
C PHE A 201 36.45 7.87 -14.61
N VAL A 202 37.65 8.39 -14.38
CA VAL A 202 37.93 9.16 -13.17
C VAL A 202 37.04 10.41 -13.07
N LYS A 203 36.76 11.05 -14.20
CA LYS A 203 35.84 12.20 -14.19
C LYS A 203 34.44 11.79 -13.74
N ASN A 204 34.00 10.60 -14.17
CA ASN A 204 32.73 10.03 -13.72
C ASN A 204 32.74 9.84 -12.21
N LEU A 205 33.80 9.23 -11.68
CA LEU A 205 33.92 9.03 -10.23
C LEU A 205 33.89 10.36 -9.48
N VAL A 206 34.60 11.36 -9.99
CA VAL A 206 34.56 12.69 -9.37
C VAL A 206 33.14 13.26 -9.43
N GLY A 207 32.50 13.15 -10.58
CA GLY A 207 31.14 13.64 -10.75
C GLY A 207 30.15 13.06 -9.75
N TYR A 208 30.26 11.76 -9.49
CA TYR A 208 29.28 11.12 -8.61
C TYR A 208 29.66 11.16 -7.15
N TYR A 209 30.89 10.76 -6.84
CA TYR A 209 31.32 10.74 -5.45
C TYR A 209 31.59 12.15 -4.89
N ILE A 210 32.35 12.95 -5.64
CA ILE A 210 32.76 14.26 -5.15
C ILE A 210 31.65 15.30 -5.33
N ILE A 211 31.07 15.35 -6.53
CA ILE A 211 30.14 16.41 -6.86
C ILE A 211 28.72 16.11 -6.39
N MET A 212 28.12 15.03 -6.89
CA MET A 212 26.74 14.73 -6.53
C MET A 212 26.63 14.38 -5.04
N GLU A 213 27.36 13.35 -4.61
CA GLU A 213 27.30 12.91 -3.22
C GLU A 213 27.99 13.88 -2.27
N GLY A 214 29.15 14.42 -2.67
CA GLY A 214 29.99 15.21 -1.76
C GLY A 214 29.67 16.69 -1.69
N ILE A 215 28.95 17.22 -2.68
CA ILE A 215 28.61 18.65 -2.70
C ILE A 215 27.10 18.88 -2.79
N PHE A 216 26.45 18.39 -3.85
CA PHE A 216 25.00 18.58 -4.01
C PHE A 216 24.23 18.04 -2.78
N PHE A 217 24.54 16.80 -2.37
CA PHE A 217 23.82 16.17 -1.26
C PHE A 217 24.07 16.83 0.09
N TYR A 218 25.33 17.16 0.38
CA TYR A 218 25.66 17.84 1.66
C TYR A 218 24.94 19.17 1.84
N SER A 219 24.80 19.94 0.76
CA SER A 219 24.01 21.18 0.80
C SER A 219 22.52 20.95 1.10
N GLY A 220 21.95 19.90 0.50
CA GLY A 220 20.57 19.50 0.81
C GLY A 220 20.45 19.07 2.27
N PHE A 221 21.46 18.34 2.77
CA PHE A 221 21.47 17.92 4.17
C PHE A 221 21.32 19.12 5.11
N VAL A 222 22.05 20.20 4.85
CA VAL A 222 21.99 21.39 5.72
C VAL A 222 20.57 21.94 5.76
N MET A 223 19.95 22.06 4.59
CA MET A 223 18.62 22.65 4.51
C MET A 223 17.63 21.87 5.34
N ILE A 224 17.61 20.56 5.14
CA ILE A 224 16.66 19.69 5.84
C ILE A 224 16.99 19.57 7.32
N LEU A 225 18.27 19.44 7.64
CA LEU A 225 18.66 19.26 9.04
C LEU A 225 18.51 20.55 9.85
N SER A 226 18.47 21.67 9.15
CA SER A 226 18.13 22.97 9.77
C SER A 226 16.72 22.97 10.33
N PHE A 227 15.80 22.31 9.62
CA PHE A 227 14.43 22.09 10.12
C PHE A 227 14.42 21.17 11.34
N HIS A 228 15.16 20.06 11.25
CA HIS A 228 15.27 19.10 12.35
C HIS A 228 15.74 19.80 13.64
N ARG A 229 16.74 20.67 13.51
CA ARG A 229 17.31 21.40 14.65
C ARG A 229 16.33 22.38 15.28
N GLN A 230 15.32 22.78 14.51
CA GLN A 230 14.23 23.64 14.99
C GLN A 230 13.03 22.82 15.46
N ASN A 231 13.19 21.51 15.51
CA ASN A 231 12.12 20.59 15.87
C ASN A 231 10.95 20.62 14.88
N LYS A 232 11.27 20.85 13.61
CA LYS A 232 10.29 20.79 12.54
C LYS A 232 10.63 19.64 11.61
N MET A 233 9.62 18.83 11.26
CA MET A 233 9.79 17.70 10.35
C MET A 233 10.92 16.80 10.84
N ILE A 234 10.82 16.37 12.10
CA ILE A 234 11.90 15.62 12.73
C ILE A 234 12.00 14.18 12.23
N GLY A 235 10.90 13.67 11.66
CA GLY A 235 10.89 12.37 10.99
C GLY A 235 11.72 12.41 9.72
N ILE A 236 11.49 13.41 8.88
CA ILE A 236 12.35 13.63 7.70
C ILE A 236 13.80 13.83 8.15
N GLY A 237 13.98 14.68 9.17
CA GLY A 237 15.31 14.96 9.73
C GLY A 237 16.09 13.73 10.13
N GLU A 238 15.44 12.84 10.88
CA GLU A 238 16.07 11.61 11.34
C GLU A 238 16.48 10.71 10.16
N GLN A 239 15.60 10.61 9.17
CA GLN A 239 15.92 9.86 7.95
C GLN A 239 17.15 10.43 7.27
N TYR A 240 17.20 11.76 7.18
CA TYR A 240 18.35 12.44 6.62
C TYR A 240 19.62 12.23 7.43
N GLN A 241 19.49 12.09 8.76
CA GLN A 241 20.68 11.77 9.58
C GLN A 241 21.26 10.41 9.20
N TYR A 242 20.38 9.42 9.00
CA TYR A 242 20.82 8.11 8.55
C TYR A 242 21.43 8.18 7.15
N ILE A 243 20.83 8.99 6.28
CA ILE A 243 21.35 9.16 4.92
C ILE A 243 22.74 9.80 4.98
N LEU A 244 22.89 10.82 5.83
CA LEU A 244 24.19 11.46 6.00
C LEU A 244 25.26 10.48 6.46
N ARG A 245 24.90 9.61 7.41
CA ARG A 245 25.82 8.59 7.91
C ARG A 245 26.30 7.66 6.79
N ASP A 246 25.37 7.23 5.94
CA ASP A 246 25.73 6.43 4.74
C ASP A 246 26.62 7.22 3.78
N GLU A 247 26.22 8.45 3.46
CA GLU A 247 26.91 9.24 2.44
C GLU A 247 28.32 9.60 2.85
N THR A 248 28.54 9.72 4.16
CA THR A 248 29.89 9.91 4.70
C THR A 248 30.82 8.79 4.21
N ILE A 249 30.35 7.54 4.31
CA ILE A 249 31.10 6.39 3.84
C ILE A 249 31.19 6.36 2.32
N HIS A 250 30.09 6.68 1.63
CA HIS A 250 30.12 6.70 0.15
C HIS A 250 31.24 7.62 -0.33
N LEU A 251 31.29 8.82 0.26
CA LEU A 251 32.30 9.82 -0.08
C LEU A 251 33.72 9.33 0.25
N ASN A 252 33.90 8.80 1.46
CA ASN A 252 35.19 8.26 1.90
C ASN A 252 35.70 7.17 0.96
N PHE A 253 34.81 6.22 0.61
CA PHE A 253 35.14 5.20 -0.38
C PHE A 253 35.53 5.78 -1.75
N GLY A 254 34.72 6.72 -2.25
CA GLY A 254 34.99 7.33 -3.56
C GLY A 254 36.33 8.03 -3.62
N ILE A 255 36.64 8.78 -2.57
CA ILE A 255 37.93 9.44 -2.43
C ILE A 255 39.07 8.41 -2.45
N ASP A 256 38.94 7.35 -1.65
CA ASP A 256 39.92 6.27 -1.63
C ASP A 256 40.08 5.62 -3.02
N LEU A 257 38.96 5.40 -3.70
CA LEU A 257 39.01 4.77 -5.01
C LEU A 257 39.72 5.67 -6.04
N ILE A 258 39.36 6.95 -6.06
CA ILE A 258 40.02 7.91 -6.94
C ILE A 258 41.52 7.96 -6.67
N ASN A 259 41.89 8.07 -5.40
CA ASN A 259 43.30 8.12 -5.03
C ASN A 259 44.06 6.85 -5.34
N GLY A 260 43.38 5.71 -5.18
CA GLY A 260 43.93 4.41 -5.56
C GLY A 260 44.20 4.29 -7.06
N ILE A 261 43.23 4.69 -7.87
CA ILE A 261 43.39 4.65 -9.32
C ILE A 261 44.55 5.56 -9.75
N LYS A 262 44.61 6.75 -9.15
CA LYS A 262 45.71 7.69 -9.40
C LYS A 262 47.08 7.08 -9.10
N GLU A 263 47.21 6.47 -7.93
CA GLU A 263 48.47 5.86 -7.47
C GLU A 263 48.93 4.74 -8.41
N GLU A 264 47.98 3.94 -8.87
CA GLU A 264 48.29 2.79 -9.71
C GLU A 264 48.46 3.14 -11.18
N ASN A 265 48.03 4.35 -11.55
CA ASN A 265 48.04 4.79 -12.93
C ASN A 265 48.44 6.27 -12.99
N PRO A 266 49.65 6.60 -12.50
CA PRO A 266 50.04 8.01 -12.33
C PRO A 266 50.00 8.84 -13.61
N GLU A 267 50.13 8.18 -14.76
CA GLU A 267 50.09 8.84 -16.07
C GLU A 267 48.78 9.57 -16.38
N ILE A 268 47.68 9.18 -15.73
CA ILE A 268 46.40 9.86 -15.94
C ILE A 268 46.31 11.23 -15.25
N TRP A 269 47.10 11.42 -14.20
CA TRP A 269 46.97 12.59 -13.32
C TRP A 269 47.79 13.77 -13.85
N THR A 270 47.49 14.16 -15.08
CA THR A 270 48.18 15.23 -15.79
C THR A 270 47.68 16.60 -15.31
N PRO A 271 48.48 17.66 -15.51
CA PRO A 271 47.95 19.01 -15.25
C PRO A 271 46.61 19.24 -15.93
N GLU A 272 46.43 18.69 -17.14
CA GLU A 272 45.20 18.84 -17.89
C GLU A 272 44.00 18.20 -17.18
N LEU A 273 44.16 16.96 -16.72
CA LEU A 273 43.08 16.32 -15.96
C LEU A 273 42.81 17.06 -14.66
N GLN A 274 43.87 17.44 -13.96
CA GLN A 274 43.74 18.16 -12.70
C GLN A 274 42.94 19.45 -12.89
N GLN A 275 43.30 20.25 -13.90
CA GLN A 275 42.57 21.49 -14.16
C GLN A 275 41.10 21.23 -14.51
N GLU A 276 40.84 20.19 -15.30
CA GLU A 276 39.45 19.91 -15.67
C GLU A 276 38.60 19.52 -14.47
N ILE A 277 39.16 18.72 -13.57
CA ILE A 277 38.46 18.36 -12.34
C ILE A 277 38.12 19.61 -11.51
N VAL A 278 39.08 20.53 -11.44
CA VAL A 278 38.86 21.79 -10.74
C VAL A 278 37.71 22.59 -11.37
N GLU A 279 37.70 22.66 -12.70
CA GLU A 279 36.64 23.36 -13.43
C GLU A 279 35.27 22.69 -13.24
N LEU A 280 35.24 21.37 -13.16
CA LEU A 280 33.97 20.67 -12.90
C LEU A 280 33.42 20.99 -11.51
N ILE A 281 34.30 20.98 -10.52
CA ILE A 281 33.95 21.33 -9.15
C ILE A 281 33.48 22.78 -9.03
N LYS A 282 34.16 23.69 -9.71
CA LYS A 282 33.73 25.08 -9.80
C LYS A 282 32.31 25.17 -10.40
N ARG A 283 32.08 24.43 -11.48
CA ARG A 283 30.77 24.45 -12.13
C ARG A 283 29.68 23.92 -11.19
N ALA A 284 30.02 22.86 -10.44
CA ALA A 284 29.12 22.29 -9.44
C ALA A 284 28.77 23.33 -8.36
N VAL A 285 29.78 24.02 -7.87
CA VAL A 285 29.61 25.05 -6.83
C VAL A 285 28.63 26.11 -7.31
N ASP A 286 28.82 26.59 -8.54
CA ASP A 286 27.95 27.63 -9.10
C ASP A 286 26.51 27.13 -9.24
N LEU A 287 26.35 25.89 -9.71
CA LEU A 287 25.02 25.30 -9.86
C LEU A 287 24.31 25.08 -8.52
N GLU A 288 25.06 24.64 -7.51
CA GLU A 288 24.48 24.45 -6.18
C GLU A 288 24.08 25.78 -5.53
N ILE A 289 24.87 26.82 -5.75
CA ILE A 289 24.51 28.16 -5.28
C ILE A 289 23.22 28.64 -5.96
N GLU A 290 23.11 28.45 -7.28
CA GLU A 290 21.88 28.83 -7.98
C GLU A 290 20.68 28.03 -7.46
N TYR A 291 20.90 26.75 -7.17
CA TYR A 291 19.87 25.90 -6.56
C TYR A 291 19.45 26.41 -5.18
N ALA A 292 20.45 26.74 -4.35
CA ALA A 292 20.18 27.30 -3.02
C ALA A 292 19.36 28.58 -3.10
N GLN A 293 19.67 29.43 -4.07
CA GLN A 293 18.90 30.66 -4.33
C GLN A 293 17.47 30.37 -4.76
N ASP A 294 17.28 29.32 -5.56
CA ASP A 294 15.92 28.90 -5.94
C ASP A 294 15.16 28.37 -4.71
N CYS A 295 15.87 27.67 -3.83
CA CYS A 295 15.26 27.17 -2.58
C CYS A 295 14.88 28.29 -1.62
N LEU A 296 15.67 29.37 -1.65
CA LEU A 296 15.61 30.42 -0.64
C LEU A 296 15.58 31.82 -1.28
N PRO A 297 14.51 32.15 -2.02
CA PRO A 297 14.43 33.47 -2.63
C PRO A 297 14.44 34.64 -1.63
N ARG A 298 13.89 34.41 -0.44
CA ARG A 298 13.82 35.41 0.61
C ARG A 298 14.57 34.99 1.86
N GLY A 299 14.70 33.67 2.03
CA GLY A 299 15.33 33.12 3.22
C GLY A 299 14.28 32.84 4.26
N ILE A 300 14.57 31.87 5.12
CA ILE A 300 13.67 31.48 6.19
C ILE A 300 14.44 31.52 7.50
N LEU A 301 13.77 31.29 8.61
CA LEU A 301 14.42 31.33 9.91
C LEU A 301 15.62 30.38 9.95
N GLY A 302 16.80 30.94 10.17
CA GLY A 302 18.04 30.16 10.28
C GLY A 302 18.73 29.82 8.97
N LEU A 303 18.10 30.19 7.85
CA LEU A 303 18.63 29.84 6.53
C LEU A 303 18.51 30.97 5.50
N ARG A 304 19.65 31.43 5.00
CA ARG A 304 19.72 32.38 3.87
C ARG A 304 20.65 31.84 2.78
N ALA A 305 20.38 32.21 1.53
CA ALA A 305 21.21 31.79 0.40
C ALA A 305 22.69 32.17 0.55
N SER A 306 22.96 33.31 1.18
CA SER A 306 24.33 33.78 1.40
C SER A 306 25.17 32.82 2.24
N MET A 307 24.51 32.12 3.16
CA MET A 307 25.21 31.12 3.98
C MET A 307 25.63 29.93 3.10
N PHE A 308 24.84 29.63 2.09
CA PHE A 308 25.17 28.52 1.18
C PHE A 308 26.27 28.86 0.21
N ILE A 309 26.41 30.14 -0.11
CA ILE A 309 27.55 30.59 -0.89
C ILE A 309 28.84 30.21 -0.14
N ASP A 310 28.94 30.58 1.14
CA ASP A 310 30.12 30.23 1.93
C ASP A 310 30.24 28.71 2.16
N TYR A 311 29.13 28.06 2.50
CA TYR A 311 29.18 26.64 2.85
C TYR A 311 29.60 25.76 1.66
N VAL A 312 28.96 25.97 0.51
CA VAL A 312 29.25 25.16 -0.68
C VAL A 312 30.72 25.34 -1.12
N GLN A 313 31.21 26.58 -1.06
CA GLN A 313 32.62 26.86 -1.33
C GLN A 313 33.51 26.13 -0.32
N HIS A 314 33.13 26.18 0.96
CA HIS A 314 33.92 25.53 2.02
C HIS A 314 34.07 24.03 1.81
N ILE A 315 32.95 23.35 1.58
CA ILE A 315 33.00 21.90 1.39
C ILE A 315 33.71 21.52 0.08
N ALA A 316 33.55 22.32 -0.96
CA ALA A 316 34.28 22.07 -2.21
C ALA A 316 35.80 22.09 -1.96
N ASP A 317 36.27 23.08 -1.20
CA ASP A 317 37.68 23.11 -0.80
C ASP A 317 38.11 21.82 -0.09
N ARG A 318 37.25 21.32 0.80
CA ARG A 318 37.55 20.09 1.56
C ARG A 318 37.63 18.87 0.64
N ARG A 319 36.76 18.82 -0.37
CA ARG A 319 36.79 17.72 -1.35
C ARG A 319 38.04 17.80 -2.22
N LEU A 320 38.37 19.01 -2.68
CA LEU A 320 39.57 19.20 -3.50
C LEU A 320 40.81 18.66 -2.77
N GLU A 321 40.96 19.06 -1.51
CA GLU A 321 42.10 18.65 -0.68
C GLU A 321 42.27 17.14 -0.61
N ARG A 322 41.14 16.44 -0.45
CA ARG A 322 41.16 15.00 -0.25
C ARG A 322 41.66 14.24 -1.47
N ILE A 323 41.53 14.82 -2.66
CA ILE A 323 42.03 14.22 -3.89
C ILE A 323 43.28 14.91 -4.43
N GLY A 324 44.00 15.58 -3.53
CA GLY A 324 45.33 16.09 -3.84
C GLY A 324 45.33 17.39 -4.63
N LEU A 325 44.23 18.13 -4.57
CA LEU A 325 44.14 19.43 -5.26
C LEU A 325 44.07 20.57 -4.25
N LYS A 326 44.56 21.74 -4.64
CA LYS A 326 44.59 22.91 -3.76
C LYS A 326 43.18 23.49 -3.53
N PRO A 327 42.86 23.88 -2.29
CA PRO A 327 41.63 24.64 -2.05
C PRO A 327 41.68 25.92 -2.85
N ILE A 328 40.53 26.39 -3.31
CA ILE A 328 40.49 27.55 -4.21
C ILE A 328 39.62 28.71 -3.68
N TYR A 329 38.75 28.42 -2.72
CA TYR A 329 37.78 29.42 -2.27
C TYR A 329 38.16 30.07 -0.95
N HIS A 330 38.65 29.27 -0.01
CA HIS A 330 39.14 29.72 1.31
C HIS A 330 38.08 30.35 2.21
N THR A 331 36.82 29.93 2.04
CA THR A 331 35.73 30.43 2.88
C THR A 331 35.58 29.61 4.16
N LYS A 332 34.98 30.21 5.19
CA LYS A 332 34.73 29.53 6.44
C LYS A 332 33.37 28.82 6.41
N ASN A 333 33.21 27.82 7.29
CA ASN A 333 31.98 27.06 7.40
C ASN A 333 30.94 27.76 8.28
N PRO A 334 29.84 28.24 7.67
CA PRO A 334 28.81 28.94 8.46
C PRO A 334 27.90 28.01 9.23
N PHE A 335 28.12 26.69 9.09
CA PHE A 335 27.32 25.71 9.80
C PHE A 335 28.22 24.79 10.62
N PRO A 336 28.69 25.29 11.79
CA PRO A 336 29.61 24.49 12.61
C PRO A 336 28.94 23.21 13.14
N TRP A 337 27.61 23.28 13.32
CA TRP A 337 26.84 22.13 13.78
C TRP A 337 26.80 20.96 12.80
N MET A 338 26.90 21.26 11.50
CA MET A 338 26.97 20.21 10.49
C MET A 338 28.13 19.28 10.76
N SER A 339 29.29 19.87 11.07
CA SER A 339 30.46 19.10 11.47
C SER A 339 30.28 18.38 12.81
N GLU A 340 29.41 18.90 13.67
CA GLU A 340 29.04 18.24 14.95
C GLU A 340 28.27 16.94 14.70
N THR A 341 27.23 17.01 13.87
CA THR A 341 26.48 15.81 13.45
C THR A 341 27.35 14.94 12.52
N ILE A 342 28.21 15.58 11.74
CA ILE A 342 29.20 14.88 10.90
C ILE A 342 30.22 14.11 11.75
N ASP A 343 30.65 14.71 12.86
CA ASP A 343 31.52 14.02 13.83
C ASP A 343 30.82 12.83 14.47
N LEU A 344 29.54 13.01 14.83
CA LEU A 344 28.74 11.92 15.38
C LEU A 344 28.46 10.82 14.34
N ASN A 345 28.31 11.22 13.08
CA ASN A 345 28.08 10.28 11.98
C ASN A 345 29.36 9.92 11.20
N LYS A 346 30.52 10.21 11.79
CA LYS A 346 31.81 9.88 11.18
C LYS A 346 32.05 8.37 11.16
N GLU A 347 32.70 7.91 10.10
CA GLU A 347 32.94 6.47 9.91
C GLU A 347 33.96 5.92 10.90
N SER B 12 -4.68 11.70 5.69
CA SER B 12 -5.95 11.88 4.92
C SER B 12 -6.54 13.28 5.11
N GLY B 13 -5.76 14.17 5.71
CA GLY B 13 -6.17 15.57 5.87
C GLY B 13 -6.13 16.32 4.56
N LEU B 14 -6.74 17.51 4.55
CA LEU B 14 -6.78 18.36 3.35
C LEU B 14 -5.38 18.73 2.91
N VAL B 15 -5.20 18.82 1.61
CA VAL B 15 -3.97 19.35 1.03
C VAL B 15 -3.95 20.84 1.34
N PRO B 16 -2.93 21.30 2.08
CA PRO B 16 -2.87 22.72 2.45
C PRO B 16 -2.39 23.62 1.32
N ARG B 17 -2.79 24.88 1.37
CA ARG B 17 -2.36 25.87 0.37
C ARG B 17 -0.83 25.99 0.43
N GLY B 18 -0.19 26.08 -0.73
CA GLY B 18 1.26 26.26 -0.82
C GLY B 18 2.09 25.00 -0.68
N SER B 19 1.44 23.83 -0.71
CA SER B 19 2.15 22.57 -0.49
C SER B 19 2.46 21.83 -1.79
N HIS B 20 2.31 22.50 -2.92
CA HIS B 20 2.69 21.96 -4.22
C HIS B 20 3.98 22.57 -4.75
N MET B 21 4.83 21.75 -5.35
CA MET B 21 6.00 22.26 -6.03
C MET B 21 5.58 22.87 -7.37
N GLN B 22 5.90 24.15 -7.56
CA GLN B 22 5.56 24.85 -8.79
C GLN B 22 6.61 24.62 -9.89
N ALA B 23 6.15 24.22 -11.07
CA ALA B 23 7.05 24.04 -12.20
C ALA B 23 7.40 25.38 -12.82
N ASP B 24 8.65 25.56 -13.20
CA ASP B 24 9.02 26.70 -14.05
C ASP B 24 9.46 26.26 -15.46
N ILE B 25 9.39 24.96 -15.71
CA ILE B 25 9.53 24.38 -17.06
C ILE B 25 8.17 23.80 -17.43
N LEU B 26 7.41 24.52 -18.24
CA LEU B 26 5.97 24.25 -18.38
C LEU B 26 5.61 22.90 -19.03
N ASP B 27 6.42 22.45 -19.98
CA ASP B 27 6.14 21.18 -20.65
C ASP B 27 6.74 19.95 -19.96
N GLY B 28 7.51 20.18 -18.89
CA GLY B 28 8.14 19.08 -18.15
C GLY B 28 7.15 18.06 -17.60
N LYS B 29 5.93 18.52 -17.32
CA LYS B 29 4.86 17.66 -16.77
C LYS B 29 4.62 16.41 -17.62
N GLN B 30 4.93 16.49 -18.91
CA GLN B 30 4.72 15.38 -19.86
C GLN B 30 5.58 14.16 -19.53
N LYS B 31 6.66 14.38 -18.77
CA LYS B 31 7.57 13.30 -18.41
C LYS B 31 7.16 12.56 -17.14
N ARG B 32 6.07 12.99 -16.49
CA ARG B 32 5.50 12.21 -15.40
C ARG B 32 5.12 10.84 -15.95
N VAL B 33 5.40 9.79 -15.19
CA VAL B 33 5.26 8.42 -15.71
C VAL B 33 3.83 7.90 -15.61
N ASN B 34 3.30 7.44 -16.74
CA ASN B 34 2.00 6.79 -16.80
C ASN B 34 2.19 5.32 -16.40
N LEU B 35 1.50 4.91 -15.33
CA LEU B 35 1.60 3.56 -14.78
C LEU B 35 1.48 2.48 -15.86
N ASN B 36 0.52 2.67 -16.78
CA ASN B 36 0.23 1.70 -17.83
C ASN B 36 1.27 1.61 -18.95
N SER B 37 2.24 2.51 -18.94
CA SER B 37 3.32 2.50 -19.93
C SER B 37 4.54 1.71 -19.43
N LYS B 38 4.56 1.40 -18.14
CA LYS B 38 5.71 0.71 -17.56
C LYS B 38 5.71 -0.76 -18.02
N ARG B 39 6.91 -1.29 -18.25
CA ARG B 39 7.11 -2.69 -18.68
C ARG B 39 8.41 -3.22 -18.08
N LEU B 40 8.51 -4.53 -17.94
CA LEU B 40 9.68 -5.15 -17.32
C LEU B 40 10.95 -5.07 -18.16
N VAL B 41 10.78 -5.16 -19.47
CA VAL B 41 11.90 -5.08 -20.41
C VAL B 41 11.57 -4.12 -21.54
N ASN B 42 12.61 -3.58 -22.18
CA ASN B 42 12.49 -2.76 -23.40
C ASN B 42 11.64 -1.51 -23.20
N CYS B 43 11.59 -1.02 -21.96
CA CYS B 43 10.77 0.14 -21.63
C CYS B 43 11.62 1.39 -21.81
N ASN B 44 11.49 2.02 -22.97
CA ASN B 44 12.21 3.25 -23.26
C ASN B 44 11.28 4.45 -23.52
N GLN B 45 9.98 4.25 -23.30
CA GLN B 45 8.96 5.29 -23.58
C GLN B 45 8.70 6.17 -22.35
N VAL B 46 9.16 5.72 -21.19
CA VAL B 46 9.00 6.46 -19.94
C VAL B 46 10.33 6.48 -19.16
N ASP B 47 10.39 7.42 -18.21
CA ASP B 47 11.58 7.66 -17.41
C ASP B 47 11.83 6.55 -16.38
N VAL B 48 12.89 5.76 -16.60
CA VAL B 48 13.20 4.62 -15.72
C VAL B 48 13.77 5.03 -14.34
N ASN B 49 14.27 6.28 -14.25
CA ASN B 49 14.88 6.80 -13.02
C ASN B 49 13.86 7.09 -11.93
N GLN B 50 12.62 7.38 -12.31
CA GLN B 50 11.59 7.70 -11.31
C GLN B 50 10.96 6.41 -10.82
N LEU B 51 10.99 6.19 -9.51
CA LEU B 51 10.38 4.98 -8.95
C LEU B 51 8.86 4.90 -9.16
N VAL B 52 8.20 6.06 -9.07
CA VAL B 52 6.73 6.12 -9.06
C VAL B 52 6.15 6.36 -10.46
N PRO B 53 4.90 5.91 -10.68
CA PRO B 53 4.13 5.11 -9.74
C PRO B 53 4.56 3.65 -9.83
N ILE B 54 4.57 2.96 -8.70
CA ILE B 54 4.96 1.54 -8.70
C ILE B 54 3.89 0.70 -9.39
N LYS B 55 4.31 -0.05 -10.41
CA LYS B 55 3.42 -0.94 -11.14
C LYS B 55 3.49 -2.38 -10.64
N TYR B 56 4.71 -2.89 -10.51
CA TYR B 56 4.93 -4.28 -10.15
C TYR B 56 4.99 -4.42 -8.65
N LYS B 57 3.81 -4.56 -8.04
CA LYS B 57 3.70 -4.67 -6.60
C LYS B 57 4.47 -5.86 -6.05
N TRP B 58 4.48 -6.97 -6.80
CA TRP B 58 5.21 -8.16 -6.40
C TRP B 58 6.71 -7.88 -6.25
N ALA B 59 7.25 -7.06 -7.15
CA ALA B 59 8.67 -6.71 -7.08
C ALA B 59 8.95 -5.88 -5.84
N TRP B 60 8.10 -4.88 -5.60
CA TRP B 60 8.24 -4.04 -4.41
C TRP B 60 8.10 -4.86 -3.13
N GLU B 61 7.14 -5.79 -3.10
CA GLU B 61 6.99 -6.67 -1.94
C GLU B 61 8.24 -7.51 -1.65
N HIS B 62 8.82 -8.11 -2.70
CA HIS B 62 10.07 -8.85 -2.54
C HIS B 62 11.15 -7.95 -1.94
N TYR B 63 11.23 -6.72 -2.44
CA TYR B 63 12.17 -5.74 -1.90
C TYR B 63 11.96 -5.50 -0.40
N LEU B 64 10.71 -5.24 0.00
CA LEU B 64 10.39 -5.02 1.41
C LEU B 64 10.70 -6.24 2.29
N ASN B 65 10.39 -7.43 1.77
CA ASN B 65 10.68 -8.68 2.46
C ASN B 65 12.18 -8.90 2.68
N GLY B 66 12.95 -8.75 1.60
CA GLY B 66 14.41 -8.81 1.70
C GLY B 66 14.98 -7.84 2.74
N CYS B 67 14.55 -6.59 2.69
CA CYS B 67 14.99 -5.58 3.65
C CYS B 67 14.70 -5.96 5.10
N ALA B 68 13.60 -6.67 5.30
CA ALA B 68 13.20 -7.13 6.65
C ALA B 68 14.07 -8.31 7.14
N ASN B 69 14.87 -8.86 6.25
CA ASN B 69 15.68 -10.06 6.55
C ASN B 69 17.16 -9.79 6.86
N ASN B 70 17.50 -8.56 7.26
CA ASN B 70 18.91 -8.24 7.49
C ASN B 70 19.59 -9.16 8.49
N TRP B 71 20.79 -9.63 8.13
CA TRP B 71 21.62 -10.43 9.02
C TRP B 71 23.05 -10.28 8.56
N LEU B 72 23.99 -10.62 9.44
CA LEU B 72 25.39 -10.67 9.08
C LEU B 72 26.03 -11.92 9.64
N PRO B 73 26.97 -12.53 8.89
CA PRO B 73 27.58 -13.78 9.34
C PRO B 73 28.34 -13.60 10.66
N THR B 74 28.89 -12.41 10.86
CA THR B 74 29.64 -12.07 12.08
C THR B 74 28.78 -12.04 13.35
N GLU B 75 27.45 -12.09 13.19
CA GLU B 75 26.49 -12.16 14.32
C GLU B 75 26.33 -13.58 14.85
N ILE B 76 26.86 -14.55 14.12
CA ILE B 76 26.65 -15.96 14.44
C ILE B 76 27.91 -16.56 15.04
N PRO B 77 27.83 -17.00 16.31
CA PRO B 77 29.01 -17.53 17.01
C PRO B 77 29.56 -18.80 16.36
N MET B 78 30.89 -18.87 16.24
CA MET B 78 31.54 -20.02 15.64
C MET B 78 32.31 -20.88 16.66
N GLY B 79 32.19 -20.55 17.95
CA GLY B 79 32.91 -21.24 19.03
C GLY B 79 32.75 -22.76 19.04
N LYS B 80 31.51 -23.24 19.04
CA LYS B 80 31.22 -24.69 19.02
C LYS B 80 31.68 -25.35 17.72
N ASP B 81 31.57 -24.62 16.60
CA ASP B 81 32.05 -25.13 15.32
C ASP B 81 33.56 -25.31 15.27
N ILE B 82 34.28 -24.33 15.82
CA ILE B 82 35.73 -24.40 15.89
C ILE B 82 36.13 -25.61 16.76
N GLU B 83 35.48 -25.72 17.92
CA GLU B 83 35.71 -26.84 18.83
C GLU B 83 35.49 -28.18 18.14
N LEU B 84 34.36 -28.32 17.44
CA LEU B 84 34.06 -29.56 16.73
C LEU B 84 35.03 -29.83 15.57
N TRP B 85 35.36 -28.78 14.80
CA TRP B 85 36.29 -28.90 13.68
C TRP B 85 37.69 -29.36 14.13
N LYS B 86 38.12 -28.90 15.29
CA LYS B 86 39.40 -29.32 15.88
C LYS B 86 39.40 -30.77 16.39
N SER B 87 38.20 -31.28 16.69
CA SER B 87 38.06 -32.59 17.35
C SER B 87 38.05 -33.74 16.35
N ASP B 88 38.25 -34.97 16.84
CA ASP B 88 38.13 -36.14 15.99
C ASP B 88 36.67 -36.59 15.84
N ARG B 89 35.73 -35.77 16.35
CA ARG B 89 34.29 -36.09 16.31
C ARG B 89 33.63 -35.81 14.95
N LEU B 90 34.35 -35.14 14.05
CA LEU B 90 33.92 -34.99 12.66
C LEU B 90 34.84 -35.82 11.78
N SER B 91 34.25 -36.76 11.03
CA SER B 91 35.01 -37.67 10.18
C SER B 91 35.59 -37.01 8.93
N GLU B 92 36.55 -37.69 8.30
CA GLU B 92 37.10 -37.27 7.01
C GLU B 92 35.99 -37.07 5.98
N ASP B 93 35.09 -38.04 5.89
CA ASP B 93 33.98 -37.97 4.95
C ASP B 93 33.04 -36.80 5.23
N GLU B 94 32.81 -36.52 6.50
CA GLU B 94 31.98 -35.36 6.88
C GLU B 94 32.69 -34.05 6.49
N ARG B 95 33.97 -33.98 6.78
CA ARG B 95 34.79 -32.82 6.37
C ARG B 95 34.74 -32.59 4.86
N ARG B 96 34.79 -33.67 4.08
CA ARG B 96 34.73 -33.58 2.62
C ARG B 96 33.44 -32.88 2.16
N VAL B 97 32.32 -33.26 2.76
CA VAL B 97 31.02 -32.67 2.41
C VAL B 97 31.03 -31.15 2.70
N ILE B 98 31.50 -30.79 3.89
CA ILE B 98 31.58 -29.37 4.28
C ILE B 98 32.50 -28.59 3.31
N LEU B 99 33.69 -29.10 3.07
CA LEU B 99 34.69 -28.39 2.27
C LEU B 99 34.29 -28.21 0.82
N LEU B 100 33.68 -29.25 0.22
CA LEU B 100 33.23 -29.12 -1.16
C LEU B 100 32.12 -28.09 -1.27
N ASN B 101 31.21 -28.09 -0.30
CA ASN B 101 30.14 -27.09 -0.28
C ASN B 101 30.65 -25.67 -0.09
N LEU B 102 31.57 -25.48 0.86
CA LEU B 102 32.23 -24.19 1.00
C LEU B 102 32.96 -23.77 -0.28
N GLY B 103 33.61 -24.73 -0.93
CA GLY B 103 34.33 -24.46 -2.18
C GLY B 103 33.39 -23.97 -3.27
N PHE B 104 32.32 -24.71 -3.50
CA PHE B 104 31.33 -24.33 -4.50
C PHE B 104 30.61 -22.99 -4.18
N PHE B 105 30.07 -22.87 -2.98
CA PHE B 105 29.32 -21.65 -2.63
C PHE B 105 30.19 -20.38 -2.60
N SER B 106 31.45 -20.51 -2.20
CA SER B 106 32.34 -19.34 -2.02
C SER B 106 32.45 -18.45 -3.26
N THR B 107 32.43 -19.06 -4.44
CA THR B 107 32.48 -18.29 -5.69
C THR B 107 31.14 -18.18 -6.38
N ALA B 108 30.24 -19.12 -6.11
CA ALA B 108 28.90 -19.11 -6.70
C ALA B 108 28.15 -17.82 -6.38
N GLU B 109 28.32 -17.34 -5.15
CA GLU B 109 27.68 -16.08 -4.72
C GLU B 109 28.14 -14.90 -5.59
N SER B 110 29.43 -14.85 -5.88
CA SER B 110 29.98 -13.80 -6.73
C SER B 110 29.50 -13.94 -8.17
N LEU B 111 29.41 -15.17 -8.66
CA LEU B 111 28.89 -15.41 -10.00
C LEU B 111 27.47 -14.84 -10.13
N VAL B 112 26.62 -15.16 -9.17
CA VAL B 112 25.23 -14.69 -9.14
C VAL B 112 25.18 -13.15 -9.02
N GLY B 113 25.93 -12.61 -8.06
CA GLY B 113 25.94 -11.16 -7.83
C GLY B 113 26.45 -10.39 -9.05
N ASN B 114 27.57 -10.84 -9.62
CA ASN B 114 28.11 -10.20 -10.82
C ASN B 114 27.11 -10.26 -11.97
N ASN B 115 26.42 -11.38 -12.11
CA ASN B 115 25.41 -11.49 -13.18
C ASN B 115 24.22 -10.52 -12.97
N ILE B 116 23.76 -10.35 -11.74
CA ILE B 116 22.68 -9.37 -11.47
C ILE B 116 23.10 -8.01 -12.01
N VAL B 117 24.32 -7.59 -11.65
CA VAL B 117 24.79 -6.23 -11.98
C VAL B 117 25.19 -6.09 -13.44
N LEU B 118 25.97 -7.05 -13.95
CA LEU B 118 26.59 -6.91 -15.26
C LEU B 118 25.70 -7.40 -16.41
N ALA B 119 24.70 -8.21 -16.08
CA ALA B 119 23.84 -8.82 -17.12
C ALA B 119 22.38 -8.43 -16.98
N ILE B 120 21.81 -8.56 -15.78
CA ILE B 120 20.37 -8.45 -15.59
C ILE B 120 19.87 -6.99 -15.47
N PHE B 121 20.52 -6.22 -14.59
CA PHE B 121 20.04 -4.90 -14.19
C PHE B 121 19.80 -3.98 -15.40
N LYS B 122 20.75 -3.94 -16.35
CA LYS B 122 20.63 -3.02 -17.49
C LYS B 122 19.34 -3.26 -18.27
N HIS B 123 18.95 -4.52 -18.35
CA HIS B 123 17.84 -4.92 -19.22
C HIS B 123 16.49 -5.02 -18.53
N VAL B 124 16.51 -5.02 -17.21
CA VAL B 124 15.27 -4.90 -16.46
C VAL B 124 14.95 -3.41 -16.32
N THR B 125 14.13 -2.93 -17.25
CA THR B 125 13.93 -1.50 -17.44
C THR B 125 12.77 -1.04 -16.57
N ASN B 126 12.91 -1.22 -15.26
CA ASN B 126 11.83 -0.95 -14.33
C ASN B 126 12.41 -0.66 -12.96
N PRO B 127 12.05 0.49 -12.36
CA PRO B 127 12.76 0.88 -11.14
C PRO B 127 12.42 0.03 -9.91
N GLU B 128 11.15 -0.37 -9.74
CA GLU B 128 10.81 -1.21 -8.58
C GLU B 128 11.47 -2.60 -8.64
N ALA B 129 11.54 -3.19 -9.83
CA ALA B 129 12.30 -4.44 -10.01
C ALA B 129 13.79 -4.20 -9.77
N ARG B 130 14.31 -3.08 -10.24
CA ARG B 130 15.72 -2.72 -9.98
C ARG B 130 16.01 -2.53 -8.49
N GLN B 131 15.06 -1.94 -7.75
CA GLN B 131 15.18 -1.85 -6.28
C GLN B 131 15.40 -3.25 -5.71
N TYR B 132 14.57 -4.21 -6.11
CA TYR B 132 14.78 -5.58 -5.64
C TYR B 132 16.18 -6.10 -6.04
N LEU B 133 16.57 -5.90 -7.29
CA LEU B 133 17.87 -6.39 -7.76
C LEU B 133 19.02 -5.89 -6.90
N LEU B 134 18.97 -4.63 -6.49
CA LEU B 134 20.02 -4.07 -5.61
C LEU B 134 20.05 -4.74 -4.25
N ARG B 135 18.86 -5.03 -3.70
CA ARG B 135 18.77 -5.79 -2.45
C ARG B 135 19.37 -7.19 -2.66
N GLN B 136 19.00 -7.85 -3.75
CA GLN B 136 19.47 -9.21 -4.01
C GLN B 136 21.00 -9.26 -4.15
N ALA B 137 21.55 -8.31 -4.90
CA ALA B 137 23.00 -8.24 -5.13
C ALA B 137 23.76 -8.00 -3.82
N PHE B 138 23.21 -7.11 -2.98
CA PHE B 138 23.79 -6.93 -1.66
C PHE B 138 23.74 -8.22 -0.83
N GLU B 139 22.62 -8.94 -0.89
CA GLU B 139 22.53 -10.21 -0.18
C GLU B 139 23.61 -11.20 -0.66
N GLU B 140 23.86 -11.23 -1.96
CA GLU B 140 24.95 -12.06 -2.48
C GLU B 140 26.30 -11.65 -1.90
N ALA B 141 26.51 -10.36 -1.69
CA ALA B 141 27.73 -9.87 -1.02
C ALA B 141 27.79 -10.40 0.42
N VAL B 142 26.64 -10.42 1.11
CA VAL B 142 26.58 -10.95 2.49
C VAL B 142 26.93 -12.45 2.45
N HIS B 143 26.40 -13.16 1.47
CA HIS B 143 26.72 -14.61 1.35
C HIS B 143 28.21 -14.82 1.08
N THR B 144 28.79 -14.00 0.22
CA THR B 144 30.24 -14.06 -0.02
C THR B 144 31.02 -13.84 1.28
N HIS B 145 30.62 -12.83 2.05
CA HIS B 145 31.24 -12.52 3.35
C HIS B 145 31.16 -13.75 4.26
N THR B 146 30.02 -14.42 4.21
CA THR B 146 29.77 -15.62 5.03
C THR B 146 30.87 -16.67 4.83
N PHE B 147 31.24 -16.91 3.58
CA PHE B 147 32.24 -17.93 3.30
C PHE B 147 33.65 -17.52 3.69
N LEU B 148 33.96 -16.23 3.57
CA LEU B 148 35.21 -15.72 4.11
C LEU B 148 35.24 -15.88 5.63
N TYR B 149 34.12 -15.58 6.27
CA TYR B 149 34.01 -15.64 7.73
C TYR B 149 34.16 -17.07 8.25
N ILE B 150 33.54 -18.02 7.55
CA ILE B 150 33.69 -19.45 7.86
C ILE B 150 35.14 -19.90 7.68
N CYS B 151 35.76 -19.53 6.56
CA CYS B 151 37.17 -19.85 6.34
C CYS B 151 38.07 -19.33 7.45
N GLU B 152 37.90 -18.06 7.81
CA GLU B 152 38.73 -17.44 8.84
C GLU B 152 38.48 -18.04 10.22
N SER B 153 37.23 -18.34 10.51
CA SER B 153 36.85 -18.96 11.79
C SER B 153 37.50 -20.32 12.00
N LEU B 154 37.45 -21.16 10.96
CA LEU B 154 37.94 -22.53 11.06
C LEU B 154 39.42 -22.67 10.69
N GLY B 155 40.04 -21.55 10.30
CA GLY B 155 41.44 -21.56 9.88
C GLY B 155 41.69 -22.32 8.58
N LEU B 156 40.70 -22.32 7.69
CA LEU B 156 40.88 -22.94 6.38
C LEU B 156 41.83 -22.13 5.50
N ASP B 157 42.41 -22.78 4.50
CA ASP B 157 43.24 -22.09 3.49
C ASP B 157 42.28 -21.38 2.52
N GLU B 158 42.10 -20.07 2.71
CA GLU B 158 41.05 -19.34 1.98
C GLU B 158 41.22 -19.42 0.46
N LYS B 159 42.46 -19.38 -0.01
CA LYS B 159 42.74 -19.50 -1.44
C LYS B 159 42.42 -20.89 -1.97
N GLU B 160 42.58 -21.91 -1.14
CA GLU B 160 42.22 -23.27 -1.52
C GLU B 160 40.70 -23.38 -1.67
N ILE B 161 39.97 -22.81 -0.73
CA ILE B 161 38.50 -22.85 -0.76
C ILE B 161 37.94 -22.02 -1.92
N PHE B 162 38.35 -20.77 -2.04
CA PHE B 162 37.76 -19.91 -3.08
C PHE B 162 38.17 -20.34 -4.49
N ASN B 163 39.30 -21.04 -4.61
CA ASN B 163 39.72 -21.53 -5.94
C ASN B 163 39.16 -22.92 -6.29
N ALA B 164 38.31 -23.46 -5.43
CA ALA B 164 37.78 -24.81 -5.63
C ALA B 164 37.13 -25.00 -7.01
N TYR B 165 36.45 -23.98 -7.52
CA TYR B 165 35.78 -24.11 -8.81
C TYR B 165 36.73 -24.22 -10.00
N ASN B 166 38.02 -23.97 -9.74
CA ASN B 166 39.07 -24.24 -10.70
C ASN B 166 39.82 -25.56 -10.43
N GLU B 167 39.63 -26.11 -9.24
CA GLU B 167 40.43 -27.27 -8.81
C GLU B 167 39.66 -28.58 -8.72
N ARG B 168 38.34 -28.49 -8.65
CA ARG B 168 37.49 -29.69 -8.49
C ARG B 168 36.55 -29.85 -9.69
N ALA B 169 36.71 -30.97 -10.40
CA ALA B 169 36.00 -31.20 -11.66
C ALA B 169 34.48 -31.07 -11.55
N ALA B 170 33.89 -31.66 -10.51
CA ALA B 170 32.42 -31.62 -10.36
C ALA B 170 31.88 -30.21 -10.09
N ILE B 171 32.70 -29.38 -9.44
CA ILE B 171 32.34 -27.99 -9.20
C ILE B 171 32.51 -27.19 -10.49
N LYS B 172 33.68 -27.38 -11.13
CA LYS B 172 33.97 -26.69 -12.39
C LYS B 172 32.90 -26.98 -13.44
N ALA B 173 32.45 -28.23 -13.53
CA ALA B 173 31.43 -28.63 -14.49
C ALA B 173 30.12 -27.84 -14.34
N LYS B 174 29.72 -27.61 -13.09
CA LYS B 174 28.52 -26.80 -12.81
C LYS B 174 28.72 -25.35 -13.21
N ASP B 175 29.88 -24.79 -12.85
CA ASP B 175 30.14 -23.39 -13.13
C ASP B 175 30.40 -23.12 -14.62
N ASP B 176 31.00 -24.10 -15.31
CA ASP B 176 31.23 -24.00 -16.77
C ASP B 176 29.90 -23.98 -17.51
N PHE B 177 29.00 -24.87 -17.10
CA PHE B 177 27.64 -24.90 -17.64
C PHE B 177 26.94 -23.59 -17.37
N GLN B 178 27.22 -23.01 -16.19
CA GLN B 178 26.67 -21.70 -15.83
C GLN B 178 27.17 -20.61 -16.76
N MET B 179 28.47 -20.61 -17.05
CA MET B 179 29.06 -19.67 -18.02
C MET B 179 28.36 -19.78 -19.38
N GLU B 180 28.07 -21.02 -19.79
CA GLU B 180 27.43 -21.27 -21.09
C GLU B 180 26.01 -20.70 -21.17
N ILE B 181 25.21 -20.91 -20.12
CA ILE B 181 23.82 -20.44 -20.13
C ILE B 181 23.73 -18.94 -19.86
N THR B 182 24.81 -18.34 -19.40
CA THR B 182 24.92 -16.88 -19.25
C THR B 182 24.69 -16.24 -20.62
N GLY B 183 24.96 -17.02 -21.67
CA GLY B 183 24.72 -16.60 -23.05
C GLY B 183 25.53 -15.37 -23.41
N LYS B 184 25.07 -14.64 -24.43
CA LYS B 184 25.80 -13.48 -24.92
C LYS B 184 25.40 -12.18 -24.20
N VAL B 185 24.76 -12.32 -23.03
CA VAL B 185 24.17 -11.16 -22.35
C VAL B 185 25.22 -10.12 -21.94
N LEU B 186 26.45 -10.57 -21.70
CA LEU B 186 27.53 -9.66 -21.30
C LEU B 186 28.15 -8.91 -22.48
N ASP B 187 27.90 -9.37 -23.70
CA ASP B 187 28.34 -8.67 -24.91
C ASP B 187 27.87 -7.21 -24.80
N PRO B 188 28.81 -6.25 -24.94
CA PRO B 188 28.47 -4.83 -24.79
C PRO B 188 27.23 -4.44 -25.62
N ASN B 189 27.10 -5.05 -26.79
CA ASN B 189 26.03 -4.73 -27.74
C ASN B 189 24.85 -5.69 -27.70
N PHE B 190 24.81 -6.56 -26.69
CA PHE B 190 23.62 -7.39 -26.49
C PHE B 190 22.41 -6.50 -26.22
N ARG B 191 21.28 -6.83 -26.85
CA ARG B 191 20.03 -6.09 -26.63
C ARG B 191 18.87 -7.08 -26.51
N THR B 192 17.85 -6.70 -25.75
CA THR B 192 16.67 -7.54 -25.58
C THR B 192 15.49 -7.12 -26.46
N ASP B 193 15.70 -6.18 -27.38
CA ASP B 193 14.59 -5.67 -28.18
C ASP B 193 14.33 -6.42 -29.49
N SER B 194 14.50 -7.73 -29.46
CA SER B 194 14.09 -8.62 -30.53
C SER B 194 13.60 -9.88 -29.86
N VAL B 195 12.86 -10.72 -30.59
CA VAL B 195 12.43 -12.00 -30.03
C VAL B 195 13.66 -12.80 -29.59
N GLU B 196 14.66 -12.88 -30.47
CA GLU B 196 15.86 -13.66 -30.22
C GLU B 196 16.62 -13.14 -29.00
N GLY B 197 16.75 -11.81 -28.91
CA GLY B 197 17.45 -11.17 -27.79
C GLY B 197 16.75 -11.42 -26.48
N LEU B 198 15.42 -11.30 -26.48
CA LEU B 198 14.65 -11.49 -25.25
C LEU B 198 14.63 -12.96 -24.81
N GLN B 199 14.60 -13.88 -25.77
CA GLN B 199 14.69 -15.31 -25.44
C GLN B 199 16.05 -15.62 -24.80
N GLU B 200 17.12 -15.02 -25.34
CA GLU B 200 18.46 -15.21 -24.78
C GLU B 200 18.51 -14.70 -23.33
N PHE B 201 17.90 -13.54 -23.10
CA PHE B 201 17.83 -12.94 -21.77
C PHE B 201 17.06 -13.84 -20.81
N VAL B 202 15.93 -14.36 -21.26
CA VAL B 202 15.14 -15.26 -20.44
C VAL B 202 15.91 -16.55 -20.09
N LYS B 203 16.68 -17.07 -21.04
CA LYS B 203 17.57 -18.21 -20.74
C LYS B 203 18.58 -17.86 -19.64
N ASN B 204 19.12 -16.64 -19.64
CA ASN B 204 20.01 -16.20 -18.56
C ASN B 204 19.28 -16.20 -17.21
N LEU B 205 18.06 -15.70 -17.20
CA LEU B 205 17.26 -15.66 -15.97
C LEU B 205 16.98 -17.07 -15.45
N VAL B 206 16.62 -17.97 -16.36
CA VAL B 206 16.44 -19.38 -16.00
C VAL B 206 17.75 -19.96 -15.45
N GLY B 207 18.86 -19.68 -16.13
CA GLY B 207 20.17 -20.18 -15.73
C GLY B 207 20.58 -19.77 -14.32
N TYR B 208 20.35 -18.50 -13.96
CA TYR B 208 20.74 -18.02 -12.65
C TYR B 208 19.69 -18.22 -11.56
N TYR B 209 18.45 -17.83 -11.82
CA TYR B 209 17.42 -17.95 -10.80
C TYR B 209 16.95 -19.38 -10.61
N ILE B 210 16.64 -20.05 -11.71
CA ILE B 210 16.10 -21.40 -11.63
C ILE B 210 17.19 -22.44 -11.39
N ILE B 211 18.24 -22.42 -12.19
CA ILE B 211 19.25 -23.47 -12.16
C ILE B 211 20.28 -23.26 -11.03
N MET B 212 20.96 -22.13 -11.03
CA MET B 212 21.98 -21.89 -10.01
C MET B 212 21.35 -21.73 -8.63
N GLU B 213 20.48 -20.73 -8.47
CA GLU B 213 19.89 -20.43 -7.18
C GLU B 213 18.83 -21.44 -6.79
N GLY B 214 18.13 -22.01 -7.79
CA GLY B 214 16.99 -22.88 -7.51
C GLY B 214 17.26 -24.37 -7.51
N ILE B 215 18.42 -24.78 -8.03
CA ILE B 215 18.78 -26.21 -8.07
C ILE B 215 20.18 -26.48 -7.50
N PHE B 216 21.20 -25.83 -8.07
CA PHE B 216 22.60 -26.07 -7.69
C PHE B 216 22.92 -25.75 -6.24
N PHE B 217 22.08 -24.94 -5.60
CA PHE B 217 22.29 -24.61 -4.19
C PHE B 217 21.65 -25.67 -3.28
N TYR B 218 20.82 -26.56 -3.84
CA TYR B 218 19.93 -27.38 -3.01
C TYR B 218 20.47 -28.68 -2.44
N SER B 219 21.33 -29.37 -3.17
CA SER B 219 22.03 -30.51 -2.58
C SER B 219 22.84 -29.97 -1.42
N GLY B 220 23.46 -28.82 -1.65
CA GLY B 220 24.29 -28.17 -0.65
C GLY B 220 23.49 -27.79 0.58
N PHE B 221 22.34 -27.14 0.39
CA PHE B 221 21.51 -26.78 1.55
C PHE B 221 21.13 -28.03 2.35
N VAL B 222 20.70 -29.07 1.64
CA VAL B 222 20.35 -30.34 2.31
C VAL B 222 21.54 -30.91 3.09
N MET B 223 22.70 -30.99 2.43
CA MET B 223 23.88 -31.56 3.09
C MET B 223 24.25 -30.78 4.34
N ILE B 224 24.38 -29.46 4.21
CA ILE B 224 24.79 -28.64 5.35
C ILE B 224 23.75 -28.63 6.47
N LEU B 225 22.48 -28.46 6.11
CA LEU B 225 21.42 -28.44 7.11
C LEU B 225 21.20 -29.80 7.76
N SER B 226 21.63 -30.87 7.09
CA SER B 226 21.63 -32.20 7.69
C SER B 226 22.57 -32.25 8.90
N PHE B 227 23.75 -31.64 8.77
CA PHE B 227 24.68 -31.53 9.90
C PHE B 227 24.03 -30.75 11.04
N HIS B 228 23.45 -29.60 10.71
CA HIS B 228 22.78 -28.74 11.67
C HIS B 228 21.71 -29.50 12.47
N ARG B 229 20.97 -30.36 11.78
CA ARG B 229 19.92 -31.16 12.41
C ARG B 229 20.45 -32.22 13.37
N GLN B 230 21.72 -32.59 13.19
CA GLN B 230 22.42 -33.55 14.05
C GLN B 230 23.31 -32.83 15.05
N ASN B 231 23.08 -31.52 15.21
CA ASN B 231 23.86 -30.68 16.13
C ASN B 231 25.37 -30.66 15.84
N LYS B 232 25.71 -30.70 14.55
CA LYS B 232 27.07 -30.61 14.11
C LYS B 232 27.24 -29.36 13.25
N MET B 233 28.28 -28.59 13.55
CA MET B 233 28.60 -27.34 12.83
C MET B 233 27.39 -26.43 12.76
N ILE B 234 26.81 -26.15 13.93
CA ILE B 234 25.55 -25.40 14.00
C ILE B 234 25.75 -23.92 13.65
N GLY B 235 26.98 -23.44 13.76
CA GLY B 235 27.35 -22.09 13.32
C GLY B 235 27.23 -21.95 11.81
N ILE B 236 27.85 -22.90 11.09
CA ILE B 236 27.70 -22.97 9.63
C ILE B 236 26.24 -23.19 9.25
N GLY B 237 25.61 -24.13 9.96
CA GLY B 237 24.19 -24.43 9.73
C GLY B 237 23.31 -23.20 9.83
N GLU B 238 23.52 -22.39 10.86
CA GLU B 238 22.69 -21.19 11.05
C GLU B 238 22.91 -20.19 9.92
N GLN B 239 24.16 -20.03 9.52
CA GLN B 239 24.47 -19.15 8.39
C GLN B 239 23.75 -19.63 7.12
N TYR B 240 23.77 -20.94 6.89
CA TYR B 240 23.05 -21.51 5.74
C TYR B 240 21.53 -21.36 5.84
N GLN B 241 20.98 -21.39 7.06
CA GLN B 241 19.56 -21.11 7.25
C GLN B 241 19.20 -19.69 6.82
N TYR B 242 20.04 -18.71 7.18
CA TYR B 242 19.85 -17.34 6.72
C TYR B 242 20.00 -17.23 5.21
N ILE B 243 20.99 -17.94 4.64
CA ILE B 243 21.17 -17.95 3.18
C ILE B 243 19.94 -18.54 2.49
N LEU B 244 19.43 -19.65 3.02
CA LEU B 244 18.25 -20.29 2.44
C LEU B 244 17.04 -19.37 2.47
N ARG B 245 16.89 -18.61 3.56
CA ARG B 245 15.79 -17.65 3.67
C ARG B 245 15.89 -16.61 2.56
N ASP B 246 17.09 -16.08 2.34
CA ASP B 246 17.32 -15.13 1.24
C ASP B 246 17.06 -15.77 -0.11
N GLU B 247 17.64 -16.96 -0.33
CA GLU B 247 17.56 -17.63 -1.63
C GLU B 247 16.13 -18.01 -2.01
N THR B 248 15.29 -18.21 -1.00
CA THR B 248 13.87 -18.47 -1.25
C THR B 248 13.23 -17.26 -1.95
N ILE B 249 13.55 -16.06 -1.48
CA ILE B 249 13.05 -14.84 -2.10
C ILE B 249 13.69 -14.61 -3.47
N HIS B 250 15.00 -14.83 -3.57
CA HIS B 250 15.71 -14.72 -4.86
C HIS B 250 15.00 -15.55 -5.93
N LEU B 251 14.72 -16.80 -5.60
CA LEU B 251 14.03 -17.69 -6.50
C LEU B 251 12.61 -17.20 -6.84
N ASN B 252 11.85 -16.80 -5.82
CA ASN B 252 10.46 -16.30 -6.03
C ASN B 252 10.45 -15.06 -6.93
N PHE B 253 11.40 -14.16 -6.71
CA PHE B 253 11.50 -12.96 -7.56
C PHE B 253 11.80 -13.35 -9.01
N GLY B 254 12.76 -14.23 -9.20
CA GLY B 254 13.15 -14.70 -10.52
C GLY B 254 12.02 -15.35 -11.28
N ILE B 255 11.26 -16.20 -10.58
CA ILE B 255 10.07 -16.83 -11.17
C ILE B 255 9.03 -15.77 -11.58
N ASP B 256 8.82 -14.79 -10.72
CA ASP B 256 7.86 -13.71 -11.01
C ASP B 256 8.35 -12.91 -12.20
N LEU B 257 9.66 -12.65 -12.24
CA LEU B 257 10.25 -11.89 -13.36
C LEU B 257 10.12 -12.64 -14.69
N ILE B 258 10.51 -13.91 -14.70
CA ILE B 258 10.37 -14.76 -15.89
C ILE B 258 8.89 -14.79 -16.32
N ASN B 259 7.99 -15.06 -15.37
CA ASN B 259 6.56 -15.14 -15.72
C ASN B 259 5.98 -13.80 -16.20
N GLY B 260 6.45 -12.71 -15.60
CA GLY B 260 6.07 -11.37 -16.03
C GLY B 260 6.52 -11.03 -17.43
N ILE B 261 7.79 -11.33 -17.75
CA ILE B 261 8.29 -11.11 -19.11
C ILE B 261 7.49 -11.93 -20.13
N LYS B 262 7.19 -13.18 -19.79
CA LYS B 262 6.37 -14.05 -20.64
C LYS B 262 5.00 -13.44 -20.90
N GLU B 263 4.36 -12.97 -19.84
CA GLU B 263 3.01 -12.40 -19.95
C GLU B 263 2.98 -11.18 -20.86
N GLU B 264 4.01 -10.33 -20.74
CA GLU B 264 4.10 -9.09 -21.51
C GLU B 264 4.62 -9.29 -22.93
N ASN B 265 5.25 -10.43 -23.16
CA ASN B 265 5.88 -10.76 -24.45
C ASN B 265 5.61 -12.23 -24.80
N PRO B 266 4.32 -12.61 -24.89
CA PRO B 266 3.96 -14.04 -24.99
C PRO B 266 4.55 -14.73 -26.21
N GLU B 267 4.88 -13.93 -27.23
CA GLU B 267 5.44 -14.45 -28.46
C GLU B 267 6.83 -15.07 -28.29
N ILE B 268 7.52 -14.74 -27.19
CA ILE B 268 8.84 -15.31 -26.96
C ILE B 268 8.78 -16.75 -26.44
N TRP B 269 7.65 -17.10 -25.83
CA TRP B 269 7.50 -18.38 -25.15
C TRP B 269 7.05 -19.47 -26.13
N THR B 270 7.90 -19.74 -27.11
CA THR B 270 7.63 -20.69 -28.18
C THR B 270 7.81 -22.14 -27.72
N PRO B 271 7.16 -23.11 -28.41
CA PRO B 271 7.43 -24.51 -28.10
C PRO B 271 8.92 -24.81 -28.12
N GLU B 272 9.64 -24.17 -29.04
CA GLU B 272 11.09 -24.31 -29.17
C GLU B 272 11.85 -23.85 -27.92
N LEU B 273 11.55 -22.63 -27.48
CA LEU B 273 12.18 -22.11 -26.26
C LEU B 273 11.85 -22.97 -25.04
N GLN B 274 10.59 -23.38 -24.94
CA GLN B 274 10.14 -24.20 -23.82
C GLN B 274 10.94 -25.48 -23.75
N GLN B 275 11.09 -26.14 -24.89
CA GLN B 275 11.87 -27.37 -24.97
C GLN B 275 13.33 -27.14 -24.60
N GLU B 276 13.91 -26.03 -25.07
CA GLU B 276 15.30 -25.68 -24.75
C GLU B 276 15.51 -25.50 -23.25
N ILE B 277 14.56 -24.82 -22.60
CA ILE B 277 14.63 -24.59 -21.15
C ILE B 277 14.56 -25.91 -20.37
N VAL B 278 13.64 -26.80 -20.77
CA VAL B 278 13.54 -28.11 -20.13
C VAL B 278 14.87 -28.86 -20.27
N GLU B 279 15.48 -28.78 -21.45
CA GLU B 279 16.76 -29.46 -21.72
C GLU B 279 17.91 -28.86 -20.92
N LEU B 280 17.89 -27.55 -20.72
CA LEU B 280 18.85 -26.90 -19.85
C LEU B 280 18.71 -27.41 -18.42
N ILE B 281 17.46 -27.49 -17.96
CA ILE B 281 17.18 -27.96 -16.60
C ILE B 281 17.56 -29.45 -16.42
N LYS B 282 17.27 -30.28 -17.42
CA LYS B 282 17.71 -31.69 -17.38
C LYS B 282 19.23 -31.80 -17.23
N ARG B 283 19.96 -30.96 -17.95
CA ARG B 283 21.41 -31.00 -17.91
C ARG B 283 21.91 -30.55 -16.54
N ALA B 284 21.29 -29.50 -16.00
CA ALA B 284 21.61 -29.03 -14.64
C ALA B 284 21.40 -30.14 -13.61
N VAL B 285 20.32 -30.89 -13.76
CA VAL B 285 19.99 -32.01 -12.88
C VAL B 285 21.10 -33.05 -12.89
N ASP B 286 21.55 -33.43 -14.09
CA ASP B 286 22.63 -34.41 -14.23
C ASP B 286 23.91 -33.91 -13.56
N LEU B 287 24.24 -32.65 -13.78
CA LEU B 287 25.45 -32.07 -13.19
C LEU B 287 25.39 -31.99 -11.67
N GLU B 288 24.20 -31.69 -11.14
CA GLU B 288 24.03 -31.57 -9.70
C GLU B 288 24.07 -32.95 -9.02
N ILE B 289 23.46 -33.95 -9.66
CA ILE B 289 23.56 -35.35 -9.19
C ILE B 289 25.03 -35.80 -9.16
N GLU B 290 25.78 -35.48 -10.21
CA GLU B 290 27.22 -35.79 -10.24
C GLU B 290 28.01 -35.08 -9.12
N TYR B 291 27.68 -33.82 -8.87
CA TYR B 291 28.24 -33.07 -7.75
C TYR B 291 27.93 -33.75 -6.40
N ALA B 292 26.67 -34.15 -6.21
CA ALA B 292 26.28 -34.88 -5.00
C ALA B 292 27.10 -36.16 -4.82
N GLN B 293 27.32 -36.88 -5.92
CA GLN B 293 28.16 -38.09 -5.91
C GLN B 293 29.60 -37.80 -5.48
N ASP B 294 30.13 -36.67 -5.94
CA ASP B 294 31.47 -36.23 -5.59
C ASP B 294 31.55 -35.90 -4.11
N CYS B 295 30.49 -35.28 -3.57
CA CYS B 295 30.42 -34.94 -2.16
C CYS B 295 30.31 -36.18 -1.27
N LEU B 296 29.67 -37.22 -1.81
CA LEU B 296 29.29 -38.40 -1.03
C LEU B 296 29.70 -39.71 -1.72
N PRO B 297 31.01 -39.98 -1.82
CA PRO B 297 31.47 -41.28 -2.33
C PRO B 297 30.96 -42.41 -1.44
N ARG B 298 30.80 -42.11 -0.16
CA ARG B 298 30.24 -43.02 0.84
C ARG B 298 29.15 -42.28 1.62
N GLY B 299 28.26 -43.04 2.24
CA GLY B 299 27.18 -42.44 3.00
C GLY B 299 27.65 -41.78 4.27
N ILE B 300 26.93 -40.76 4.70
CA ILE B 300 27.05 -40.24 6.07
C ILE B 300 25.64 -40.29 6.66
N LEU B 301 25.47 -40.00 7.95
CA LEU B 301 24.16 -40.20 8.57
C LEU B 301 23.04 -39.49 7.80
N GLY B 302 22.08 -40.27 7.32
CA GLY B 302 20.90 -39.75 6.63
C GLY B 302 21.19 -39.11 5.27
N LEU B 303 22.39 -39.35 4.73
CA LEU B 303 22.78 -38.82 3.42
C LEU B 303 23.52 -39.85 2.59
N ARG B 304 22.99 -40.11 1.39
CA ARG B 304 23.62 -41.00 0.44
C ARG B 304 23.44 -40.39 -0.94
N ALA B 305 24.42 -40.60 -1.81
CA ALA B 305 24.41 -40.00 -3.15
C ALA B 305 23.12 -40.32 -3.91
N SER B 306 22.64 -41.55 -3.80
CA SER B 306 21.44 -42.00 -4.52
C SER B 306 20.18 -41.21 -4.13
N MET B 307 20.13 -40.71 -2.90
CA MET B 307 18.99 -39.90 -2.43
C MET B 307 18.87 -38.61 -3.24
N PHE B 308 19.99 -38.12 -3.73
CA PHE B 308 20.02 -36.87 -4.47
C PHE B 308 19.50 -37.02 -5.89
N ILE B 309 19.51 -38.24 -6.42
CA ILE B 309 18.81 -38.48 -7.69
C ILE B 309 17.35 -38.08 -7.52
N ASP B 310 16.70 -38.62 -6.48
CA ASP B 310 15.30 -38.33 -6.24
C ASP B 310 15.02 -36.87 -5.88
N TYR B 311 15.88 -36.31 -5.03
CA TYR B 311 15.67 -34.96 -4.54
C TYR B 311 15.87 -33.93 -5.63
N VAL B 312 16.98 -34.03 -6.37
CA VAL B 312 17.31 -33.03 -7.38
C VAL B 312 16.24 -33.06 -8.48
N GLN B 313 15.82 -34.25 -8.87
CA GLN B 313 14.74 -34.40 -9.84
C GLN B 313 13.41 -33.85 -9.31
N HIS B 314 13.14 -34.06 -8.02
CA HIS B 314 11.92 -33.55 -7.39
C HIS B 314 11.89 -32.02 -7.40
N ILE B 315 12.97 -31.38 -6.98
CA ILE B 315 12.99 -29.90 -7.00
C ILE B 315 12.95 -29.35 -8.43
N ALA B 316 13.60 -30.05 -9.36
CA ALA B 316 13.57 -29.64 -10.77
C ALA B 316 12.12 -29.61 -11.28
N ASP B 317 11.35 -30.65 -10.99
CA ASP B 317 9.91 -30.68 -11.28
C ASP B 317 9.19 -29.47 -10.68
N ARG B 318 9.52 -29.11 -9.44
CA ARG B 318 8.88 -27.99 -8.77
C ARG B 318 9.20 -26.66 -9.46
N ARG B 319 10.46 -26.51 -9.88
CA ARG B 319 10.87 -25.30 -10.62
C ARG B 319 10.16 -25.23 -11.97
N LEU B 320 10.12 -26.36 -12.69
CA LEU B 320 9.45 -26.43 -13.98
C LEU B 320 8.00 -25.95 -13.87
N GLU B 321 7.25 -26.52 -12.92
CA GLU B 321 5.84 -26.15 -12.72
C GLU B 321 5.66 -24.65 -12.53
N ARG B 322 6.59 -24.04 -11.80
CA ARG B 322 6.48 -22.63 -11.44
C ARG B 322 6.60 -21.68 -12.63
N ILE B 323 7.34 -22.11 -13.66
CA ILE B 323 7.44 -21.33 -14.90
C ILE B 323 6.60 -21.91 -16.04
N GLY B 324 5.60 -22.72 -15.67
CA GLY B 324 4.56 -23.13 -16.64
C GLY B 324 4.94 -24.33 -17.50
N LEU B 325 5.89 -25.13 -17.00
CA LEU B 325 6.33 -26.31 -17.74
C LEU B 325 5.96 -27.56 -16.98
N LYS B 326 5.67 -28.65 -17.70
CA LYS B 326 5.27 -29.91 -17.08
C LYS B 326 6.40 -30.58 -16.31
N PRO B 327 6.12 -31.09 -15.10
CA PRO B 327 7.10 -31.93 -14.42
C PRO B 327 7.44 -33.14 -15.29
N ILE B 328 8.68 -33.61 -15.19
CA ILE B 328 9.17 -34.66 -16.07
C ILE B 328 9.72 -35.88 -15.34
N TYR B 329 10.06 -35.73 -14.05
CA TYR B 329 10.69 -36.81 -13.29
C TYR B 329 9.72 -37.61 -12.42
N HIS B 330 8.78 -36.91 -11.78
CA HIS B 330 7.76 -37.50 -10.90
C HIS B 330 8.33 -38.27 -9.71
N THR B 331 9.45 -37.82 -9.18
CA THR B 331 10.08 -38.49 -8.05
C THR B 331 9.57 -37.91 -6.74
N LYS B 332 9.71 -38.71 -5.68
CA LYS B 332 9.34 -38.26 -4.34
C LYS B 332 10.48 -37.47 -3.72
N ASN B 333 10.17 -36.68 -2.69
CA ASN B 333 11.14 -35.86 -1.99
C ASN B 333 11.67 -36.60 -0.77
N PRO B 334 12.95 -37.02 -0.81
CA PRO B 334 13.52 -37.73 0.35
C PRO B 334 13.84 -36.84 1.55
N PHE B 335 13.74 -35.51 1.37
CA PHE B 335 14.07 -34.55 2.43
C PHE B 335 12.91 -33.59 2.71
N PRO B 336 11.75 -34.12 3.18
CA PRO B 336 10.57 -33.28 3.38
C PRO B 336 10.76 -32.21 4.46
N TRP B 337 11.69 -32.46 5.38
CA TRP B 337 12.02 -31.49 6.43
C TRP B 337 12.58 -30.17 5.90
N MET B 338 13.01 -30.14 4.63
CA MET B 338 13.44 -28.91 3.97
C MET B 338 12.29 -27.91 3.78
N SER B 339 11.06 -28.40 3.97
CA SER B 339 9.85 -27.58 3.83
C SER B 339 9.24 -27.18 5.18
N GLU B 340 10.00 -27.32 6.26
CA GLU B 340 9.54 -26.97 7.61
C GLU B 340 9.99 -25.56 8.05
N VAL C 15 -26.14 36.82 25.54
CA VAL C 15 -26.70 36.36 24.24
C VAL C 15 -26.18 37.27 23.12
N PRO C 16 -25.33 36.72 22.24
CA PRO C 16 -24.79 37.51 21.11
C PRO C 16 -25.90 37.93 20.14
N ARG C 17 -25.81 39.15 19.62
CA ARG C 17 -26.84 39.69 18.73
C ARG C 17 -26.95 38.88 17.45
N GLY C 18 -28.17 38.51 17.08
CA GLY C 18 -28.40 37.72 15.87
C GLY C 18 -28.00 36.26 15.97
N SER C 19 -27.79 35.76 17.19
CA SER C 19 -27.38 34.37 17.40
C SER C 19 -28.55 33.39 17.35
N HIS C 20 -29.77 33.92 17.24
CA HIS C 20 -30.97 33.11 17.00
C HIS C 20 -31.46 33.34 15.58
N MET C 21 -31.86 32.28 14.91
CA MET C 21 -32.47 32.45 13.61
C MET C 21 -33.98 32.47 13.73
N GLN C 22 -34.56 33.57 13.25
CA GLN C 22 -35.97 33.90 13.46
C GLN C 22 -36.85 33.09 12.53
N ALA C 23 -37.89 32.49 13.12
CA ALA C 23 -38.89 31.75 12.37
C ALA C 23 -39.86 32.70 11.67
N ASP C 24 -40.11 32.46 10.40
CA ASP C 24 -41.18 33.18 9.68
C ASP C 24 -42.37 32.26 9.38
N ILE C 25 -42.27 31.00 9.78
CA ILE C 25 -43.40 30.07 9.80
C ILE C 25 -43.75 29.84 11.28
N LEU C 26 -44.82 30.49 11.73
CA LEU C 26 -45.13 30.58 13.16
C LEU C 26 -45.47 29.26 13.87
N ASP C 27 -46.09 28.33 13.15
CA ASP C 27 -46.47 27.04 13.74
C ASP C 27 -45.35 25.99 13.65
N GLY C 28 -44.26 26.32 12.96
CA GLY C 28 -43.15 25.39 12.72
C GLY C 28 -42.50 24.79 13.95
N LYS C 29 -42.48 25.56 15.05
CA LYS C 29 -41.89 25.16 16.33
C LYS C 29 -42.44 23.83 16.89
N GLN C 30 -43.66 23.49 16.49
CA GLN C 30 -44.33 22.26 16.93
C GLN C 30 -43.63 20.99 16.45
N LYS C 31 -42.82 21.14 15.40
CA LYS C 31 -42.10 20.00 14.80
C LYS C 31 -40.75 19.73 15.48
N ARG C 32 -40.35 20.60 16.41
CA ARG C 32 -39.19 20.31 17.26
C ARG C 32 -39.45 19.01 18.00
N VAL C 33 -38.46 18.13 18.02
CA VAL C 33 -38.65 16.77 18.52
C VAL C 33 -38.54 16.69 20.04
N ASN C 34 -39.60 16.20 20.69
CA ASN C 34 -39.55 15.89 22.12
C ASN C 34 -38.78 14.60 22.34
N LEU C 35 -37.70 14.69 23.12
CA LEU C 35 -36.87 13.54 23.47
C LEU C 35 -37.69 12.31 23.85
N ASN C 36 -38.66 12.48 24.74
CA ASN C 36 -39.46 11.37 25.25
C ASN C 36 -40.38 10.65 24.25
N SER C 37 -40.61 11.23 23.08
CA SER C 37 -41.47 10.59 22.10
C SER C 37 -40.72 9.72 21.08
N LYS C 38 -39.40 9.77 21.12
CA LYS C 38 -38.58 8.99 20.19
C LYS C 38 -38.63 7.51 20.58
N ARG C 39 -38.71 6.65 19.57
CA ARG C 39 -38.77 5.20 19.75
C ARG C 39 -37.91 4.51 18.69
N LEU C 40 -37.46 3.30 18.98
CA LEU C 40 -36.57 2.55 18.08
C LEU C 40 -37.28 2.03 16.84
N VAL C 41 -38.53 1.60 16.99
CA VAL C 41 -39.34 1.15 15.85
C VAL C 41 -40.70 1.85 15.83
N ASN C 42 -41.35 1.86 14.67
CA ASN C 42 -42.73 2.36 14.54
C ASN C 42 -42.92 3.80 14.97
N CYS C 43 -41.83 4.58 14.95
CA CYS C 43 -41.89 5.97 15.38
C CYS C 43 -42.14 6.89 14.18
N ASN C 44 -43.41 7.26 14.00
CA ASN C 44 -43.78 8.20 12.95
C ASN C 44 -44.46 9.45 13.49
N GLN C 45 -44.48 9.60 14.80
CA GLN C 45 -45.11 10.75 15.46
C GLN C 45 -44.18 11.96 15.52
N VAL C 46 -42.88 11.73 15.34
CA VAL C 46 -41.90 12.81 15.33
C VAL C 46 -40.97 12.72 14.12
N ASP C 47 -40.30 13.82 13.84
CA ASP C 47 -39.47 13.97 12.66
C ASP C 47 -38.17 13.15 12.71
N VAL C 48 -38.15 12.05 11.95
CA VAL C 48 -37.00 11.14 11.90
C VAL C 48 -35.73 11.77 11.26
N ASN C 49 -35.91 12.84 10.49
CA ASN C 49 -34.81 13.53 9.79
C ASN C 49 -33.92 14.40 10.67
N GLN C 50 -34.39 14.71 11.86
CA GLN C 50 -33.63 15.55 12.77
C GLN C 50 -32.93 14.67 13.80
N LEU C 51 -31.61 14.77 13.87
CA LEU C 51 -30.83 13.93 14.78
C LEU C 51 -31.16 14.22 16.25
N VAL C 52 -31.40 15.50 16.54
CA VAL C 52 -31.56 15.99 17.90
C VAL C 52 -33.01 16.07 18.37
N PRO C 53 -33.25 15.90 19.68
CA PRO C 53 -32.25 15.57 20.68
C PRO C 53 -31.94 14.07 20.66
N ILE C 54 -30.68 13.71 20.83
CA ILE C 54 -30.30 12.30 20.93
C ILE C 54 -30.89 11.67 22.19
N LYS C 55 -31.64 10.59 21.99
CA LYS C 55 -32.21 9.82 23.10
C LYS C 55 -31.37 8.59 23.44
N TYR C 56 -31.08 7.79 22.42
CA TYR C 56 -30.35 6.55 22.62
C TYR C 56 -28.86 6.83 22.61
N LYS C 57 -28.36 7.19 23.79
CA LYS C 57 -26.95 7.57 23.94
C LYS C 57 -26.06 6.38 23.62
N TRP C 58 -26.55 5.16 23.90
CA TRP C 58 -25.79 3.96 23.57
C TRP C 58 -25.53 3.82 22.07
N ALA C 59 -26.54 4.20 21.27
CA ALA C 59 -26.40 4.15 19.81
C ALA C 59 -25.38 5.17 19.31
N TRP C 60 -25.47 6.38 19.84
CA TRP C 60 -24.55 7.44 19.46
C TRP C 60 -23.10 7.10 19.86
N GLU C 61 -22.94 6.50 21.03
CA GLU C 61 -21.61 6.09 21.51
C GLU C 61 -21.01 5.00 20.62
N HIS C 62 -21.83 4.02 20.19
CA HIS C 62 -21.34 3.02 19.23
C HIS C 62 -20.87 3.71 17.95
N TYR C 63 -21.64 4.70 17.48
CA TYR C 63 -21.28 5.46 16.29
C TYR C 63 -19.92 6.16 16.47
N LEU C 64 -19.76 6.90 17.55
CA LEU C 64 -18.50 7.57 17.83
C LEU C 64 -17.33 6.58 17.93
N ASN C 65 -17.56 5.46 18.62
CA ASN C 65 -16.51 4.46 18.80
C ASN C 65 -16.08 3.85 17.46
N GLY C 66 -17.06 3.55 16.61
CA GLY C 66 -16.79 3.01 15.27
C GLY C 66 -16.01 3.98 14.42
N CYS C 67 -16.38 5.26 14.48
CA CYS C 67 -15.71 6.31 13.74
C CYS C 67 -14.23 6.43 14.11
N ALA C 68 -13.90 6.11 15.36
CA ALA C 68 -12.51 6.19 15.84
C ALA C 68 -11.67 4.99 15.38
N ASN C 69 -12.32 4.02 14.75
CA ASN C 69 -11.66 2.78 14.33
C ASN C 69 -11.31 2.71 12.84
N ASN C 70 -11.23 3.86 12.17
CA ASN C 70 -10.91 3.84 10.74
C ASN C 70 -9.63 3.05 10.42
N TRP C 71 -9.72 2.17 9.43
CA TRP C 71 -8.58 1.42 8.92
C TRP C 71 -8.89 1.03 7.49
N LEU C 72 -7.86 0.70 6.71
CA LEU C 72 -8.07 0.15 5.37
C LEU C 72 -7.18 -1.05 5.13
N PRO C 73 -7.72 -2.09 4.47
CA PRO C 73 -6.95 -3.33 4.28
C PRO C 73 -5.64 -3.10 3.54
N THR C 74 -5.59 -2.09 2.69
CA THR C 74 -4.39 -1.73 1.92
C THR C 74 -3.24 -1.25 2.81
N GLU C 75 -3.56 -0.81 4.03
CA GLU C 75 -2.56 -0.34 5.00
C GLU C 75 -1.76 -1.49 5.62
N ILE C 76 -2.31 -2.69 5.56
CA ILE C 76 -1.69 -3.86 6.18
C ILE C 76 -0.79 -4.60 5.18
N PRO C 77 0.51 -4.69 5.49
CA PRO C 77 1.46 -5.35 4.60
C PRO C 77 1.14 -6.84 4.40
N MET C 78 1.22 -7.29 3.16
CA MET C 78 0.95 -8.68 2.80
C MET C 78 2.20 -9.45 2.34
N GLY C 79 3.34 -8.77 2.36
CA GLY C 79 4.60 -9.35 1.87
C GLY C 79 4.89 -10.75 2.35
N LYS C 80 4.88 -10.92 3.68
CA LYS C 80 5.23 -12.20 4.29
C LYS C 80 4.22 -13.31 4.00
N ASP C 81 2.94 -12.91 3.83
CA ASP C 81 1.86 -13.86 3.54
C ASP C 81 1.98 -14.44 2.14
N ILE C 82 2.26 -13.57 1.17
CA ILE C 82 2.47 -13.97 -0.22
C ILE C 82 3.61 -14.98 -0.30
N GLU C 83 4.70 -14.66 0.40
CA GLU C 83 5.88 -15.52 0.51
C GLU C 83 5.50 -16.94 0.96
N LEU C 84 4.77 -17.02 2.07
CA LEU C 84 4.36 -18.29 2.65
C LEU C 84 3.37 -19.08 1.78
N TRP C 85 2.43 -18.36 1.17
CA TRP C 85 1.38 -18.97 0.36
C TRP C 85 1.93 -19.64 -0.89
N LYS C 86 2.90 -18.99 -1.52
CA LYS C 86 3.55 -19.50 -2.73
C LYS C 86 4.80 -20.31 -2.38
N SER C 87 4.66 -21.20 -1.41
CA SER C 87 5.75 -22.06 -0.97
C SER C 87 5.23 -23.47 -0.66
N ASP C 88 6.13 -24.32 -0.17
CA ASP C 88 5.81 -25.71 0.15
C ASP C 88 5.59 -25.90 1.66
N ARG C 89 5.66 -24.79 2.40
CA ARG C 89 5.65 -24.83 3.87
C ARG C 89 4.25 -24.94 4.47
N LEU C 90 3.23 -24.57 3.70
CA LEU C 90 1.85 -24.79 4.11
C LEU C 90 1.36 -26.15 3.64
N SER C 91 0.67 -26.87 4.53
CA SER C 91 0.06 -28.14 4.16
C SER C 91 -1.23 -27.91 3.38
N GLU C 92 -1.68 -28.94 2.65
CA GLU C 92 -2.93 -28.88 1.90
C GLU C 92 -4.13 -28.61 2.83
N ASP C 93 -4.12 -29.23 4.00
CA ASP C 93 -5.13 -29.00 5.04
C ASP C 93 -5.16 -27.55 5.52
N GLU C 94 -3.99 -26.94 5.66
CA GLU C 94 -3.88 -25.53 6.05
C GLU C 94 -4.45 -24.59 4.98
N ARG C 95 -4.13 -24.86 3.72
CA ARG C 95 -4.67 -24.08 2.60
C ARG C 95 -6.19 -24.18 2.56
N ARG C 96 -6.70 -25.40 2.79
CA ARG C 96 -8.13 -25.68 2.82
C ARG C 96 -8.87 -24.77 3.80
N VAL C 97 -8.36 -24.68 5.03
CA VAL C 97 -8.95 -23.80 6.05
C VAL C 97 -8.98 -22.34 5.58
N ILE C 98 -7.84 -21.85 5.11
CA ILE C 98 -7.73 -20.46 4.65
C ILE C 98 -8.70 -20.20 3.49
N LEU C 99 -8.71 -21.11 2.50
CA LEU C 99 -9.56 -20.95 1.31
C LEU C 99 -11.06 -21.01 1.60
N LEU C 100 -11.46 -21.93 2.47
CA LEU C 100 -12.88 -22.05 2.85
C LEU C 100 -13.38 -20.83 3.61
N ASN C 101 -12.53 -20.31 4.51
CA ASN C 101 -12.83 -19.09 5.26
C ASN C 101 -12.95 -17.86 4.36
N LEU C 102 -11.98 -17.67 3.46
CA LEU C 102 -12.05 -16.55 2.52
C LEU C 102 -13.30 -16.70 1.64
N GLY C 103 -13.58 -17.93 1.21
CA GLY C 103 -14.78 -18.22 0.42
C GLY C 103 -16.05 -17.78 1.12
N PHE C 104 -16.17 -18.14 2.39
CA PHE C 104 -17.35 -17.80 3.17
C PHE C 104 -17.45 -16.29 3.43
N PHE C 105 -16.38 -15.71 3.96
CA PHE C 105 -16.38 -14.28 4.30
C PHE C 105 -16.58 -13.36 3.09
N SER C 106 -16.05 -13.75 1.93
CA SER C 106 -16.03 -12.88 0.73
C SER C 106 -17.41 -12.35 0.36
N THR C 107 -18.44 -13.18 0.56
CA THR C 107 -19.81 -12.77 0.25
C THR C 107 -20.66 -12.51 1.49
N ALA C 108 -20.28 -13.10 2.64
CA ALA C 108 -21.05 -12.91 3.87
C ALA C 108 -21.07 -11.44 4.30
N GLU C 109 -19.96 -10.74 4.10
CA GLU C 109 -19.92 -9.31 4.43
C GLU C 109 -20.98 -8.53 3.64
N SER C 110 -21.12 -8.86 2.36
CA SER C 110 -22.12 -8.23 1.49
C SER C 110 -23.54 -8.58 1.91
N LEU C 111 -23.77 -9.83 2.31
CA LEU C 111 -25.08 -10.24 2.84
C LEU C 111 -25.48 -9.39 4.04
N VAL C 112 -24.53 -9.18 4.96
CA VAL C 112 -24.77 -8.36 6.15
C VAL C 112 -25.02 -6.89 5.77
N GLY C 113 -24.14 -6.32 4.95
CA GLY C 113 -24.25 -4.92 4.53
C GLY C 113 -25.55 -4.65 3.80
N ASN C 114 -25.89 -5.54 2.85
CA ASN C 114 -27.12 -5.39 2.08
C ASN C 114 -28.36 -5.48 2.98
N ASN C 115 -28.30 -6.37 3.98
CA ASN C 115 -29.40 -6.49 4.92
C ASN C 115 -29.59 -5.24 5.77
N ILE C 116 -28.49 -4.62 6.21
CA ILE C 116 -28.59 -3.37 6.98
C ILE C 116 -29.41 -2.35 6.19
N VAL C 117 -29.04 -2.15 4.93
CA VAL C 117 -29.64 -1.10 4.09
C VAL C 117 -31.03 -1.49 3.59
N LEU C 118 -31.19 -2.72 3.12
CA LEU C 118 -32.43 -3.13 2.45
C LEU C 118 -33.51 -3.65 3.39
N ALA C 119 -33.12 -4.07 4.60
CA ALA C 119 -34.06 -4.63 5.56
C ALA C 119 -34.18 -3.86 6.87
N ILE C 120 -33.04 -3.48 7.47
CA ILE C 120 -33.01 -2.93 8.82
C ILE C 120 -33.27 -1.42 8.89
N PHE C 121 -32.55 -0.67 8.07
CA PHE C 121 -32.57 0.79 8.13
C PHE C 121 -33.98 1.37 8.09
N LYS C 122 -34.81 0.89 7.16
CA LYS C 122 -36.17 1.40 7.00
C LYS C 122 -37.00 1.31 8.28
N HIS C 123 -36.79 0.24 9.02
CA HIS C 123 -37.64 -0.06 10.18
C HIS C 123 -37.08 0.44 11.50
N VAL C 124 -35.80 0.82 11.51
CA VAL C 124 -35.23 1.47 12.69
C VAL C 124 -35.50 2.96 12.58
N THR C 125 -36.57 3.40 13.24
CA THR C 125 -37.14 4.74 13.02
C THR C 125 -36.55 5.73 14.01
N ASN C 126 -35.22 5.91 13.92
CA ASN C 126 -34.49 6.69 14.90
C ASN C 126 -33.17 7.15 14.30
N PRO C 127 -32.92 8.48 14.31
CA PRO C 127 -31.77 9.00 13.59
C PRO C 127 -30.41 8.60 14.16
N GLU C 128 -30.28 8.56 15.50
CA GLU C 128 -28.97 8.20 16.08
C GLU C 128 -28.62 6.73 15.85
N ALA C 129 -29.63 5.86 15.90
CA ALA C 129 -29.42 4.46 15.55
C ALA C 129 -29.09 4.32 14.06
N ARG C 130 -29.75 5.12 13.22
CA ARG C 130 -29.46 5.11 11.79
C ARG C 130 -28.04 5.59 11.49
N GLN C 131 -27.56 6.58 12.24
CA GLN C 131 -26.16 7.04 12.14
C GLN C 131 -25.23 5.85 12.34
N TYR C 132 -25.48 5.06 13.38
CA TYR C 132 -24.67 3.86 13.59
C TYR C 132 -24.78 2.89 12.40
N LEU C 133 -26.00 2.63 11.95
CA LEU C 133 -26.21 1.69 10.85
C LEU C 133 -25.41 2.07 9.60
N LEU C 134 -25.29 3.38 9.34
CA LEU C 134 -24.54 3.86 8.19
C LEU C 134 -23.04 3.61 8.38
N ARG C 135 -22.56 3.82 9.60
CA ARG C 135 -21.16 3.46 9.92
C ARG C 135 -20.93 1.96 9.78
N GLN C 136 -21.86 1.16 10.32
CA GLN C 136 -21.73 -0.29 10.23
C GLN C 136 -21.73 -0.77 8.79
N ALA C 137 -22.65 -0.27 7.98
CA ALA C 137 -22.75 -0.68 6.59
C ALA C 137 -21.47 -0.34 5.82
N PHE C 138 -20.90 0.83 6.08
CA PHE C 138 -19.63 1.18 5.49
C PHE C 138 -18.51 0.24 5.93
N GLU C 139 -18.45 -0.06 7.23
CA GLU C 139 -17.47 -1.03 7.70
C GLU C 139 -17.60 -2.38 7.00
N GLU C 140 -18.83 -2.80 6.68
CA GLU C 140 -19.01 -4.05 5.91
C GLU C 140 -18.41 -3.94 4.51
N ALA C 141 -18.46 -2.74 3.92
CA ALA C 141 -17.84 -2.50 2.61
C ALA C 141 -16.32 -2.62 2.74
N VAL C 142 -15.77 -2.10 3.83
CA VAL C 142 -14.32 -2.22 4.08
C VAL C 142 -13.94 -3.69 4.25
N HIS C 143 -14.79 -4.46 4.92
CA HIS C 143 -14.57 -5.90 5.07
C HIS C 143 -14.60 -6.61 3.72
N THR C 144 -15.56 -6.26 2.87
CA THR C 144 -15.60 -6.83 1.50
C THR C 144 -14.32 -6.51 0.73
N HIS C 145 -13.90 -5.24 0.78
CA HIS C 145 -12.63 -4.80 0.18
C HIS C 145 -11.46 -5.66 0.70
N THR C 146 -11.44 -5.91 2.00
CA THR C 146 -10.41 -6.75 2.61
C THR C 146 -10.27 -8.09 1.90
N PHE C 147 -11.39 -8.76 1.63
CA PHE C 147 -11.34 -10.07 0.99
C PHE C 147 -10.97 -10.04 -0.48
N LEU C 148 -11.35 -8.96 -1.17
CA LEU C 148 -10.85 -8.73 -2.52
C LEU C 148 -9.33 -8.55 -2.49
N TYR C 149 -8.87 -7.70 -1.57
CA TYR C 149 -7.45 -7.37 -1.42
C TYR C 149 -6.59 -8.59 -1.09
N ILE C 150 -7.10 -9.45 -0.20
CA ILE C 150 -6.42 -10.71 0.13
C ILE C 150 -6.34 -11.65 -1.09
N CYS C 151 -7.42 -11.74 -1.85
CA CYS C 151 -7.44 -12.55 -3.08
C CYS C 151 -6.42 -12.09 -4.12
N GLU C 152 -6.35 -10.77 -4.32
CA GLU C 152 -5.42 -10.17 -5.27
C GLU C 152 -3.98 -10.33 -4.79
N SER C 153 -3.74 -10.09 -3.50
CA SER C 153 -2.40 -10.23 -2.91
C SER C 153 -1.86 -11.65 -3.07
N LEU C 154 -2.69 -12.63 -2.79
CA LEU C 154 -2.28 -14.04 -2.83
C LEU C 154 -2.36 -14.67 -4.23
N GLY C 155 -2.85 -13.90 -5.19
CA GLY C 155 -3.02 -14.37 -6.56
C GLY C 155 -4.06 -15.47 -6.72
N LEU C 156 -5.10 -15.41 -5.90
CA LEU C 156 -6.18 -16.39 -5.98
C LEU C 156 -7.11 -16.06 -7.14
N ASP C 157 -7.86 -17.05 -7.60
CA ASP C 157 -8.91 -16.85 -8.59
C ASP C 157 -10.07 -16.20 -7.84
N GLU C 158 -10.22 -14.89 -8.00
CA GLU C 158 -11.22 -14.15 -7.22
C GLU C 158 -12.65 -14.62 -7.47
N LYS C 159 -12.96 -14.99 -8.72
CA LYS C 159 -14.29 -15.51 -9.07
C LYS C 159 -14.61 -16.80 -8.32
N GLU C 160 -13.60 -17.66 -8.19
CA GLU C 160 -13.72 -18.94 -7.49
C GLU C 160 -13.98 -18.72 -6.00
N ILE C 161 -13.24 -17.79 -5.39
CA ILE C 161 -13.40 -17.47 -3.98
C ILE C 161 -14.78 -16.86 -3.69
N PHE C 162 -15.12 -15.81 -4.42
CA PHE C 162 -16.39 -15.13 -4.23
C PHE C 162 -17.62 -16.00 -4.55
N ASN C 163 -17.48 -16.97 -5.46
CA ASN C 163 -18.59 -17.88 -5.76
C ASN C 163 -18.67 -19.11 -4.83
N ALA C 164 -17.82 -19.16 -3.80
CA ALA C 164 -17.74 -20.33 -2.91
C ALA C 164 -19.09 -20.71 -2.30
N TYR C 165 -19.92 -19.71 -2.02
CA TYR C 165 -21.21 -19.98 -1.38
C TYR C 165 -22.22 -20.65 -2.30
N ASN C 166 -21.86 -20.76 -3.58
CA ASN C 166 -22.63 -21.51 -4.56
C ASN C 166 -21.99 -22.85 -4.93
N GLU C 167 -20.73 -23.04 -4.52
CA GLU C 167 -19.96 -24.22 -4.92
C GLU C 167 -19.58 -25.17 -3.79
N ARG C 168 -19.61 -24.69 -2.54
CA ARG C 168 -19.29 -25.53 -1.39
C ARG C 168 -20.54 -25.72 -0.54
N ALA C 169 -20.96 -26.98 -0.38
CA ALA C 169 -22.21 -27.33 0.29
C ALA C 169 -22.36 -26.80 1.72
N ALA C 170 -21.31 -26.89 2.53
CA ALA C 170 -21.35 -26.42 3.93
C ALA C 170 -21.44 -24.90 4.03
N ILE C 171 -20.86 -24.18 3.08
CA ILE C 171 -21.01 -22.72 3.00
C ILE C 171 -22.43 -22.36 2.54
N LYS C 172 -22.88 -23.00 1.46
CA LYS C 172 -24.22 -22.79 0.94
C LYS C 172 -25.29 -23.07 2.00
N ALA C 173 -25.09 -24.12 2.79
CA ALA C 173 -26.03 -24.48 3.86
C ALA C 173 -26.18 -23.34 4.87
N LYS C 174 -25.07 -22.74 5.26
CA LYS C 174 -25.09 -21.57 6.14
C LYS C 174 -25.84 -20.37 5.54
N ASP C 175 -25.58 -20.08 4.28
CA ASP C 175 -26.17 -18.92 3.64
C ASP C 175 -27.63 -19.11 3.23
N ASP C 176 -28.03 -20.35 2.92
CA ASP C 176 -29.43 -20.68 2.64
C ASP C 176 -30.24 -20.52 3.93
N PHE C 177 -29.65 -20.96 5.05
CA PHE C 177 -30.22 -20.74 6.38
C PHE C 177 -30.35 -19.25 6.67
N GLN C 178 -29.32 -18.49 6.35
CA GLN C 178 -29.34 -17.04 6.53
C GLN C 178 -30.50 -16.40 5.77
N MET C 179 -30.74 -16.90 4.54
CA MET C 179 -31.85 -16.42 3.71
C MET C 179 -33.19 -16.72 4.38
N GLU C 180 -33.33 -17.92 4.94
CA GLU C 180 -34.54 -18.32 5.66
C GLU C 180 -34.82 -17.42 6.85
N ILE C 181 -33.80 -17.16 7.67
CA ILE C 181 -33.96 -16.36 8.89
C ILE C 181 -34.09 -14.85 8.62
N THR C 182 -33.79 -14.44 7.39
CA THR C 182 -33.98 -13.07 6.94
C THR C 182 -35.46 -12.75 6.93
N GLY C 183 -36.27 -13.79 6.73
CA GLY C 183 -37.72 -13.68 6.76
C GLY C 183 -38.23 -12.86 5.59
N LYS C 184 -39.44 -12.33 5.76
CA LYS C 184 -40.09 -11.55 4.71
C LYS C 184 -39.84 -10.05 4.88
N VAL C 185 -38.72 -9.68 5.50
CA VAL C 185 -38.45 -8.25 5.77
C VAL C 185 -38.30 -7.43 4.47
N LEU C 186 -37.87 -8.08 3.39
CA LEU C 186 -37.76 -7.42 2.08
C LEU C 186 -39.09 -7.34 1.32
N ASP C 187 -40.11 -8.05 1.79
CA ASP C 187 -41.43 -8.06 1.19
C ASP C 187 -41.98 -6.63 1.11
N PRO C 188 -42.55 -6.24 -0.05
CA PRO C 188 -43.06 -4.88 -0.15
C PRO C 188 -44.16 -4.58 0.87
N ASN C 189 -44.88 -5.61 1.32
CA ASN C 189 -45.95 -5.47 2.29
C ASN C 189 -45.50 -5.61 3.75
N PHE C 190 -44.20 -5.82 3.96
CA PHE C 190 -43.70 -6.04 5.32
C PHE C 190 -43.82 -4.80 6.21
N ARG C 191 -44.34 -5.01 7.42
CA ARG C 191 -44.50 -3.95 8.41
C ARG C 191 -44.13 -4.44 9.80
N THR C 192 -43.61 -3.54 10.63
CA THR C 192 -43.27 -3.87 12.02
C THR C 192 -44.33 -3.42 13.03
N ASP C 193 -45.48 -2.97 12.55
CA ASP C 193 -46.51 -2.41 13.44
C ASP C 193 -47.46 -3.43 14.09
N SER C 194 -47.21 -4.72 13.84
CA SER C 194 -47.92 -5.78 14.54
C SER C 194 -46.95 -6.57 15.41
N VAL C 195 -47.46 -7.28 16.41
CA VAL C 195 -46.62 -8.13 17.26
C VAL C 195 -45.85 -9.10 16.35
N GLU C 196 -46.55 -9.74 15.42
CA GLU C 196 -45.97 -10.76 14.56
C GLU C 196 -44.92 -10.18 13.61
N GLY C 197 -45.20 -9.00 13.06
CA GLY C 197 -44.26 -8.31 12.17
C GLY C 197 -42.98 -7.89 12.90
N LEU C 198 -43.15 -7.30 14.08
CA LEU C 198 -42.00 -6.92 14.89
C LEU C 198 -41.21 -8.15 15.33
N GLN C 199 -41.90 -9.24 15.66
CA GLN C 199 -41.20 -10.49 16.00
C GLN C 199 -40.37 -10.99 14.84
N GLU C 200 -40.93 -10.92 13.62
CA GLU C 200 -40.20 -11.31 12.41
C GLU C 200 -38.96 -10.43 12.22
N PHE C 201 -39.13 -9.13 12.50
CA PHE C 201 -38.04 -8.17 12.38
C PHE C 201 -36.92 -8.48 13.38
N VAL C 202 -37.31 -8.78 14.62
CA VAL C 202 -36.38 -9.19 15.67
C VAL C 202 -35.63 -10.47 15.28
N LYS C 203 -36.33 -11.43 14.67
CA LYS C 203 -35.65 -12.65 14.19
C LYS C 203 -34.61 -12.34 13.11
N ASN C 204 -34.88 -11.35 12.26
CA ASN C 204 -33.88 -10.88 11.28
C ASN C 204 -32.66 -10.32 12.02
N LEU C 205 -32.89 -9.45 13.01
CA LEU C 205 -31.80 -8.88 13.82
C LEU C 205 -30.98 -9.98 14.51
N VAL C 206 -31.65 -10.95 15.10
CA VAL C 206 -30.97 -12.11 15.70
C VAL C 206 -30.16 -12.83 14.63
N GLY C 207 -30.80 -13.08 13.49
CA GLY C 207 -30.16 -13.78 12.38
C GLY C 207 -28.86 -13.13 11.93
N TYR C 208 -28.85 -11.80 11.81
CA TYR C 208 -27.65 -11.10 11.32
C TYR C 208 -26.63 -10.72 12.39
N TYR C 209 -27.08 -10.08 13.45
CA TYR C 209 -26.16 -9.65 14.54
C TYR C 209 -25.68 -10.82 15.40
N ILE C 210 -26.62 -11.63 15.89
CA ILE C 210 -26.30 -12.72 16.80
C ILE C 210 -25.69 -13.93 16.07
N ILE C 211 -26.35 -14.37 15.00
CA ILE C 211 -25.94 -15.60 14.32
C ILE C 211 -24.81 -15.39 13.32
N MET C 212 -25.02 -14.55 12.31
CA MET C 212 -24.01 -14.36 11.27
C MET C 212 -22.76 -13.65 11.84
N GLU C 213 -22.96 -12.47 12.40
CA GLU C 213 -21.85 -11.71 12.94
C GLU C 213 -21.34 -12.31 14.26
N GLY C 214 -22.24 -12.74 15.12
CA GLY C 214 -21.85 -13.13 16.49
C GLY C 214 -21.42 -14.58 16.67
N ILE C 215 -21.82 -15.46 15.74
CA ILE C 215 -21.43 -16.88 15.81
C ILE C 215 -20.60 -17.33 14.59
N PHE C 216 -21.19 -17.25 13.39
CA PHE C 216 -20.49 -17.64 12.15
C PHE C 216 -19.15 -16.91 11.99
N PHE C 217 -19.14 -15.61 12.21
CA PHE C 217 -17.89 -14.86 12.02
C PHE C 217 -16.83 -15.15 13.07
N TYR C 218 -17.25 -15.23 14.33
CA TYR C 218 -16.32 -15.53 15.45
C TYR C 218 -15.68 -16.91 15.32
N SER C 219 -16.42 -17.87 14.78
CA SER C 219 -15.86 -19.19 14.49
C SER C 219 -14.77 -19.08 13.42
N GLY C 220 -15.05 -18.31 12.36
CA GLY C 220 -14.05 -17.97 11.35
C GLY C 220 -12.84 -17.28 11.95
N PHE C 221 -13.07 -16.29 12.82
CA PHE C 221 -11.97 -15.55 13.47
C PHE C 221 -10.98 -16.49 14.17
N VAL C 222 -11.46 -17.49 14.89
CA VAL C 222 -10.51 -18.36 15.62
C VAL C 222 -9.73 -19.26 14.69
N MET C 223 -10.35 -19.68 13.59
CA MET C 223 -9.69 -20.51 12.59
C MET C 223 -8.51 -19.77 11.97
N ILE C 224 -8.77 -18.53 11.54
CA ILE C 224 -7.76 -17.70 10.91
C ILE C 224 -6.72 -17.20 11.92
N LEU C 225 -7.17 -16.71 13.08
CA LEU C 225 -6.22 -16.18 14.09
C LEU C 225 -5.35 -17.29 14.72
N SER C 226 -5.76 -18.55 14.55
CA SER C 226 -4.94 -19.69 14.92
C SER C 226 -3.62 -19.75 14.13
N PHE C 227 -3.67 -19.27 12.88
CA PHE C 227 -2.48 -19.16 12.03
C PHE C 227 -1.60 -18.02 12.51
N HIS C 228 -2.20 -16.86 12.70
CA HIS C 228 -1.51 -15.67 13.23
C HIS C 228 -0.75 -15.98 14.53
N ARG C 229 -1.42 -16.70 15.43
CA ARG C 229 -0.82 -17.19 16.70
C ARG C 229 0.50 -17.96 16.52
N GLN C 230 0.61 -18.68 15.40
CA GLN C 230 1.83 -19.44 15.07
C GLN C 230 2.73 -18.75 14.05
N ASN C 231 2.57 -17.43 13.93
CA ASN C 231 3.37 -16.61 13.01
C ASN C 231 3.21 -17.04 11.53
N LYS C 232 2.01 -17.50 11.19
CA LYS C 232 1.66 -17.87 9.81
C LYS C 232 0.51 -16.99 9.29
N MET C 233 0.65 -16.52 8.05
CA MET C 233 -0.35 -15.65 7.42
C MET C 233 -0.73 -14.48 8.32
N ILE C 234 0.29 -13.77 8.79
CA ILE C 234 0.13 -12.70 9.77
C ILE C 234 -0.55 -11.46 9.20
N GLY C 235 -0.42 -11.26 7.89
CA GLY C 235 -1.09 -10.16 7.20
C GLY C 235 -2.60 -10.36 7.22
N ILE C 236 -3.03 -11.56 6.85
CA ILE C 236 -4.45 -11.93 6.94
C ILE C 236 -4.91 -11.83 8.38
N GLY C 237 -4.09 -12.33 9.31
CA GLY C 237 -4.38 -12.28 10.74
C GLY C 237 -4.62 -10.86 11.26
N GLU C 238 -3.76 -9.92 10.87
CA GLU C 238 -3.92 -8.53 11.28
C GLU C 238 -5.20 -7.93 10.68
N GLN C 239 -5.49 -8.26 9.43
CA GLN C 239 -6.74 -7.78 8.83
C GLN C 239 -7.94 -8.30 9.62
N TYR C 240 -7.92 -9.57 9.97
CA TYR C 240 -8.98 -10.15 10.78
C TYR C 240 -9.09 -9.55 12.18
N GLN C 241 -7.96 -9.10 12.73
CA GLN C 241 -7.98 -8.41 14.03
C GLN C 241 -8.72 -7.08 13.92
N TYR C 242 -8.49 -6.34 12.84
CA TYR C 242 -9.24 -5.11 12.61
C TYR C 242 -10.73 -5.40 12.37
N ILE C 243 -11.02 -6.49 11.65
CA ILE C 243 -12.43 -6.89 11.41
C ILE C 243 -13.08 -7.24 12.73
N LEU C 244 -12.37 -8.03 13.56
CA LEU C 244 -12.89 -8.38 14.88
C LEU C 244 -13.20 -7.13 15.73
N ARG C 245 -12.32 -6.13 15.69
CA ARG C 245 -12.55 -4.91 16.45
C ARG C 245 -13.88 -4.25 16.01
N ASP C 246 -14.11 -4.18 14.69
CA ASP C 246 -15.38 -3.68 14.15
C ASP C 246 -16.56 -4.53 14.59
N GLU C 247 -16.45 -5.84 14.40
CA GLU C 247 -17.56 -6.76 14.66
C GLU C 247 -17.96 -6.79 16.13
N THR C 248 -17.00 -6.52 17.02
CA THR C 248 -17.30 -6.37 18.44
C THR C 248 -18.37 -5.31 18.64
N ILE C 249 -18.19 -4.17 17.98
CA ILE C 249 -19.17 -3.09 18.06
C ILE C 249 -20.46 -3.43 17.31
N HIS C 250 -20.36 -4.07 16.15
CA HIS C 250 -21.56 -4.49 15.41
C HIS C 250 -22.46 -5.34 16.34
N LEU C 251 -21.85 -6.33 16.95
CA LEU C 251 -22.55 -7.21 17.88
C LEU C 251 -23.08 -6.43 19.09
N ASN C 252 -22.25 -5.57 19.69
CA ASN C 252 -22.72 -4.80 20.87
C ASN C 252 -23.93 -3.93 20.52
N PHE C 253 -23.89 -3.32 19.35
CA PHE C 253 -25.03 -2.53 18.87
C PHE C 253 -26.28 -3.39 18.64
N GLY C 254 -26.12 -4.51 17.93
CA GLY C 254 -27.25 -5.39 17.62
C GLY C 254 -27.93 -5.89 18.89
N ILE C 255 -27.12 -6.23 19.88
CA ILE C 255 -27.63 -6.71 21.17
C ILE C 255 -28.42 -5.58 21.84
N ASP C 256 -27.86 -4.38 21.85
CA ASP C 256 -28.50 -3.23 22.47
C ASP C 256 -29.82 -2.91 21.76
N LEU C 257 -29.83 -3.01 20.44
CA LEU C 257 -31.02 -2.75 19.64
C LEU C 257 -32.12 -3.79 19.90
N ILE C 258 -31.74 -5.07 19.92
CA ILE C 258 -32.68 -6.15 20.25
C ILE C 258 -33.27 -5.90 21.65
N ASN C 259 -32.40 -5.64 22.61
CA ASN C 259 -32.85 -5.42 24.00
C ASN C 259 -33.70 -4.15 24.15
N GLY C 260 -33.35 -3.11 23.40
CA GLY C 260 -34.13 -1.86 23.39
C GLY C 260 -35.51 -2.05 22.80
N ILE C 261 -35.59 -2.78 21.68
CA ILE C 261 -36.87 -3.11 21.07
C ILE C 261 -37.75 -3.93 22.04
N LYS C 262 -37.16 -4.96 22.66
CA LYS C 262 -37.86 -5.74 23.70
C LYS C 262 -38.42 -4.86 24.82
N GLU C 263 -37.59 -3.95 25.33
CA GLU C 263 -37.95 -3.07 26.44
C GLU C 263 -39.13 -2.15 26.10
N GLU C 264 -39.16 -1.66 24.88
CA GLU C 264 -40.18 -0.73 24.41
C GLU C 264 -41.44 -1.45 23.92
N ASN C 265 -41.30 -2.74 23.62
CA ASN C 265 -42.40 -3.57 23.12
C ASN C 265 -42.43 -4.93 23.83
N PRO C 266 -42.63 -4.92 25.16
CA PRO C 266 -42.47 -6.17 25.94
C PRO C 266 -43.37 -7.32 25.49
N GLU C 267 -44.51 -7.01 24.87
CA GLU C 267 -45.45 -8.06 24.45
C GLU C 267 -44.92 -8.96 23.33
N ILE C 268 -43.83 -8.56 22.66
CA ILE C 268 -43.25 -9.41 21.63
C ILE C 268 -42.39 -10.55 22.23
N TRP C 269 -41.93 -10.37 23.46
CA TRP C 269 -40.96 -11.29 24.07
C TRP C 269 -41.68 -12.45 24.76
N THR C 270 -42.41 -13.21 23.97
CA THR C 270 -43.21 -14.32 24.46
C THR C 270 -42.38 -15.59 24.62
N PRO C 271 -42.86 -16.55 25.43
CA PRO C 271 -42.20 -17.84 25.48
C PRO C 271 -42.00 -18.41 24.07
N GLU C 272 -42.98 -18.19 23.18
CA GLU C 272 -42.93 -18.69 21.80
C GLU C 272 -41.78 -18.10 20.98
N LEU C 273 -41.63 -16.77 21.00
CA LEU C 273 -40.51 -16.14 20.31
C LEU C 273 -39.17 -16.54 20.93
N GLN C 274 -39.11 -16.49 22.27
CA GLN C 274 -37.90 -16.91 22.98
C GLN C 274 -37.45 -18.30 22.55
N GLN C 275 -38.37 -19.25 22.50
CA GLN C 275 -38.03 -20.60 22.10
C GLN C 275 -37.59 -20.66 20.64
N GLU C 276 -38.23 -19.90 19.76
CA GLU C 276 -37.85 -19.92 18.35
C GLU C 276 -36.45 -19.38 18.11
N ILE C 277 -36.11 -18.31 18.84
CA ILE C 277 -34.76 -17.75 18.81
C ILE C 277 -33.72 -18.77 19.28
N VAL C 278 -34.03 -19.48 20.36
CA VAL C 278 -33.17 -20.59 20.83
C VAL C 278 -32.98 -21.64 19.74
N GLU C 279 -34.07 -22.05 19.09
CA GLU C 279 -33.98 -23.04 18.00
C GLU C 279 -33.18 -22.54 16.79
N LEU C 280 -33.29 -21.26 16.46
CA LEU C 280 -32.49 -20.69 15.37
C LEU C 280 -31.01 -20.72 15.72
N ILE C 281 -30.69 -20.37 16.97
CA ILE C 281 -29.30 -20.42 17.43
C ILE C 281 -28.75 -21.85 17.42
N LYS C 282 -29.58 -22.80 17.87
CA LYS C 282 -29.21 -24.22 17.80
C LYS C 282 -28.91 -24.67 16.37
N ARG C 283 -29.76 -24.28 15.43
CA ARG C 283 -29.57 -24.64 14.02
C ARG C 283 -28.28 -24.04 13.48
N ALA C 284 -28.03 -22.79 13.88
CA ALA C 284 -26.82 -22.06 13.47
C ALA C 284 -25.56 -22.78 13.96
N VAL C 285 -25.60 -23.19 15.22
CA VAL C 285 -24.49 -23.90 15.84
C VAL C 285 -24.23 -25.21 15.08
N ASP C 286 -25.29 -25.97 14.82
CA ASP C 286 -25.16 -27.25 14.09
C ASP C 286 -24.54 -27.03 12.69
N LEU C 287 -25.01 -25.97 12.00
CA LEU C 287 -24.50 -25.62 10.68
C LEU C 287 -23.04 -25.19 10.71
N GLU C 288 -22.67 -24.40 11.72
CA GLU C 288 -21.29 -23.94 11.88
C GLU C 288 -20.34 -25.10 12.20
N ILE C 289 -20.82 -26.04 13.00
CA ILE C 289 -20.06 -27.25 13.33
C ILE C 289 -19.83 -28.10 12.06
N GLU C 290 -20.86 -28.27 11.24
CA GLU C 290 -20.70 -28.97 9.96
C GLU C 290 -19.68 -28.25 9.07
N TYR C 291 -19.76 -26.92 9.05
CA TYR C 291 -18.80 -26.11 8.32
C TYR C 291 -17.38 -26.27 8.83
N ALA C 292 -17.20 -26.21 10.15
CA ALA C 292 -15.89 -26.39 10.78
C ALA C 292 -15.27 -27.75 10.45
N GLN C 293 -16.10 -28.78 10.39
CA GLN C 293 -15.65 -30.12 10.02
C GLN C 293 -15.26 -30.21 8.55
N ASP C 294 -15.92 -29.42 7.71
CA ASP C 294 -15.54 -29.30 6.31
C ASP C 294 -14.21 -28.56 6.19
N CYS C 295 -14.00 -27.55 7.04
CA CYS C 295 -12.74 -26.80 7.08
C CYS C 295 -11.57 -27.62 7.62
N LEU C 296 -11.80 -28.40 8.68
CA LEU C 296 -10.75 -29.14 9.38
C LEU C 296 -11.12 -30.59 9.63
N PRO C 297 -11.17 -31.42 8.58
CA PRO C 297 -11.50 -32.84 8.80
C PRO C 297 -10.49 -33.55 9.72
N ARG C 298 -9.26 -33.05 9.76
CA ARG C 298 -8.19 -33.66 10.55
C ARG C 298 -7.59 -32.70 11.59
N GLY C 299 -8.23 -31.53 11.75
CA GLY C 299 -7.67 -30.46 12.55
C GLY C 299 -6.54 -29.77 11.79
N ILE C 300 -5.92 -28.77 12.41
CA ILE C 300 -4.75 -28.08 11.86
C ILE C 300 -3.92 -27.54 13.00
N LEU C 301 -2.63 -27.28 12.72
CA LEU C 301 -1.75 -26.59 13.65
C LEU C 301 -1.68 -27.30 15.01
N GLY C 302 -1.78 -28.63 14.98
CA GLY C 302 -1.76 -29.45 16.20
C GLY C 302 -3.02 -29.31 17.05
N LEU C 303 -4.07 -28.75 16.46
CA LEU C 303 -5.33 -28.48 17.16
C LEU C 303 -6.43 -29.35 16.58
N ARG C 304 -7.07 -30.15 17.43
CA ARG C 304 -8.18 -31.01 17.03
C ARG C 304 -9.39 -30.19 16.63
N ALA C 305 -10.20 -30.75 15.74
CA ALA C 305 -11.44 -30.11 15.28
C ALA C 305 -12.42 -29.91 16.43
N SER C 306 -12.37 -30.81 17.42
CA SER C 306 -13.22 -30.74 18.60
C SER C 306 -13.07 -29.43 19.37
N MET C 307 -11.88 -28.83 19.31
CA MET C 307 -11.63 -27.53 19.94
C MET C 307 -12.44 -26.43 19.27
N PHE C 308 -12.41 -26.40 17.94
CA PHE C 308 -13.14 -25.40 17.16
C PHE C 308 -14.64 -25.59 17.27
N ILE C 309 -15.07 -26.85 17.33
CA ILE C 309 -16.47 -27.21 17.57
C ILE C 309 -16.95 -26.76 18.97
N ASP C 310 -16.10 -26.97 19.98
CA ASP C 310 -16.39 -26.53 21.34
C ASP C 310 -16.52 -25.01 21.43
N TYR C 311 -15.67 -24.31 20.71
CA TYR C 311 -15.68 -22.85 20.72
C TYR C 311 -17.02 -22.31 20.20
N VAL C 312 -17.56 -22.95 19.16
CA VAL C 312 -18.84 -22.55 18.59
C VAL C 312 -19.93 -22.62 19.66
N GLN C 313 -19.95 -23.71 20.42
CA GLN C 313 -20.94 -23.86 21.50
C GLN C 313 -20.76 -22.81 22.60
N HIS C 314 -19.51 -22.54 22.97
CA HIS C 314 -19.20 -21.56 24.00
C HIS C 314 -19.72 -20.17 23.61
N ILE C 315 -19.38 -19.72 22.41
CA ILE C 315 -19.78 -18.37 21.96
C ILE C 315 -21.29 -18.23 21.85
N ALA C 316 -21.97 -19.28 21.38
CA ALA C 316 -23.44 -19.27 21.27
C ALA C 316 -24.11 -19.03 22.63
N ASP C 317 -23.64 -19.72 23.67
CA ASP C 317 -24.10 -19.47 25.04
C ASP C 317 -23.92 -18.01 25.46
N ARG C 318 -22.78 -17.43 25.12
CA ARG C 318 -22.50 -16.02 25.46
C ARG C 318 -23.48 -15.07 24.76
N ARG C 319 -23.81 -15.38 23.51
CA ARG C 319 -24.78 -14.57 22.76
C ARG C 319 -26.18 -14.71 23.35
N LEU C 320 -26.57 -15.93 23.71
CA LEU C 320 -27.85 -16.17 24.37
C LEU C 320 -28.02 -15.31 25.63
N GLU C 321 -27.02 -15.36 26.52
CA GLU C 321 -27.05 -14.60 27.77
C GLU C 321 -27.31 -13.12 27.54
N ARG C 322 -26.67 -12.57 26.51
CA ARG C 322 -26.71 -11.13 26.26
C ARG C 322 -28.09 -10.62 25.85
N ILE C 323 -28.91 -11.50 25.30
CA ILE C 323 -30.31 -11.15 24.95
C ILE C 323 -31.34 -11.81 25.89
N GLY C 324 -30.88 -12.17 27.08
CA GLY C 324 -31.77 -12.62 28.16
C GLY C 324 -32.25 -14.05 28.05
N LEU C 325 -31.50 -14.89 27.36
CA LEU C 325 -31.82 -16.32 27.27
C LEU C 325 -30.76 -17.15 27.98
N LYS C 326 -31.15 -18.32 28.49
CA LYS C 326 -30.23 -19.18 29.23
C LYS C 326 -29.25 -19.88 28.30
N PRO C 327 -27.99 -20.04 28.74
CA PRO C 327 -27.04 -20.84 27.98
C PRO C 327 -27.55 -22.27 27.91
N ILE C 328 -27.17 -23.01 26.88
CA ILE C 328 -27.72 -24.34 26.67
C ILE C 328 -26.65 -25.41 26.52
N TYR C 329 -25.45 -25.01 26.10
CA TYR C 329 -24.36 -25.95 25.84
C TYR C 329 -23.45 -26.14 27.04
N HIS C 330 -23.21 -25.06 27.79
CA HIS C 330 -22.36 -25.05 28.99
C HIS C 330 -20.90 -25.43 28.74
N THR C 331 -20.48 -25.34 27.47
CA THR C 331 -19.14 -25.70 27.03
C THR C 331 -18.13 -24.60 27.39
N LYS C 332 -16.96 -25.03 27.89
CA LYS C 332 -15.91 -24.09 28.29
C LYS C 332 -15.12 -23.62 27.06
N ASN C 333 -14.55 -22.42 27.15
CA ASN C 333 -13.80 -21.84 26.03
C ASN C 333 -12.41 -22.50 25.88
N PRO C 334 -12.20 -23.23 24.76
CA PRO C 334 -10.93 -23.93 24.56
C PRO C 334 -9.79 -22.99 24.16
N PHE C 335 -10.10 -21.76 23.79
CA PHE C 335 -9.11 -20.79 23.35
C PHE C 335 -9.03 -19.58 24.27
N PRO C 336 -8.38 -19.71 25.44
CA PRO C 336 -8.17 -18.56 26.31
C PRO C 336 -7.56 -17.35 25.58
N TRP C 337 -6.65 -17.61 24.63
CA TRP C 337 -6.02 -16.53 23.85
C TRP C 337 -7.02 -15.72 23.05
N MET C 338 -8.08 -16.37 22.59
CA MET C 338 -9.12 -15.70 21.82
C MET C 338 -9.86 -14.69 22.69
N SER C 339 -10.18 -15.09 23.92
CA SER C 339 -10.80 -14.18 24.87
C SER C 339 -9.87 -12.99 25.18
N GLU C 340 -8.56 -13.25 25.18
CA GLU C 340 -7.54 -12.20 25.31
C GLU C 340 -7.58 -11.23 24.12
N THR C 341 -7.66 -11.78 22.90
CA THR C 341 -7.76 -10.97 21.68
C THR C 341 -9.07 -10.17 21.66
N ILE C 342 -10.16 -10.82 22.04
CA ILE C 342 -11.46 -10.16 22.19
C ILE C 342 -11.36 -9.00 23.20
N ASP C 343 -10.72 -9.25 24.34
CA ASP C 343 -10.58 -8.23 25.40
C ASP C 343 -9.70 -7.03 25.00
N LEU C 344 -8.62 -7.30 24.29
CA LEU C 344 -7.75 -6.24 23.77
C LEU C 344 -8.49 -5.38 22.75
N ASN C 345 -9.48 -5.98 22.09
CA ASN C 345 -10.27 -5.31 21.06
C ASN C 345 -11.70 -4.96 21.49
N LYS C 346 -11.95 -5.00 22.80
CA LYS C 346 -13.25 -4.62 23.36
C LYS C 346 -13.56 -3.14 23.09
N GLU C 347 -14.84 -2.81 23.06
CA GLU C 347 -15.28 -1.46 22.77
C GLU C 347 -15.09 -0.54 23.98
N SER D 19 -3.99 -24.52 -3.80
CA SER D 19 -4.28 -23.06 -3.82
C SER D 19 -5.58 -22.70 -4.57
N HIS D 20 -6.23 -23.72 -5.14
CA HIS D 20 -7.59 -23.60 -5.65
C HIS D 20 -8.50 -24.29 -4.66
N MET D 21 -9.71 -23.76 -4.45
CA MET D 21 -10.65 -24.45 -3.59
C MET D 21 -11.65 -25.30 -4.37
N GLN D 22 -11.87 -26.52 -3.89
CA GLN D 22 -12.62 -27.53 -4.62
C GLN D 22 -14.12 -27.45 -4.35
N ALA D 23 -14.90 -27.48 -5.42
CA ALA D 23 -16.35 -27.47 -5.32
C ALA D 23 -16.90 -28.88 -5.10
N ASP D 24 -17.88 -29.01 -4.20
CA ASP D 24 -18.64 -30.25 -4.09
C ASP D 24 -20.07 -30.09 -4.61
N ILE D 25 -20.36 -28.91 -5.15
CA ILE D 25 -21.57 -28.69 -5.94
C ILE D 25 -21.09 -28.32 -7.36
N LEU D 26 -21.16 -29.29 -8.27
CA LEU D 26 -20.60 -29.14 -9.61
C LEU D 26 -21.41 -28.19 -10.50
N ASP D 27 -22.68 -28.03 -10.15
CA ASP D 27 -23.60 -27.12 -10.83
C ASP D 27 -23.35 -25.65 -10.45
N GLY D 28 -22.55 -25.43 -9.40
CA GLY D 28 -22.33 -24.10 -8.83
C GLY D 28 -21.51 -23.11 -9.65
N LYS D 29 -20.57 -23.62 -10.44
CA LYS D 29 -19.65 -22.79 -11.23
C LYS D 29 -20.37 -21.86 -12.20
N GLN D 30 -21.58 -22.24 -12.59
CA GLN D 30 -22.44 -21.47 -13.49
C GLN D 30 -22.77 -20.09 -12.92
N LYS D 31 -22.78 -20.00 -11.59
CA LYS D 31 -23.17 -18.78 -10.88
C LYS D 31 -22.06 -17.74 -10.76
N ARG D 32 -20.84 -18.10 -11.18
CA ARG D 32 -19.75 -17.15 -11.32
C ARG D 32 -20.18 -16.06 -12.29
N VAL D 33 -19.90 -14.81 -11.93
CA VAL D 33 -20.44 -13.67 -12.67
C VAL D 33 -19.61 -13.32 -13.90
N ASN D 34 -20.28 -13.23 -15.04
CA ASN D 34 -19.67 -12.75 -16.27
C ASN D 34 -19.62 -11.22 -16.28
N LEU D 35 -18.40 -10.70 -16.35
CA LEU D 35 -18.14 -9.26 -16.37
C LEU D 35 -19.08 -8.49 -17.31
N ASN D 36 -19.23 -9.00 -18.53
CA ASN D 36 -20.00 -8.34 -19.58
C ASN D 36 -21.51 -8.29 -19.37
N SER D 37 -22.01 -9.13 -18.45
CA SER D 37 -23.45 -9.17 -18.19
C SER D 37 -23.89 -8.22 -17.06
N LYS D 38 -22.90 -7.60 -16.39
CA LYS D 38 -23.19 -6.64 -15.32
C LYS D 38 -23.76 -5.33 -15.89
N ARG D 39 -24.76 -4.78 -15.19
CA ARG D 39 -25.41 -3.53 -15.59
C ARG D 39 -25.70 -2.68 -14.36
N LEU D 40 -25.81 -1.37 -14.56
CA LEU D 40 -26.06 -0.44 -13.44
C LEU D 40 -27.45 -0.56 -12.84
N VAL D 41 -28.45 -0.81 -13.69
CA VAL D 41 -29.82 -0.98 -13.23
C VAL D 41 -30.44 -2.23 -13.86
N ASN D 42 -31.51 -2.73 -13.24
CA ASN D 42 -32.30 -3.85 -13.76
C ASN D 42 -31.49 -5.14 -13.99
N CYS D 43 -30.43 -5.34 -13.22
CA CYS D 43 -29.58 -6.50 -13.38
C CYS D 43 -29.96 -7.58 -12.36
N ASN D 44 -30.80 -8.52 -12.80
CA ASN D 44 -31.15 -9.69 -11.98
C ASN D 44 -30.65 -11.00 -12.58
N GLN D 45 -29.96 -10.90 -13.72
CA GLN D 45 -29.46 -12.06 -14.45
C GLN D 45 -28.18 -12.66 -13.83
N VAL D 46 -27.50 -11.87 -12.99
CA VAL D 46 -26.33 -12.35 -12.25
C VAL D 46 -26.37 -11.97 -10.76
N ASP D 47 -25.46 -12.57 -10.01
CA ASP D 47 -25.39 -12.46 -8.56
C ASP D 47 -24.89 -11.08 -8.10
N VAL D 48 -25.80 -10.26 -7.60
CA VAL D 48 -25.46 -8.88 -7.18
C VAL D 48 -24.63 -8.83 -5.89
N ASN D 49 -24.58 -9.94 -5.16
CA ASN D 49 -23.83 -10.05 -3.92
C ASN D 49 -22.31 -10.14 -4.08
N GLN D 50 -21.87 -10.78 -5.17
CA GLN D 50 -20.44 -10.96 -5.41
C GLN D 50 -19.86 -9.71 -6.03
N LEU D 51 -18.85 -9.14 -5.37
CA LEU D 51 -18.22 -7.93 -5.86
C LEU D 51 -17.54 -8.15 -7.23
N VAL D 52 -16.91 -9.31 -7.39
CA VAL D 52 -16.08 -9.61 -8.56
C VAL D 52 -16.84 -10.28 -9.71
N PRO D 53 -16.39 -10.06 -10.97
CA PRO D 53 -15.32 -9.15 -11.34
C PRO D 53 -15.83 -7.71 -11.43
N ILE D 54 -15.00 -6.76 -11.00
CA ILE D 54 -15.40 -5.34 -11.04
C ILE D 54 -15.51 -4.85 -12.48
N LYS D 55 -16.67 -4.33 -12.86
CA LYS D 55 -16.88 -3.76 -14.20
C LYS D 55 -16.69 -2.24 -14.22
N TYR D 56 -17.41 -1.54 -13.33
CA TYR D 56 -17.38 -0.10 -13.33
C TYR D 56 -16.22 0.38 -12.50
N LYS D 57 -15.07 0.45 -13.15
CA LYS D 57 -13.82 0.88 -12.53
C LYS D 57 -13.94 2.29 -11.95
N TRP D 58 -14.69 3.16 -12.64
CA TRP D 58 -14.95 4.52 -12.13
C TRP D 58 -15.64 4.51 -10.77
N ALA D 59 -16.60 3.60 -10.59
CA ALA D 59 -17.30 3.48 -9.31
C ALA D 59 -16.36 3.00 -8.20
N TRP D 60 -15.57 1.98 -8.51
CA TRP D 60 -14.59 1.46 -7.57
C TRP D 60 -13.54 2.52 -7.21
N GLU D 61 -13.10 3.27 -8.21
CA GLU D 61 -12.14 4.36 -7.97
C GLU D 61 -12.71 5.44 -7.05
N HIS D 62 -13.98 5.81 -7.24
CA HIS D 62 -14.64 6.78 -6.35
C HIS D 62 -14.64 6.24 -4.93
N TYR D 63 -14.89 4.95 -4.79
CA TYR D 63 -14.91 4.31 -3.46
C TYR D 63 -13.55 4.38 -2.76
N LEU D 64 -12.49 4.00 -3.48
CA LEU D 64 -11.12 4.03 -2.94
C LEU D 64 -10.69 5.46 -2.60
N ASN D 65 -11.09 6.41 -3.45
CA ASN D 65 -10.83 7.83 -3.21
C ASN D 65 -11.53 8.36 -1.96
N GLY D 66 -12.81 8.04 -1.80
CA GLY D 66 -13.54 8.41 -0.59
C GLY D 66 -12.95 7.80 0.68
N CYS D 67 -12.60 6.51 0.61
CA CYS D 67 -11.97 5.82 1.74
C CYS D 67 -10.68 6.49 2.20
N ALA D 68 -9.98 7.15 1.26
CA ALA D 68 -8.73 7.85 1.55
C ALA D 68 -8.94 9.25 2.16
N ASN D 69 -10.20 9.68 2.29
CA ASN D 69 -10.55 11.03 2.78
C ASN D 69 -11.12 11.06 4.21
N ASN D 70 -10.75 10.12 5.06
CA ASN D 70 -11.37 10.07 6.40
C ASN D 70 -11.10 11.32 7.22
N TRP D 71 -12.16 11.84 7.84
CA TRP D 71 -12.08 12.93 8.80
C TRP D 71 -13.26 12.87 9.75
N LEU D 72 -13.14 13.59 10.86
CA LEU D 72 -14.25 13.72 11.79
C LEU D 72 -14.28 15.16 12.27
N PRO D 73 -15.48 15.71 12.46
CA PRO D 73 -15.61 17.11 12.85
C PRO D 73 -14.93 17.39 14.19
N THR D 74 -14.96 16.39 15.07
CA THR D 74 -14.36 16.48 16.40
C THR D 74 -12.83 16.64 16.36
N GLU D 75 -12.23 16.46 15.20
CA GLU D 75 -10.78 16.68 15.03
C GLU D 75 -10.44 18.15 14.83
N ILE D 76 -11.47 18.95 14.53
CA ILE D 76 -11.25 20.34 14.12
C ILE D 76 -11.51 21.29 15.29
N PRO D 77 -10.46 22.03 15.74
CA PRO D 77 -10.60 22.91 16.90
C PRO D 77 -11.61 24.03 16.64
N MET D 78 -12.43 24.34 17.65
CA MET D 78 -13.48 25.34 17.53
C MET D 78 -13.29 26.55 18.46
N GLY D 79 -12.21 26.54 19.25
CA GLY D 79 -11.97 27.58 20.26
C GLY D 79 -12.03 29.00 19.72
N LYS D 80 -11.36 29.22 18.58
CA LYS D 80 -11.34 30.56 17.97
C LYS D 80 -12.70 30.96 17.46
N ASP D 81 -13.45 29.99 16.93
CA ASP D 81 -14.83 30.24 16.50
C ASP D 81 -15.72 30.61 17.67
N ILE D 82 -15.57 29.89 18.78
CA ILE D 82 -16.36 30.16 19.97
C ILE D 82 -16.06 31.58 20.49
N GLU D 83 -14.78 31.93 20.56
CA GLU D 83 -14.39 33.29 20.99
C GLU D 83 -15.03 34.37 20.10
N LEU D 84 -14.93 34.19 18.79
CA LEU D 84 -15.47 35.16 17.83
C LEU D 84 -16.99 35.25 17.88
N TRP D 85 -17.65 34.08 17.93
CA TRP D 85 -19.11 33.99 18.02
C TRP D 85 -19.67 34.74 19.24
N LYS D 86 -18.99 34.61 20.38
CA LYS D 86 -19.46 35.21 21.63
C LYS D 86 -19.00 36.66 21.82
N SER D 87 -18.13 37.14 20.92
CA SER D 87 -17.65 38.52 20.96
C SER D 87 -18.64 39.46 20.27
N ASP D 88 -18.32 40.74 20.26
CA ASP D 88 -19.11 41.71 19.48
C ASP D 88 -18.42 42.03 18.15
N ARG D 89 -17.47 41.18 17.75
CA ARG D 89 -16.70 41.38 16.53
C ARG D 89 -17.33 40.70 15.31
N LEU D 90 -18.44 39.98 15.54
CA LEU D 90 -19.32 39.50 14.48
C LEU D 90 -20.60 40.32 14.53
N SER D 91 -21.15 40.62 13.36
CA SER D 91 -22.36 41.42 13.27
C SER D 91 -23.60 40.53 13.29
N GLU D 92 -24.75 41.15 13.55
CA GLU D 92 -26.05 40.47 13.52
C GLU D 92 -26.28 39.81 12.14
N ASP D 93 -25.98 40.54 11.08
CA ASP D 93 -26.14 40.03 9.70
C ASP D 93 -25.17 38.88 9.37
N GLU D 94 -23.94 38.96 9.87
CA GLU D 94 -22.99 37.86 9.70
C GLU D 94 -23.49 36.58 10.38
N ARG D 95 -23.99 36.71 11.60
CA ARG D 95 -24.52 35.56 12.32
C ARG D 95 -25.72 34.93 11.60
N ARG D 96 -26.58 35.77 11.04
CA ARG D 96 -27.75 35.32 10.27
C ARG D 96 -27.35 34.38 9.12
N VAL D 97 -26.30 34.75 8.39
CA VAL D 97 -25.77 33.92 7.30
C VAL D 97 -25.36 32.56 7.84
N ILE D 98 -24.57 32.56 8.92
CA ILE D 98 -24.09 31.31 9.50
C ILE D 98 -25.26 30.43 9.97
N LEU D 99 -26.18 31.03 10.71
CA LEU D 99 -27.30 30.28 11.29
C LEU D 99 -28.24 29.68 10.27
N LEU D 100 -28.52 30.41 9.21
CA LEU D 100 -29.39 29.91 8.16
C LEU D 100 -28.73 28.75 7.44
N ASN D 101 -27.43 28.85 7.19
CA ASN D 101 -26.68 27.75 6.59
C ASN D 101 -26.64 26.51 7.47
N LEU D 102 -26.38 26.70 8.76
CA LEU D 102 -26.37 25.56 9.68
C LEU D 102 -27.75 24.93 9.72
N GLY D 103 -28.78 25.77 9.69
CA GLY D 103 -30.16 25.30 9.71
C GLY D 103 -30.47 24.42 8.51
N PHE D 104 -30.13 24.91 7.32
CA PHE D 104 -30.36 24.15 6.10
C PHE D 104 -29.54 22.85 6.03
N PHE D 105 -28.23 22.94 6.28
CA PHE D 105 -27.35 21.78 6.13
C PHE D 105 -27.64 20.70 7.17
N SER D 106 -28.05 21.11 8.38
CA SER D 106 -28.23 20.16 9.50
C SER D 106 -29.17 19.01 9.18
N THR D 107 -30.22 19.28 8.41
CA THR D 107 -31.17 18.24 8.01
C THR D 107 -31.02 17.78 6.56
N ALA D 108 -30.43 18.64 5.72
CA ALA D 108 -30.25 18.30 4.31
C ALA D 108 -29.34 17.09 4.14
N GLU D 109 -28.30 17.00 4.98
CA GLU D 109 -27.40 15.86 4.95
C GLU D 109 -28.15 14.54 5.23
N SER D 110 -29.03 14.54 6.22
CA SER D 110 -29.90 13.40 6.50
C SER D 110 -30.83 13.07 5.34
N LEU D 111 -31.36 14.09 4.67
CA LEU D 111 -32.23 13.87 3.51
C LEU D 111 -31.46 13.11 2.42
N VAL D 112 -30.21 13.52 2.19
CA VAL D 112 -29.36 12.89 1.18
C VAL D 112 -29.03 11.45 1.58
N GLY D 113 -28.55 11.27 2.82
CA GLY D 113 -28.18 9.93 3.32
C GLY D 113 -29.35 8.97 3.26
N ASN D 114 -30.51 9.44 3.74
CA ASN D 114 -31.72 8.62 3.75
C ASN D 114 -32.13 8.23 2.35
N ASN D 115 -32.01 9.17 1.41
CA ASN D 115 -32.32 8.87 0.02
C ASN D 115 -31.40 7.83 -0.61
N ILE D 116 -30.10 7.88 -0.28
CA ILE D 116 -29.17 6.84 -0.75
C ILE D 116 -29.66 5.45 -0.33
N VAL D 117 -29.99 5.31 0.95
CA VAL D 117 -30.35 4.01 1.49
C VAL D 117 -31.77 3.58 1.08
N LEU D 118 -32.73 4.49 1.23
CA LEU D 118 -34.14 4.13 1.08
C LEU D 118 -34.66 4.18 -0.35
N ALA D 119 -33.96 4.91 -1.23
CA ALA D 119 -34.40 5.08 -2.62
C ALA D 119 -33.42 4.53 -3.65
N ILE D 120 -32.14 4.91 -3.54
CA ILE D 120 -31.17 4.63 -4.61
C ILE D 120 -30.61 3.19 -4.57
N PHE D 121 -30.14 2.78 -3.40
CA PHE D 121 -29.42 1.52 -3.23
C PHE D 121 -30.12 0.30 -3.86
N LYS D 122 -31.42 0.14 -3.60
CA LYS D 122 -32.16 -1.04 -4.10
C LYS D 122 -32.06 -1.17 -5.63
N HIS D 123 -32.08 -0.02 -6.31
CA HIS D 123 -32.21 0.01 -7.77
C HIS D 123 -30.90 0.12 -8.53
N VAL D 124 -29.81 0.37 -7.79
CA VAL D 124 -28.47 0.31 -8.37
C VAL D 124 -27.98 -1.12 -8.18
N THR D 125 -28.23 -1.94 -9.20
CA THR D 125 -28.06 -3.39 -9.12
C THR D 125 -26.63 -3.78 -9.50
N ASN D 126 -25.68 -3.26 -8.73
CA ASN D 126 -24.27 -3.44 -9.04
C ASN D 126 -23.46 -3.27 -7.76
N PRO D 127 -22.64 -4.29 -7.41
CA PRO D 127 -21.94 -4.29 -6.12
C PRO D 127 -20.89 -3.19 -5.95
N GLU D 128 -20.08 -2.92 -6.98
CA GLU D 128 -19.04 -1.91 -6.86
C GLU D 128 -19.63 -0.50 -6.73
N ALA D 129 -20.74 -0.23 -7.42
CA ALA D 129 -21.47 1.03 -7.23
C ALA D 129 -22.08 1.11 -5.83
N ARG D 130 -22.63 0.00 -5.35
CA ARG D 130 -23.19 -0.08 -3.99
C ARG D 130 -22.11 0.14 -2.93
N GLN D 131 -20.92 -0.38 -3.19
CA GLN D 131 -19.80 -0.10 -2.29
C GLN D 131 -19.57 1.41 -2.16
N TYR D 132 -19.59 2.12 -3.29
CA TYR D 132 -19.47 3.57 -3.23
C TYR D 132 -20.62 4.18 -2.44
N LEU D 133 -21.84 3.72 -2.72
CA LEU D 133 -23.02 4.27 -2.05
C LEU D 133 -22.90 4.18 -0.53
N LEU D 134 -22.32 3.08 -0.06
CA LEU D 134 -22.15 2.88 1.39
C LEU D 134 -21.12 3.85 1.98
N ARG D 135 -20.04 4.10 1.24
CA ARG D 135 -19.10 5.15 1.63
C ARG D 135 -19.78 6.52 1.66
N GLN D 136 -20.55 6.82 0.61
CA GLN D 136 -21.22 8.13 0.53
C GLN D 136 -22.17 8.32 1.69
N ALA D 137 -22.98 7.31 1.98
CA ALA D 137 -23.99 7.42 3.03
C ALA D 137 -23.32 7.61 4.38
N PHE D 138 -22.21 6.92 4.61
CA PHE D 138 -21.45 7.15 5.83
C PHE D 138 -20.91 8.57 5.89
N GLU D 139 -20.38 9.08 4.78
CA GLU D 139 -19.93 10.47 4.74
C GLU D 139 -21.06 11.46 5.06
N GLU D 140 -22.27 11.18 4.57
CA GLU D 140 -23.41 12.01 4.96
C GLU D 140 -23.66 11.97 6.48
N ALA D 141 -23.41 10.83 7.12
CA ALA D 141 -23.50 10.72 8.59
C ALA D 141 -22.45 11.59 9.27
N VAL D 142 -21.24 11.62 8.70
CA VAL D 142 -20.18 12.50 9.22
C VAL D 142 -20.60 13.95 9.06
N HIS D 143 -21.22 14.28 7.93
CA HIS D 143 -21.71 15.66 7.72
C HIS D 143 -22.79 16.04 8.73
N THR D 144 -23.72 15.12 9.01
CA THR D 144 -24.73 15.36 10.05
C THR D 144 -24.10 15.59 11.41
N HIS D 145 -23.13 14.73 11.76
CA HIS D 145 -22.38 14.88 13.00
C HIS D 145 -21.76 16.28 13.10
N THR D 146 -21.21 16.76 11.98
CA THR D 146 -20.57 18.06 11.92
C THR D 146 -21.49 19.16 12.44
N PHE D 147 -22.75 19.12 12.04
CA PHE D 147 -23.67 20.19 12.43
C PHE D 147 -24.09 20.11 13.88
N LEU D 148 -24.16 18.90 14.41
CA LEU D 148 -24.36 18.72 15.85
C LEU D 148 -23.18 19.30 16.61
N TYR D 149 -21.98 18.98 16.13
CA TYR D 149 -20.74 19.43 16.75
C TYR D 149 -20.61 20.95 16.76
N ILE D 150 -20.92 21.59 15.64
CA ILE D 150 -20.90 23.04 15.55
C ILE D 150 -21.90 23.66 16.54
N CYS D 151 -23.12 23.11 16.59
CA CYS D 151 -24.15 23.59 17.53
C CYS D 151 -23.68 23.52 18.99
N GLU D 152 -23.14 22.37 19.37
CA GLU D 152 -22.71 22.14 20.74
C GLU D 152 -21.50 23.02 21.11
N SER D 153 -20.57 23.16 20.17
CA SER D 153 -19.40 24.03 20.36
C SER D 153 -19.79 25.51 20.57
N LEU D 154 -20.73 26.00 19.78
CA LEU D 154 -21.12 27.42 19.86
C LEU D 154 -22.21 27.72 20.89
N GLY D 155 -22.79 26.68 21.48
CA GLY D 155 -23.86 26.85 22.47
C GLY D 155 -25.18 27.28 21.85
N LEU D 156 -25.39 26.85 20.61
CA LEU D 156 -26.64 27.13 19.91
C LEU D 156 -27.73 26.21 20.44
N ASP D 157 -28.98 26.62 20.25
CA ASP D 157 -30.12 25.76 20.55
C ASP D 157 -30.22 24.74 19.43
N GLU D 158 -29.78 23.50 19.69
CA GLU D 158 -29.72 22.46 18.64
C GLU D 158 -31.09 22.18 17.99
N LYS D 159 -32.15 22.24 18.79
CA LYS D 159 -33.50 21.99 18.28
C LYS D 159 -33.98 23.12 17.36
N GLU D 160 -33.57 24.35 17.67
CA GLU D 160 -33.84 25.48 16.80
C GLU D 160 -33.16 25.34 15.43
N ILE D 161 -31.88 24.96 15.45
CA ILE D 161 -31.11 24.80 14.21
C ILE D 161 -31.64 23.62 13.39
N PHE D 162 -31.76 22.45 14.02
CA PHE D 162 -32.18 21.26 13.28
C PHE D 162 -33.62 21.34 12.77
N ASN D 163 -34.47 22.09 13.46
CA ASN D 163 -35.85 22.29 13.03
C ASN D 163 -36.04 23.45 12.04
N ALA D 164 -34.93 24.09 11.65
CA ALA D 164 -34.98 25.28 10.78
C ALA D 164 -35.81 25.05 9.51
N TYR D 165 -35.72 23.86 8.92
CA TYR D 165 -36.44 23.59 7.68
C TYR D 165 -37.96 23.51 7.84
N ASN D 166 -38.42 23.54 9.08
CA ASN D 166 -39.85 23.68 9.39
C ASN D 166 -40.23 25.09 9.82
N GLU D 167 -39.23 25.94 10.04
CA GLU D 167 -39.48 27.26 10.65
C GLU D 167 -39.13 28.44 9.76
N ARG D 168 -38.31 28.20 8.74
CA ARG D 168 -37.86 29.28 7.85
C ARG D 168 -38.31 28.96 6.43
N ALA D 169 -39.15 29.83 5.89
CA ALA D 169 -39.81 29.60 4.60
C ALA D 169 -38.86 29.30 3.45
N ALA D 170 -37.77 30.07 3.35
CA ALA D 170 -36.82 29.90 2.25
C ALA D 170 -36.10 28.55 2.29
N ILE D 171 -35.91 28.01 3.49
CA ILE D 171 -35.32 26.70 3.66
C ILE D 171 -36.35 25.62 3.35
N LYS D 172 -37.53 25.76 3.95
CA LYS D 172 -38.63 24.83 3.72
C LYS D 172 -38.93 24.67 2.23
N ALA D 173 -38.87 25.78 1.49
CA ALA D 173 -39.19 25.77 0.06
C ALA D 173 -38.26 24.85 -0.72
N LYS D 174 -36.97 24.88 -0.37
CA LYS D 174 -35.97 24.01 -0.98
C LYS D 174 -36.23 22.53 -0.67
N ASP D 175 -36.54 22.24 0.59
CA ASP D 175 -36.71 20.86 1.01
C ASP D 175 -38.07 20.29 0.58
N ASP D 176 -39.09 21.14 0.51
CA ASP D 176 -40.40 20.74 -0.03
C ASP D 176 -40.25 20.36 -1.51
N PHE D 177 -39.45 21.16 -2.23
CA PHE D 177 -39.10 20.87 -3.61
C PHE D 177 -38.36 19.54 -3.71
N GLN D 178 -37.43 19.30 -2.79
CA GLN D 178 -36.70 18.04 -2.76
C GLN D 178 -37.62 16.82 -2.60
N MET D 179 -38.63 16.95 -1.74
CA MET D 179 -39.59 15.88 -1.50
C MET D 179 -40.42 15.62 -2.76
N GLU D 180 -40.77 16.69 -3.44
CA GLU D 180 -41.51 16.62 -4.70
C GLU D 180 -40.73 15.84 -5.76
N ILE D 181 -39.45 16.19 -5.94
CA ILE D 181 -38.59 15.64 -7.00
C ILE D 181 -38.02 14.26 -6.66
N THR D 182 -38.17 13.85 -5.41
CA THR D 182 -37.78 12.52 -4.96
C THR D 182 -38.58 11.45 -5.71
N GLY D 183 -39.78 11.82 -6.13
CA GLY D 183 -40.67 10.93 -6.86
C GLY D 183 -41.20 9.83 -5.97
N LYS D 184 -41.70 8.77 -6.59
CA LYS D 184 -42.25 7.65 -5.84
C LYS D 184 -41.26 6.48 -5.77
N VAL D 185 -39.97 6.82 -5.78
CA VAL D 185 -38.88 5.83 -5.69
C VAL D 185 -38.88 5.13 -4.33
N LEU D 186 -39.35 5.83 -3.30
CA LEU D 186 -39.47 5.29 -1.93
C LEU D 186 -40.45 4.13 -1.81
N ASP D 187 -41.49 4.13 -2.64
CA ASP D 187 -42.50 3.07 -2.63
C ASP D 187 -41.84 1.70 -2.86
N PRO D 188 -42.14 0.71 -1.99
CA PRO D 188 -41.59 -0.65 -2.05
C PRO D 188 -41.86 -1.34 -3.37
N ASN D 189 -42.93 -0.96 -4.05
CA ASN D 189 -43.30 -1.57 -5.32
C ASN D 189 -42.78 -0.79 -6.53
N PHE D 190 -42.12 0.35 -6.29
CA PHE D 190 -41.51 1.12 -7.39
C PHE D 190 -40.52 0.25 -8.15
N ARG D 191 -40.58 0.33 -9.47
CA ARG D 191 -39.77 -0.49 -10.35
C ARG D 191 -39.11 0.35 -11.43
N THR D 192 -37.92 -0.07 -11.86
CA THR D 192 -37.18 0.63 -12.89
C THR D 192 -37.16 -0.14 -14.21
N ASP D 193 -37.94 -1.21 -14.30
CA ASP D 193 -37.93 -2.07 -15.50
C ASP D 193 -38.95 -1.62 -16.57
N SER D 194 -39.09 -0.31 -16.70
CA SER D 194 -39.79 0.30 -17.82
C SER D 194 -39.06 1.60 -18.12
N VAL D 195 -39.30 2.18 -19.30
CA VAL D 195 -38.69 3.47 -19.63
C VAL D 195 -39.14 4.52 -18.62
N GLU D 196 -40.45 4.59 -18.34
CA GLU D 196 -41.02 5.59 -17.44
C GLU D 196 -40.47 5.46 -16.02
N GLY D 197 -40.41 4.23 -15.52
CA GLY D 197 -39.84 3.93 -14.21
C GLY D 197 -38.37 4.31 -14.11
N LEU D 198 -37.60 3.97 -15.14
CA LEU D 198 -36.17 4.32 -15.15
C LEU D 198 -35.97 5.83 -15.27
N GLN D 199 -36.80 6.49 -16.07
CA GLN D 199 -36.77 7.95 -16.14
C GLN D 199 -37.05 8.58 -14.78
N GLU D 200 -38.04 8.06 -14.05
CA GLU D 200 -38.35 8.56 -12.71
C GLU D 200 -37.18 8.39 -11.74
N PHE D 201 -36.48 7.27 -11.87
CA PHE D 201 -35.32 6.97 -11.05
C PHE D 201 -34.20 7.95 -11.36
N VAL D 202 -33.95 8.18 -12.65
CA VAL D 202 -32.95 9.17 -13.09
C VAL D 202 -33.27 10.57 -12.56
N LYS D 203 -34.54 10.95 -12.52
CA LYS D 203 -34.92 12.26 -11.96
C LYS D 203 -34.61 12.39 -10.47
N ASN D 204 -34.74 11.29 -9.73
CA ASN D 204 -34.34 11.24 -8.32
C ASN D 204 -32.83 11.50 -8.20
N LEU D 205 -32.05 10.80 -9.02
CA LEU D 205 -30.60 11.00 -9.06
C LEU D 205 -30.23 12.44 -9.39
N VAL D 206 -30.92 13.02 -10.36
CA VAL D 206 -30.68 14.43 -10.70
C VAL D 206 -31.04 15.31 -9.51
N GLY D 207 -32.19 15.03 -8.90
CA GLY D 207 -32.64 15.78 -7.74
C GLY D 207 -31.64 15.80 -6.60
N TYR D 208 -31.06 14.64 -6.31
CA TYR D 208 -30.14 14.57 -5.17
C TYR D 208 -28.69 14.90 -5.49
N TYR D 209 -28.14 14.29 -6.54
CA TYR D 209 -26.74 14.55 -6.90
C TYR D 209 -26.55 15.93 -7.54
N ILE D 210 -27.38 16.26 -8.52
CA ILE D 210 -27.18 17.50 -9.27
C ILE D 210 -27.72 18.69 -8.50
N ILE D 211 -28.96 18.59 -8.04
CA ILE D 211 -29.64 19.75 -7.47
C ILE D 211 -29.25 19.96 -6.00
N MET D 212 -29.52 18.99 -5.14
CA MET D 212 -29.25 19.15 -3.72
C MET D 212 -27.74 19.28 -3.47
N GLU D 213 -26.99 18.26 -3.86
CA GLU D 213 -25.54 18.23 -3.62
C GLU D 213 -24.77 19.16 -4.57
N GLY D 214 -25.29 19.34 -5.78
CA GLY D 214 -24.55 20.05 -6.83
C GLY D 214 -24.87 21.53 -6.92
N ILE D 215 -25.99 21.95 -6.36
CA ILE D 215 -26.41 23.33 -6.49
C ILE D 215 -26.74 23.94 -5.13
N PHE D 216 -27.68 23.33 -4.41
CA PHE D 216 -28.08 23.84 -3.09
C PHE D 216 -26.91 23.95 -2.11
N PHE D 217 -25.99 22.99 -2.12
CA PHE D 217 -24.87 23.01 -1.17
C PHE D 217 -23.78 23.99 -1.55
N TYR D 218 -23.53 24.14 -2.85
CA TYR D 218 -22.42 24.98 -3.33
C TYR D 218 -22.61 26.47 -3.03
N SER D 219 -23.85 26.91 -3.03
CA SER D 219 -24.19 28.26 -2.63
C SER D 219 -23.91 28.51 -1.14
N GLY D 220 -24.23 27.52 -0.31
CA GLY D 220 -23.87 27.57 1.11
C GLY D 220 -22.36 27.52 1.31
N PHE D 221 -21.69 26.73 0.49
CA PHE D 221 -20.22 26.64 0.54
C PHE D 221 -19.59 28.03 0.34
N VAL D 222 -20.07 28.78 -0.63
CA VAL D 222 -19.55 30.13 -0.89
C VAL D 222 -19.73 31.01 0.34
N MET D 223 -20.94 30.99 0.88
CA MET D 223 -21.27 31.82 2.04
C MET D 223 -20.36 31.56 3.22
N ILE D 224 -20.16 30.29 3.54
CA ILE D 224 -19.37 29.91 4.71
C ILE D 224 -17.88 30.12 4.46
N LEU D 225 -17.41 29.73 3.28
CA LEU D 225 -15.98 29.84 2.98
C LEU D 225 -15.55 31.30 2.80
N SER D 226 -16.51 32.18 2.54
CA SER D 226 -16.25 33.62 2.51
C SER D 226 -15.79 34.16 3.86
N PHE D 227 -16.38 33.64 4.95
CA PHE D 227 -15.92 33.94 6.30
C PHE D 227 -14.50 33.44 6.52
N HIS D 228 -14.28 32.18 6.18
CA HIS D 228 -12.97 31.53 6.32
C HIS D 228 -11.87 32.34 5.64
N ARG D 229 -12.17 32.83 4.44
CA ARG D 229 -11.27 33.71 3.67
C ARG D 229 -10.86 34.96 4.42
N GLN D 230 -11.79 35.47 5.23
CA GLN D 230 -11.54 36.67 6.03
C GLN D 230 -11.10 36.33 7.44
N ASN D 231 -10.58 35.11 7.61
CA ASN D 231 -10.06 34.65 8.89
C ASN D 231 -11.13 34.70 9.99
N LYS D 232 -12.39 34.47 9.59
CA LYS D 232 -13.51 34.43 10.52
C LYS D 232 -14.17 33.05 10.52
N MET D 233 -14.49 32.54 11.71
CA MET D 233 -15.15 31.23 11.86
C MET D 233 -14.39 30.15 11.06
N ILE D 234 -13.09 30.07 11.33
CA ILE D 234 -12.20 29.20 10.56
C ILE D 234 -12.39 27.71 10.88
N GLY D 235 -12.92 27.42 12.07
CA GLY D 235 -13.26 26.06 12.47
C GLY D 235 -14.41 25.54 11.63
N ILE D 236 -15.48 26.34 11.54
CA ILE D 236 -16.58 26.00 10.64
C ILE D 236 -16.08 25.91 9.20
N GLY D 237 -15.27 26.89 8.79
CA GLY D 237 -14.71 26.92 7.44
C GLY D 237 -13.94 25.65 7.08
N GLU D 238 -13.08 25.20 8.00
CA GLU D 238 -12.30 23.98 7.76
C GLU D 238 -13.22 22.78 7.65
N GLN D 239 -14.26 22.72 8.49
CA GLN D 239 -15.24 21.64 8.41
C GLN D 239 -15.96 21.64 7.04
N TYR D 240 -16.38 22.82 6.58
CA TYR D 240 -17.00 22.93 5.26
C TYR D 240 -16.04 22.56 4.12
N GLN D 241 -14.74 22.84 4.29
CA GLN D 241 -13.73 22.40 3.31
C GLN D 241 -13.63 20.86 3.18
N TYR D 242 -13.69 20.18 4.33
CA TYR D 242 -13.75 18.71 4.33
C TYR D 242 -15.04 18.23 3.68
N ILE D 243 -16.14 18.89 4.01
CA ILE D 243 -17.43 18.53 3.43
C ILE D 243 -17.37 18.72 1.91
N LEU D 244 -16.79 19.83 1.46
CA LEU D 244 -16.69 20.12 0.03
C LEU D 244 -15.84 19.07 -0.68
N ARG D 245 -14.76 18.64 -0.04
CA ARG D 245 -13.92 17.59 -0.61
C ARG D 245 -14.74 16.31 -0.87
N ASP D 246 -15.56 15.92 0.12
CA ASP D 246 -16.46 14.76 -0.04
C ASP D 246 -17.49 15.01 -1.13
N GLU D 247 -18.13 16.18 -1.09
CA GLU D 247 -19.25 16.46 -2.00
C GLU D 247 -18.79 16.52 -3.45
N THR D 248 -17.54 16.91 -3.66
CA THR D 248 -16.92 16.87 -4.99
C THR D 248 -16.99 15.46 -5.57
N ILE D 249 -16.63 14.47 -4.76
CA ILE D 249 -16.72 13.07 -5.16
C ILE D 249 -18.18 12.61 -5.28
N HIS D 250 -19.05 13.04 -4.35
CA HIS D 250 -20.48 12.69 -4.42
C HIS D 250 -21.03 13.12 -5.78
N LEU D 251 -20.75 14.36 -6.15
CA LEU D 251 -21.18 14.90 -7.43
C LEU D 251 -20.54 14.15 -8.61
N ASN D 252 -19.24 13.89 -8.52
CA ASN D 252 -18.56 13.15 -9.60
C ASN D 252 -19.21 11.79 -9.82
N PHE D 253 -19.44 11.06 -8.72
CA PHE D 253 -20.08 9.75 -8.78
C PHE D 253 -21.49 9.83 -9.38
N GLY D 254 -22.29 10.78 -8.90
CA GLY D 254 -23.68 10.88 -9.36
C GLY D 254 -23.77 11.18 -10.84
N ILE D 255 -22.90 12.07 -11.32
CA ILE D 255 -22.82 12.41 -12.75
C ILE D 255 -22.46 11.17 -13.56
N ASP D 256 -21.42 10.46 -13.11
CA ASP D 256 -20.99 9.21 -13.74
C ASP D 256 -22.14 8.19 -13.76
N LEU D 257 -22.88 8.09 -12.66
CA LEU D 257 -23.98 7.13 -12.57
C LEU D 257 -25.11 7.48 -13.55
N ILE D 258 -25.49 8.74 -13.58
CA ILE D 258 -26.50 9.23 -14.53
C ILE D 258 -26.06 8.96 -15.97
N ASN D 259 -24.82 9.32 -16.30
CA ASN D 259 -24.30 9.11 -17.65
C ASN D 259 -24.16 7.64 -18.03
N GLY D 260 -23.78 6.80 -17.06
CA GLY D 260 -23.70 5.37 -17.27
C GLY D 260 -25.06 4.75 -17.56
N ILE D 261 -26.08 5.16 -16.80
CA ILE D 261 -27.43 4.68 -16.99
C ILE D 261 -27.98 5.10 -18.36
N LYS D 262 -27.70 6.34 -18.76
CA LYS D 262 -28.06 6.85 -20.09
C LYS D 262 -27.44 6.00 -21.19
N GLU D 263 -26.16 5.70 -21.04
CA GLU D 263 -25.40 4.94 -22.03
C GLU D 263 -25.97 3.56 -22.21
N GLU D 264 -26.33 2.91 -21.10
CA GLU D 264 -26.82 1.54 -21.12
C GLU D 264 -28.30 1.45 -21.48
N ASN D 265 -29.00 2.57 -21.38
CA ASN D 265 -30.44 2.64 -21.66
C ASN D 265 -30.78 3.90 -22.44
N PRO D 266 -30.24 4.03 -23.68
CA PRO D 266 -30.35 5.29 -24.45
C PRO D 266 -31.79 5.75 -24.68
N GLU D 267 -32.72 4.81 -24.66
CA GLU D 267 -34.12 5.09 -24.92
C GLU D 267 -34.76 6.04 -23.91
N ILE D 268 -34.17 6.13 -22.71
CA ILE D 268 -34.70 7.01 -21.68
C ILE D 268 -34.39 8.49 -21.94
N TRP D 269 -33.32 8.75 -22.70
CA TRP D 269 -32.82 10.12 -22.86
C TRP D 269 -33.57 10.88 -23.96
N THR D 270 -34.86 11.06 -23.75
CA THR D 270 -35.76 11.69 -24.71
C THR D 270 -35.71 13.22 -24.59
N PRO D 271 -36.17 13.95 -25.63
CA PRO D 271 -36.25 15.41 -25.49
C PRO D 271 -37.13 15.83 -24.29
N GLU D 272 -38.13 15.01 -23.97
CA GLU D 272 -39.04 15.30 -22.86
C GLU D 272 -38.37 15.14 -21.49
N LEU D 273 -37.61 14.06 -21.30
CA LEU D 273 -36.84 13.91 -20.06
C LEU D 273 -35.82 15.05 -19.93
N GLN D 274 -35.14 15.38 -21.02
CA GLN D 274 -34.15 16.46 -21.02
C GLN D 274 -34.79 17.78 -20.61
N GLN D 275 -35.95 18.10 -21.19
CA GLN D 275 -36.68 19.29 -20.81
C GLN D 275 -37.11 19.28 -19.33
N GLU D 276 -37.61 18.14 -18.86
CA GLU D 276 -38.00 17.99 -17.45
C GLU D 276 -36.83 18.26 -16.51
N ILE D 277 -35.67 17.72 -16.87
CA ILE D 277 -34.44 17.91 -16.09
C ILE D 277 -34.03 19.39 -16.09
N VAL D 278 -34.09 20.03 -17.26
CA VAL D 278 -33.79 21.45 -17.34
C VAL D 278 -34.76 22.26 -16.48
N GLU D 279 -36.06 21.94 -16.56
CA GLU D 279 -37.07 22.66 -15.78
C GLU D 279 -36.89 22.49 -14.27
N LEU D 280 -36.51 21.28 -13.85
CA LEU D 280 -36.19 21.02 -12.44
C LEU D 280 -35.00 21.87 -11.99
N ILE D 281 -33.98 21.94 -12.82
CA ILE D 281 -32.80 22.75 -12.52
C ILE D 281 -33.17 24.24 -12.47
N LYS D 282 -34.00 24.69 -13.41
CA LYS D 282 -34.48 26.08 -13.40
C LYS D 282 -35.25 26.42 -12.12
N ARG D 283 -36.09 25.49 -11.66
CA ARG D 283 -36.83 25.69 -10.41
C ARG D 283 -35.86 25.78 -9.21
N ALA D 284 -34.85 24.91 -9.22
CA ALA D 284 -33.86 24.87 -8.14
C ALA D 284 -33.02 26.15 -8.10
N VAL D 285 -32.62 26.62 -9.27
CA VAL D 285 -31.87 27.87 -9.39
C VAL D 285 -32.64 29.00 -8.72
N ASP D 286 -33.94 29.10 -9.05
CA ASP D 286 -34.77 30.16 -8.49
C ASP D 286 -34.92 30.04 -6.99
N LEU D 287 -35.06 28.80 -6.51
CA LEU D 287 -35.17 28.55 -5.06
C LEU D 287 -33.88 28.93 -4.32
N GLU D 288 -32.74 28.58 -4.91
CA GLU D 288 -31.45 28.90 -4.29
C GLU D 288 -31.20 30.41 -4.28
N ILE D 289 -31.56 31.08 -5.37
CA ILE D 289 -31.44 32.54 -5.44
C ILE D 289 -32.30 33.17 -4.34
N GLU D 290 -33.53 32.67 -4.19
CA GLU D 290 -34.42 33.16 -3.13
C GLU D 290 -33.83 32.92 -1.74
N TYR D 291 -33.23 31.75 -1.56
CA TYR D 291 -32.57 31.41 -0.30
C TYR D 291 -31.40 32.35 -0.01
N ALA D 292 -30.56 32.59 -1.01
CA ALA D 292 -29.45 33.55 -0.88
C ALA D 292 -29.93 34.94 -0.45
N GLN D 293 -31.02 35.41 -1.06
CA GLN D 293 -31.64 36.70 -0.67
C GLN D 293 -32.10 36.72 0.78
N ASP D 294 -32.68 35.61 1.24
CA ASP D 294 -33.10 35.47 2.64
C ASP D 294 -31.88 35.50 3.57
N CYS D 295 -30.78 34.88 3.12
CA CYS D 295 -29.52 34.86 3.86
C CYS D 295 -28.88 36.24 3.93
N LEU D 296 -29.13 37.04 2.89
CA LEU D 296 -28.40 38.28 2.66
C LEU D 296 -29.30 39.47 2.31
N PRO D 297 -30.13 39.93 3.27
CA PRO D 297 -30.93 41.12 3.02
C PRO D 297 -30.04 42.35 2.82
N ARG D 298 -28.89 42.35 3.50
CA ARG D 298 -27.86 43.37 3.34
C ARG D 298 -26.53 42.68 3.04
N GLY D 299 -25.59 43.41 2.46
CA GLY D 299 -24.30 42.82 2.11
C GLY D 299 -23.44 42.54 3.33
N ILE D 300 -22.59 41.52 3.24
CA ILE D 300 -21.45 41.42 4.14
C ILE D 300 -20.20 41.45 3.25
N LEU D 301 -19.01 41.48 3.86
CA LEU D 301 -17.79 41.65 3.06
C LEU D 301 -17.70 40.62 1.93
N GLY D 302 -17.66 41.12 0.70
CA GLY D 302 -17.53 40.31 -0.51
C GLY D 302 -18.71 39.37 -0.79
N LEU D 303 -19.85 39.62 -0.17
CA LEU D 303 -21.06 38.81 -0.38
C LEU D 303 -22.31 39.67 -0.48
N ARG D 304 -22.96 39.63 -1.63
CA ARG D 304 -24.23 40.31 -1.82
C ARG D 304 -25.21 39.35 -2.51
N ALA D 305 -26.49 39.46 -2.17
CA ALA D 305 -27.49 38.55 -2.73
C ALA D 305 -27.48 38.51 -4.25
N SER D 306 -27.30 39.68 -4.88
CA SER D 306 -27.27 39.79 -6.35
C SER D 306 -26.18 38.95 -7.00
N MET D 307 -25.07 38.73 -6.29
CA MET D 307 -23.96 37.92 -6.81
C MET D 307 -24.38 36.47 -7.00
N PHE D 308 -25.36 36.03 -6.21
CA PHE D 308 -25.81 34.65 -6.29
C PHE D 308 -26.70 34.38 -7.49
N ILE D 309 -27.29 35.44 -8.06
CA ILE D 309 -27.98 35.28 -9.33
C ILE D 309 -26.95 34.73 -10.33
N ASP D 310 -25.83 35.44 -10.48
CA ASP D 310 -24.79 35.02 -11.40
C ASP D 310 -24.20 33.65 -11.05
N TYR D 311 -23.87 33.46 -9.77
CA TYR D 311 -23.16 32.25 -9.35
C TYR D 311 -23.99 30.98 -9.48
N VAL D 312 -25.21 31.02 -8.96
CA VAL D 312 -26.08 29.84 -8.98
C VAL D 312 -26.38 29.47 -10.43
N GLN D 313 -26.63 30.48 -11.27
CA GLN D 313 -26.83 30.24 -12.70
C GLN D 313 -25.58 29.66 -13.37
N HIS D 314 -24.41 30.20 -13.02
CA HIS D 314 -23.15 29.70 -13.55
C HIS D 314 -22.95 28.21 -13.23
N ILE D 315 -23.11 27.83 -11.96
CA ILE D 315 -22.87 26.44 -11.60
C ILE D 315 -23.94 25.52 -12.21
N ALA D 316 -25.18 26.00 -12.34
CA ALA D 316 -26.23 25.22 -12.98
C ALA D 316 -25.81 24.87 -14.39
N ASP D 317 -25.29 25.87 -15.11
CA ASP D 317 -24.78 25.67 -16.46
C ASP D 317 -23.68 24.60 -16.49
N ARG D 318 -22.78 24.63 -15.49
CA ARG D 318 -21.73 23.62 -15.40
C ARG D 318 -22.28 22.21 -15.14
N ARG D 319 -23.31 22.09 -14.29
CA ARG D 319 -23.90 20.78 -14.03
C ARG D 319 -24.62 20.24 -15.27
N LEU D 320 -25.32 21.13 -15.96
CA LEU D 320 -26.00 20.74 -17.19
C LEU D 320 -25.00 20.14 -18.20
N GLU D 321 -23.87 20.83 -18.41
CA GLU D 321 -22.84 20.36 -19.35
C GLU D 321 -22.36 18.95 -19.03
N ARG D 322 -22.19 18.64 -17.75
CA ARG D 322 -21.64 17.35 -17.32
C ARG D 322 -22.57 16.17 -17.62
N ILE D 323 -23.88 16.44 -17.73
CA ILE D 323 -24.83 15.39 -18.11
C ILE D 323 -25.38 15.55 -19.53
N GLY D 324 -24.62 16.26 -20.38
CA GLY D 324 -24.90 16.31 -21.81
C GLY D 324 -25.97 17.30 -22.23
N LEU D 325 -26.22 18.30 -21.39
CA LEU D 325 -27.20 19.33 -21.70
C LEU D 325 -26.52 20.69 -21.90
N LYS D 326 -27.13 21.55 -22.70
CA LYS D 326 -26.53 22.84 -23.00
C LYS D 326 -26.73 23.85 -21.87
N PRO D 327 -25.73 24.71 -21.63
CA PRO D 327 -25.93 25.82 -20.69
C PRO D 327 -27.10 26.68 -21.14
N ILE D 328 -27.78 27.32 -20.19
CA ILE D 328 -28.97 28.11 -20.48
C ILE D 328 -28.91 29.55 -19.95
N TYR D 329 -27.98 29.81 -19.01
CA TYR D 329 -27.90 31.13 -18.37
C TYR D 329 -26.76 31.98 -18.91
N HIS D 330 -25.61 31.35 -19.13
CA HIS D 330 -24.42 31.98 -19.71
C HIS D 330 -23.78 33.06 -18.84
N THR D 331 -23.99 32.97 -17.54
CA THR D 331 -23.46 33.97 -16.60
C THR D 331 -22.03 33.65 -16.18
N LYS D 332 -21.31 34.68 -15.75
CA LYS D 332 -19.93 34.49 -15.28
C LYS D 332 -19.93 34.07 -13.82
N ASN D 333 -18.80 33.55 -13.35
CA ASN D 333 -18.65 33.16 -11.96
C ASN D 333 -18.07 34.31 -11.12
N PRO D 334 -18.88 34.87 -10.20
CA PRO D 334 -18.41 36.00 -9.39
C PRO D 334 -17.54 35.56 -8.21
N PHE D 335 -17.35 34.26 -8.03
CA PHE D 335 -16.49 33.72 -6.98
C PHE D 335 -15.36 32.82 -7.52
N PRO D 336 -14.47 33.34 -8.37
CA PRO D 336 -13.44 32.49 -8.99
C PRO D 336 -12.55 31.76 -7.98
N TRP D 337 -12.39 32.33 -6.78
CA TRP D 337 -11.61 31.70 -5.71
C TRP D 337 -12.18 30.34 -5.26
N MET D 338 -13.48 30.12 -5.47
CA MET D 338 -14.11 28.83 -5.19
C MET D 338 -13.53 27.71 -6.01
N SER D 339 -13.34 27.96 -7.31
CA SER D 339 -12.69 27.01 -8.23
C SER D 339 -11.28 26.62 -7.77
N GLU D 340 -10.54 27.60 -7.23
CA GLU D 340 -9.23 27.34 -6.63
C GLU D 340 -9.36 26.42 -5.41
N THR D 341 -10.33 26.71 -4.55
CA THR D 341 -10.58 25.89 -3.35
C THR D 341 -10.94 24.44 -3.72
N ILE D 342 -11.80 24.29 -4.72
CA ILE D 342 -12.18 22.97 -5.24
C ILE D 342 -10.98 22.22 -5.85
N ASP D 343 -10.19 22.93 -6.66
CA ASP D 343 -9.03 22.33 -7.35
C ASP D 343 -8.00 21.73 -6.39
N LEU D 344 -7.73 22.42 -5.29
CA LEU D 344 -6.75 22.00 -4.30
C LEU D 344 -7.04 20.63 -3.69
N ASN D 345 -8.33 20.32 -3.55
CA ASN D 345 -8.72 19.04 -3.00
C ASN D 345 -9.73 18.30 -3.89
N LYS D 346 -9.55 18.47 -5.21
CA LYS D 346 -10.35 17.76 -6.20
C LYS D 346 -10.01 16.27 -6.14
N GLU D 347 -10.89 15.47 -6.74
CA GLU D 347 -10.74 14.02 -6.69
C GLU D 347 -9.54 13.56 -7.50
N LYS D 348 -8.81 12.61 -6.92
CA LYS D 348 -7.70 11.94 -7.59
C LYS D 348 -8.23 10.97 -8.63
MN MN E . 22.28 8.33 -1.35
FE FE F . 25.41 7.97 -1.90
O1 P6G G . 34.99 17.18 -18.42
C2 P6G G . 33.57 17.10 -18.67
C3 P6G G . 33.16 15.64 -18.82
O4 P6G G . 33.61 15.15 -20.09
C5 P6G G . 33.46 13.74 -20.20
C6 P6G G . 34.13 13.29 -21.51
O7 P6G G . 35.54 13.44 -21.39
C8 P6G G . 36.26 12.86 -22.48
C9 P6G G . 37.57 12.26 -21.96
O10 P6G G . 38.39 13.29 -21.42
C11 P6G G . 39.63 12.78 -20.90
C12 P6G G . 40.52 13.92 -20.42
O13 P6G G . 39.80 14.79 -19.55
C14 P6G G . 40.60 15.87 -19.02
C15 P6G G . 40.54 17.10 -19.93
O16 P6G G . 39.21 17.59 -19.98
C17 P6G G . 38.88 18.14 -21.25
C18 P6G G . 37.36 18.34 -21.34
O19 P6G G . 36.75 17.21 -21.99
FE FE H . 20.89 -15.74 -4.58
MN MN I . 23.34 -16.28 -2.57
C ACY J . 9.47 3.87 -15.28
O ACY J . 9.29 4.87 -16.00
OXT ACY J . 9.28 3.89 -14.05
CH3 ACY J . 9.92 2.59 -15.92
FE FE K . -20.44 -6.90 10.88
MN MN L . -18.20 -7.55 8.71
O1 P6G M . -41.72 -19.18 11.29
C2 P6G M . -41.94 -20.27 12.18
C3 P6G M . -41.45 -19.91 13.57
O4 P6G M . -42.28 -18.90 14.13
C5 P6G M . -41.99 -18.63 15.50
C6 P6G M . -43.04 -17.71 16.08
O7 P6G M . -42.46 -16.56 16.73
C8 P6G M . -42.04 -15.50 15.87
C9 P6G M . -43.13 -14.96 14.93
O10 P6G M . -42.88 -15.43 13.61
C11 P6G M . -42.81 -14.39 12.63
C12 P6G M . -42.74 -15.02 11.24
O13 P6G M . -41.38 -15.22 10.87
C14 P6G M . -41.23 -15.85 9.61
C15 P6G M . -39.76 -16.10 9.31
O16 P6G M . -39.31 -17.26 9.99
C17 P6G M . -37.91 -17.24 10.27
C18 P6G M . -37.50 -18.53 10.98
O19 P6G M . -38.02 -18.55 12.31
FE FE N . -23.29 14.51 -0.34
MN MN O . -23.14 15.87 2.52
#